data_7HLC
# 
_entry.id   7HLC 
# 
_audit_conform.dict_name       mmcif_pdbx.dic 
_audit_conform.dict_version    5.399 
_audit_conform.dict_location   http://mmcif.pdb.org/dictionaries/ascii/mmcif_pdbx.dic 
# 
loop_
_database_2.database_id 
_database_2.database_code 
_database_2.pdbx_database_accession 
_database_2.pdbx_DOI 
PDB   7HLC         pdb_00007hlc 10.2210/pdb7hlc/pdb 
WWPDB D_1001407618 ?            ?                   
# 
_pdbx_audit_revision_history.ordinal             1 
_pdbx_audit_revision_history.data_content_type   'Structure model' 
_pdbx_audit_revision_history.major_revision      1 
_pdbx_audit_revision_history.minor_revision      0 
_pdbx_audit_revision_history.revision_date       2024-11-27 
# 
_pdbx_audit_revision_details.ordinal             1 
_pdbx_audit_revision_details.revision_ordinal    1 
_pdbx_audit_revision_details.data_content_type   'Structure model' 
_pdbx_audit_revision_details.provider            repository 
_pdbx_audit_revision_details.type                'Initial release' 
_pdbx_audit_revision_details.description         ? 
_pdbx_audit_revision_details.details             ? 
# 
_pdbx_database_status.entry_id                        7HLC 
_pdbx_database_status.status_code                     REL 
_pdbx_database_status.status_code_sf                  REL 
_pdbx_database_status.status_code_mr                  ? 
_pdbx_database_status.status_code_cs                  ? 
_pdbx_database_status.recvd_initial_deposition_date   2024-11-04 
_pdbx_database_status.status_code_nmr_data            ? 
_pdbx_database_status.deposit_site                    RCSB 
_pdbx_database_status.process_site                    RCSB 
_pdbx_database_status.SG_entry                        ? 
_pdbx_database_status.pdb_format_compatible           Y 
_pdbx_database_status.methods_development_category    ? 
# 
_pdbx_contact_author.id                 1 
_pdbx_contact_author.email              knapp@pharmchem.uni-frankfurt.de 
_pdbx_contact_author.name_first         Stefan 
_pdbx_contact_author.name_last          Knapp 
_pdbx_contact_author.role               'principal investigator/group leader' 
_pdbx_contact_author.identifier_ORCID   0000-0001-5995-6494 
_pdbx_contact_author.name_mi            ? 
# 
loop_
_audit_author.name 
_audit_author.pdbx_ordinal 
'Kim, Y.'                              1 
'Marples, P.'                          2 
'Fearon, D.'                           3 
'von Delft, F.'                        4 
'Knapp, S.'                            5 
'Kraemer, A.'                          6 
'Structural Genomics Consortium (SGC)' 7 
# 
_citation.id                        primary 
_citation.title                     'PanDDA analysis group deposition' 
_citation.journal_abbrev            'To Be Published' 
_citation.journal_volume            ? 
_citation.page_first                ? 
_citation.page_last                 ? 
_citation.year                      ? 
_citation.journal_id_ASTM           ? 
_citation.country                   ? 
_citation.journal_id_ISSN           ? 
_citation.journal_id_CSD            0353 
_citation.book_publisher            ? 
_citation.pdbx_database_id_PubMed   ? 
_citation.pdbx_database_id_DOI      ? 
# 
loop_
_citation_author.citation_id 
_citation_author.name 
_citation_author.identifier_ORCID 
_citation_author.ordinal 
primary 'Kim, Y.'                              ? 1 
primary 'Marples, P.'                          ? 2 
primary 'Fearon, D.'                           ? 3 
primary 'von Delft, F.'                        ? 4 
primary 'Knapp, S.'                            ? 5 
primary 'Kraemer, A.'                          ? 6 
primary 'Structural Genomics Consortium (SGC)' ? 7 
# 
loop_
_entity.id 
_entity.type 
_entity.src_method 
_entity.pdbx_description 
_entity.formula_weight 
_entity.pdbx_number_of_molecules 
_entity.pdbx_ec 
_entity.pdbx_mutation 
_entity.pdbx_fragment 
_entity.details 
1 polymer     man 'E3 ubiquitin-protein ligase TRIM21'                               21596.361 1   2.3.2.27 ? ? ? 
2 non-polymer syn 1,2-ETHANEDIOL                                                     62.068    2   ?        ? ? ? 
3 non-polymer syn '6-methyl-2-[(3-methyl-1,2-oxazol-5-yl)methyl]pyridazin-3(2H)-one' 205.213   1   ?        ? ? ? 
4 non-polymer syn 'SULFATE ION'                                                      96.063    1   ?        ? ? ? 
5 water       nat water                                                              18.015    140 ?        ? ? ? 
# 
_entity_name_com.entity_id   1 
_entity_name_com.name        
;52 kDa Ro protein,52 kDa ribonucleoprotein autoantigen Ro/SS-A,Ro(SS-A),Sjoegren syndrome type A antigen,SS-A,Tripartite motif-containing protein 21
;
# 
_entity_poly.entity_id                      1 
_entity_poly.type                           'polypeptide(L)' 
_entity_poly.nstd_linkage                   no 
_entity_poly.nstd_monomer                   no 
_entity_poly.pdbx_seq_one_letter_code       
;MHHHHHHMVHITLDRNTANSWLIISKDRRQVRMGDTHQNVSDNKERFSNYPMVLGAQRFSSGKMYWEVDVTQKEAWDLGV
CRDSVQRKGQFSLSPENGFWTIWLWQDSYEAGTSPQTTLHIQVPPCQIGIFVDYEAGVVSFYNITDHGSLIYTFSECVFA
GPLRPFFNVGFNYSGGNAAPLKLCPLKM
;
_entity_poly.pdbx_seq_one_letter_code_can   
;MHHHHHHMVHITLDRNTANSWLIISKDRRQVRMGDTHQNVSDNKERFSNYPMVLGAQRFSSGKMYWEVDVTQKEAWDLGV
CRDSVQRKGQFSLSPENGFWTIWLWQDSYEAGTSPQTTLHIQVPPCQIGIFVDYEAGVVSFYNITDHGSLIYTFSECVFA
GPLRPFFNVGFNYSGGNAAPLKLCPLKM
;
_entity_poly.pdbx_strand_id                 B 
_entity_poly.pdbx_target_identifier         ? 
# 
loop_
_pdbx_entity_nonpoly.entity_id 
_pdbx_entity_nonpoly.name 
_pdbx_entity_nonpoly.comp_id 
2 1,2-ETHANEDIOL                                                     EDO 
3 '6-methyl-2-[(3-methyl-1,2-oxazol-5-yl)methyl]pyridazin-3(2H)-one' UWS 
4 'SULFATE ION'                                                      SO4 
5 water                                                              HOH 
# 
loop_
_entity_poly_seq.entity_id 
_entity_poly_seq.num 
_entity_poly_seq.mon_id 
_entity_poly_seq.hetero 
1 1   MET n 
1 2   HIS n 
1 3   HIS n 
1 4   HIS n 
1 5   HIS n 
1 6   HIS n 
1 7   HIS n 
1 8   MET n 
1 9   VAL n 
1 10  HIS n 
1 11  ILE n 
1 12  THR n 
1 13  LEU n 
1 14  ASP n 
1 15  ARG n 
1 16  ASN n 
1 17  THR n 
1 18  ALA n 
1 19  ASN n 
1 20  SER n 
1 21  TRP n 
1 22  LEU n 
1 23  ILE n 
1 24  ILE n 
1 25  SER n 
1 26  LYS n 
1 27  ASP n 
1 28  ARG n 
1 29  ARG n 
1 30  GLN n 
1 31  VAL n 
1 32  ARG n 
1 33  MET n 
1 34  GLY n 
1 35  ASP n 
1 36  THR n 
1 37  HIS n 
1 38  GLN n 
1 39  ASN n 
1 40  VAL n 
1 41  SER n 
1 42  ASP n 
1 43  ASN n 
1 44  LYS n 
1 45  GLU n 
1 46  ARG n 
1 47  PHE n 
1 48  SER n 
1 49  ASN n 
1 50  TYR n 
1 51  PRO n 
1 52  MET n 
1 53  VAL n 
1 54  LEU n 
1 55  GLY n 
1 56  ALA n 
1 57  GLN n 
1 58  ARG n 
1 59  PHE n 
1 60  SER n 
1 61  SER n 
1 62  GLY n 
1 63  LYS n 
1 64  MET n 
1 65  TYR n 
1 66  TRP n 
1 67  GLU n 
1 68  VAL n 
1 69  ASP n 
1 70  VAL n 
1 71  THR n 
1 72  GLN n 
1 73  LYS n 
1 74  GLU n 
1 75  ALA n 
1 76  TRP n 
1 77  ASP n 
1 78  LEU n 
1 79  GLY n 
1 80  VAL n 
1 81  CYS n 
1 82  ARG n 
1 83  ASP n 
1 84  SER n 
1 85  VAL n 
1 86  GLN n 
1 87  ARG n 
1 88  LYS n 
1 89  GLY n 
1 90  GLN n 
1 91  PHE n 
1 92  SER n 
1 93  LEU n 
1 94  SER n 
1 95  PRO n 
1 96  GLU n 
1 97  ASN n 
1 98  GLY n 
1 99  PHE n 
1 100 TRP n 
1 101 THR n 
1 102 ILE n 
1 103 TRP n 
1 104 LEU n 
1 105 TRP n 
1 106 GLN n 
1 107 ASP n 
1 108 SER n 
1 109 TYR n 
1 110 GLU n 
1 111 ALA n 
1 112 GLY n 
1 113 THR n 
1 114 SER n 
1 115 PRO n 
1 116 GLN n 
1 117 THR n 
1 118 THR n 
1 119 LEU n 
1 120 HIS n 
1 121 ILE n 
1 122 GLN n 
1 123 VAL n 
1 124 PRO n 
1 125 PRO n 
1 126 CYS n 
1 127 GLN n 
1 128 ILE n 
1 129 GLY n 
1 130 ILE n 
1 131 PHE n 
1 132 VAL n 
1 133 ASP n 
1 134 TYR n 
1 135 GLU n 
1 136 ALA n 
1 137 GLY n 
1 138 VAL n 
1 139 VAL n 
1 140 SER n 
1 141 PHE n 
1 142 TYR n 
1 143 ASN n 
1 144 ILE n 
1 145 THR n 
1 146 ASP n 
1 147 HIS n 
1 148 GLY n 
1 149 SER n 
1 150 LEU n 
1 151 ILE n 
1 152 TYR n 
1 153 THR n 
1 154 PHE n 
1 155 SER n 
1 156 GLU n 
1 157 CYS n 
1 158 VAL n 
1 159 PHE n 
1 160 ALA n 
1 161 GLY n 
1 162 PRO n 
1 163 LEU n 
1 164 ARG n 
1 165 PRO n 
1 166 PHE n 
1 167 PHE n 
1 168 ASN n 
1 169 VAL n 
1 170 GLY n 
1 171 PHE n 
1 172 ASN n 
1 173 TYR n 
1 174 SER n 
1 175 GLY n 
1 176 GLY n 
1 177 ASN n 
1 178 ALA n 
1 179 ALA n 
1 180 PRO n 
1 181 LEU n 
1 182 LYS n 
1 183 LEU n 
1 184 CYS n 
1 185 PRO n 
1 186 LEU n 
1 187 LYS n 
1 188 MET n 
# 
_entity_src_gen.entity_id                          1 
_entity_src_gen.pdbx_src_id                        1 
_entity_src_gen.pdbx_alt_source_flag               sample 
_entity_src_gen.pdbx_seq_type                      'Biological sequence' 
_entity_src_gen.pdbx_beg_seq_num                   1 
_entity_src_gen.pdbx_end_seq_num                   188 
_entity_src_gen.gene_src_common_name               'house mouse' 
_entity_src_gen.gene_src_genus                     ? 
_entity_src_gen.pdbx_gene_src_gene                 'Trim21, Ro52, Ssa1' 
_entity_src_gen.gene_src_species                   ? 
_entity_src_gen.gene_src_strain                    ? 
_entity_src_gen.gene_src_tissue                    ? 
_entity_src_gen.gene_src_tissue_fraction           ? 
_entity_src_gen.gene_src_details                   ? 
_entity_src_gen.pdbx_gene_src_fragment             ? 
_entity_src_gen.pdbx_gene_src_scientific_name      'Mus musculus' 
_entity_src_gen.pdbx_gene_src_ncbi_taxonomy_id     10090 
_entity_src_gen.pdbx_gene_src_variant              ? 
_entity_src_gen.pdbx_gene_src_cell_line            ? 
_entity_src_gen.pdbx_gene_src_atcc                 ? 
_entity_src_gen.pdbx_gene_src_organ                ? 
_entity_src_gen.pdbx_gene_src_organelle            ? 
_entity_src_gen.pdbx_gene_src_cell                 ? 
_entity_src_gen.pdbx_gene_src_cellular_location    ? 
_entity_src_gen.host_org_common_name               ? 
_entity_src_gen.pdbx_host_org_scientific_name      'Escherichia coli' 
_entity_src_gen.pdbx_host_org_ncbi_taxonomy_id     562 
_entity_src_gen.host_org_genus                     ? 
_entity_src_gen.pdbx_host_org_gene                 ? 
_entity_src_gen.pdbx_host_org_organ                ? 
_entity_src_gen.host_org_species                   ? 
_entity_src_gen.pdbx_host_org_tissue               ? 
_entity_src_gen.pdbx_host_org_tissue_fraction      ? 
_entity_src_gen.pdbx_host_org_strain               ? 
_entity_src_gen.pdbx_host_org_variant              ? 
_entity_src_gen.pdbx_host_org_cell_line            ? 
_entity_src_gen.pdbx_host_org_atcc                 ? 
_entity_src_gen.pdbx_host_org_culture_collection   ? 
_entity_src_gen.pdbx_host_org_cell                 ? 
_entity_src_gen.pdbx_host_org_organelle            ? 
_entity_src_gen.pdbx_host_org_cellular_location    ? 
_entity_src_gen.pdbx_host_org_vector_type          ? 
_entity_src_gen.pdbx_host_org_vector               ? 
_entity_src_gen.host_org_details                   ? 
_entity_src_gen.expression_system_id               ? 
_entity_src_gen.plasmid_name                       ? 
_entity_src_gen.plasmid_details                    ? 
_entity_src_gen.pdbx_description                   ? 
# 
loop_
_chem_comp.id 
_chem_comp.type 
_chem_comp.mon_nstd_flag 
_chem_comp.name 
_chem_comp.pdbx_synonyms 
_chem_comp.formula 
_chem_comp.formula_weight 
ALA 'L-peptide linking' y ALANINE                                                            ?                 'C3 H7 N O2'     
89.093  
ARG 'L-peptide linking' y ARGININE                                                           ?                 'C6 H15 N4 O2 1' 
175.209 
ASN 'L-peptide linking' y ASPARAGINE                                                         ?                 'C4 H8 N2 O3'    
132.118 
ASP 'L-peptide linking' y 'ASPARTIC ACID'                                                    ?                 'C4 H7 N O4'     
133.103 
CYS 'L-peptide linking' y CYSTEINE                                                           ?                 'C3 H7 N O2 S'   
121.158 
EDO non-polymer         . 1,2-ETHANEDIOL                                                     'ETHYLENE GLYCOL' 'C2 H6 O2'       
62.068  
GLN 'L-peptide linking' y GLUTAMINE                                                          ?                 'C5 H10 N2 O3'   
146.144 
GLU 'L-peptide linking' y 'GLUTAMIC ACID'                                                    ?                 'C5 H9 N O4'     
147.129 
GLY 'peptide linking'   y GLYCINE                                                            ?                 'C2 H5 N O2'     
75.067  
HIS 'L-peptide linking' y HISTIDINE                                                          ?                 'C6 H10 N3 O2 1' 
156.162 
HOH non-polymer         . WATER                                                              ?                 'H2 O'           
18.015  
ILE 'L-peptide linking' y ISOLEUCINE                                                         ?                 'C6 H13 N O2'    
131.173 
LEU 'L-peptide linking' y LEUCINE                                                            ?                 'C6 H13 N O2'    
131.173 
LYS 'L-peptide linking' y LYSINE                                                             ?                 'C6 H15 N2 O2 1' 
147.195 
MET 'L-peptide linking' y METHIONINE                                                         ?                 'C5 H11 N O2 S'  
149.211 
PHE 'L-peptide linking' y PHENYLALANINE                                                      ?                 'C9 H11 N O2'    
165.189 
PRO 'L-peptide linking' y PROLINE                                                            ?                 'C5 H9 N O2'     
115.130 
SER 'L-peptide linking' y SERINE                                                             ?                 'C3 H7 N O3'     
105.093 
SO4 non-polymer         . 'SULFATE ION'                                                      ?                 'O4 S -2'        
96.063  
THR 'L-peptide linking' y THREONINE                                                          ?                 'C4 H9 N O3'     
119.119 
TRP 'L-peptide linking' y TRYPTOPHAN                                                         ?                 'C11 H12 N2 O2'  
204.225 
TYR 'L-peptide linking' y TYROSINE                                                           ?                 'C9 H11 N O3'    
181.189 
UWS non-polymer         . '6-methyl-2-[(3-methyl-1,2-oxazol-5-yl)methyl]pyridazin-3(2H)-one' ?                 'C10 H11 N3 O2'  
205.213 
VAL 'L-peptide linking' y VALINE                                                             ?                 'C5 H11 N O2'    
117.146 
# 
loop_
_pdbx_poly_seq_scheme.asym_id 
_pdbx_poly_seq_scheme.entity_id 
_pdbx_poly_seq_scheme.seq_id 
_pdbx_poly_seq_scheme.mon_id 
_pdbx_poly_seq_scheme.ndb_seq_num 
_pdbx_poly_seq_scheme.pdb_seq_num 
_pdbx_poly_seq_scheme.auth_seq_num 
_pdbx_poly_seq_scheme.pdb_mon_id 
_pdbx_poly_seq_scheme.auth_mon_id 
_pdbx_poly_seq_scheme.pdb_strand_id 
_pdbx_poly_seq_scheme.pdb_ins_code 
_pdbx_poly_seq_scheme.hetero 
A 1 1   MET 1   7   ?   ?   ?   B . n 
A 1 2   HIS 2   8   8   HIS HIS B . n 
A 1 3   HIS 3   9   9   HIS HIS B . n 
A 1 4   HIS 4   10  10  HIS HIS B . n 
A 1 5   HIS 5   11  11  HIS HIS B . n 
A 1 6   HIS 6   12  12  HIS HIS B . n 
A 1 7   HIS 7   13  13  HIS HIS B . n 
A 1 8   MET 8   14  14  MET MET B . n 
A 1 9   VAL 9   15  15  VAL VAL B . n 
A 1 10  HIS 10  16  16  HIS HIS B . n 
A 1 11  ILE 11  17  17  ILE ILE B . n 
A 1 12  THR 12  18  18  THR THR B . n 
A 1 13  LEU 13  19  19  LEU LEU B . n 
A 1 14  ASP 14  20  20  ASP ASP B . n 
A 1 15  ARG 15  21  21  ARG ARG B . n 
A 1 16  ASN 16  22  22  ASN ASN B . n 
A 1 17  THR 17  23  23  THR THR B . n 
A 1 18  ALA 18  24  24  ALA ALA B . n 
A 1 19  ASN 19  25  25  ASN ASN B . n 
A 1 20  SER 20  26  26  SER SER B . n 
A 1 21  TRP 21  27  27  TRP TRP B . n 
A 1 22  LEU 22  28  28  LEU LEU B . n 
A 1 23  ILE 23  29  29  ILE ILE B . n 
A 1 24  ILE 24  30  30  ILE ILE B . n 
A 1 25  SER 25  31  31  SER SER B . n 
A 1 26  LYS 26  32  32  LYS LYS B . n 
A 1 27  ASP 27  33  33  ASP ASP B . n 
A 1 28  ARG 28  34  34  ARG ARG B . n 
A 1 29  ARG 29  35  35  ARG ARG B . n 
A 1 30  GLN 30  36  36  GLN GLN B . n 
A 1 31  VAL 31  37  37  VAL VAL B . n 
A 1 32  ARG 32  38  38  ARG ARG B . n 
A 1 33  MET 33  39  39  MET MET B . n 
A 1 34  GLY 34  40  40  GLY GLY B . n 
A 1 35  ASP 35  41  41  ASP ASP B . n 
A 1 36  THR 36  42  42  THR THR B . n 
A 1 37  HIS 37  43  43  HIS HIS B . n 
A 1 38  GLN 38  44  44  GLN GLN B . n 
A 1 39  ASN 39  45  45  ASN ASN B . n 
A 1 40  VAL 40  46  46  VAL VAL B . n 
A 1 41  SER 41  47  47  SER SER B . n 
A 1 42  ASP 42  48  48  ASP ASP B . n 
A 1 43  ASN 43  49  49  ASN ASN B . n 
A 1 44  LYS 44  50  50  LYS LYS B . n 
A 1 45  GLU 45  51  51  GLU GLU B . n 
A 1 46  ARG 46  52  52  ARG ARG B . n 
A 1 47  PHE 47  53  53  PHE PHE B . n 
A 1 48  SER 48  54  54  SER SER B . n 
A 1 49  ASN 49  55  55  ASN ASN B . n 
A 1 50  TYR 50  56  56  TYR TYR B . n 
A 1 51  PRO 51  57  57  PRO PRO B . n 
A 1 52  MET 52  58  58  MET MET B . n 
A 1 53  VAL 53  59  59  VAL VAL B . n 
A 1 54  LEU 54  60  60  LEU LEU B . n 
A 1 55  GLY 55  61  61  GLY GLY B . n 
A 1 56  ALA 56  62  62  ALA ALA B . n 
A 1 57  GLN 57  63  63  GLN GLN B . n 
A 1 58  ARG 58  64  64  ARG ARG B . n 
A 1 59  PHE 59  65  65  PHE PHE B . n 
A 1 60  SER 60  66  66  SER SER B . n 
A 1 61  SER 61  67  67  SER SER B . n 
A 1 62  GLY 62  68  68  GLY GLY B . n 
A 1 63  LYS 63  69  69  LYS LYS B . n 
A 1 64  MET 64  70  70  MET MET B . n 
A 1 65  TYR 65  71  71  TYR TYR B . n 
A 1 66  TRP 66  72  72  TRP TRP B . n 
A 1 67  GLU 67  73  73  GLU GLU B . n 
A 1 68  VAL 68  74  74  VAL VAL B . n 
A 1 69  ASP 69  75  75  ASP ASP B . n 
A 1 70  VAL 70  76  76  VAL VAL B . n 
A 1 71  THR 71  77  77  THR THR B . n 
A 1 72  GLN 72  78  78  GLN GLN B . n 
A 1 73  LYS 73  79  79  LYS LYS B . n 
A 1 74  GLU 74  80  80  GLU GLU B . n 
A 1 75  ALA 75  81  81  ALA ALA B . n 
A 1 76  TRP 76  82  82  TRP TRP B . n 
A 1 77  ASP 77  83  83  ASP ASP B . n 
A 1 78  LEU 78  84  84  LEU LEU B . n 
A 1 79  GLY 79  85  85  GLY GLY B . n 
A 1 80  VAL 80  86  86  VAL VAL B . n 
A 1 81  CYS 81  87  87  CYS CYS B . n 
A 1 82  ARG 82  88  88  ARG ARG B . n 
A 1 83  ASP 83  89  89  ASP ASP B . n 
A 1 84  SER 84  90  90  SER SER B . n 
A 1 85  VAL 85  91  91  VAL VAL B . n 
A 1 86  GLN 86  92  92  GLN GLN B . n 
A 1 87  ARG 87  93  93  ARG ARG B . n 
A 1 88  LYS 88  94  94  LYS LYS B . n 
A 1 89  GLY 89  95  95  GLY GLY B . n 
A 1 90  GLN 90  96  96  GLN GLN B . n 
A 1 91  PHE 91  97  97  PHE PHE B . n 
A 1 92  SER 92  98  98  SER SER B . n 
A 1 93  LEU 93  99  99  LEU LEU B . n 
A 1 94  SER 94  100 100 SER SER B . n 
A 1 95  PRO 95  101 101 PRO PRO B . n 
A 1 96  GLU 96  102 102 GLU GLU B . n 
A 1 97  ASN 97  103 103 ASN ASN B . n 
A 1 98  GLY 98  104 104 GLY GLY B . n 
A 1 99  PHE 99  105 105 PHE PHE B . n 
A 1 100 TRP 100 106 106 TRP TRP B . n 
A 1 101 THR 101 107 107 THR THR B . n 
A 1 102 ILE 102 108 108 ILE ILE B . n 
A 1 103 TRP 103 109 109 TRP TRP B . n 
A 1 104 LEU 104 110 110 LEU LEU B . n 
A 1 105 TRP 105 111 111 TRP TRP B . n 
A 1 106 GLN 106 112 112 GLN GLN B . n 
A 1 107 ASP 107 113 113 ASP ASP B . n 
A 1 108 SER 108 114 114 SER SER B . n 
A 1 109 TYR 109 115 115 TYR TYR B . n 
A 1 110 GLU 110 116 116 GLU GLU B . n 
A 1 111 ALA 111 117 117 ALA ALA B . n 
A 1 112 GLY 112 118 118 GLY GLY B . n 
A 1 113 THR 113 119 119 THR THR B . n 
A 1 114 SER 114 120 120 SER SER B . n 
A 1 115 PRO 115 121 121 PRO PRO B . n 
A 1 116 GLN 116 122 122 GLN GLN B . n 
A 1 117 THR 117 123 123 THR THR B . n 
A 1 118 THR 118 124 124 THR THR B . n 
A 1 119 LEU 119 125 125 LEU LEU B . n 
A 1 120 HIS 120 126 126 HIS HIS B . n 
A 1 121 ILE 121 127 127 ILE ILE B . n 
A 1 122 GLN 122 128 128 GLN GLN B . n 
A 1 123 VAL 123 129 129 VAL VAL B . n 
A 1 124 PRO 124 130 130 PRO PRO B . n 
A 1 125 PRO 125 131 131 PRO PRO B . n 
A 1 126 CYS 126 132 132 CYS CYS B . n 
A 1 127 GLN 127 133 133 GLN GLN B . n 
A 1 128 ILE 128 134 134 ILE ILE B . n 
A 1 129 GLY 129 135 135 GLY GLY B . n 
A 1 130 ILE 130 136 136 ILE ILE B . n 
A 1 131 PHE 131 137 137 PHE PHE B . n 
A 1 132 VAL 132 138 138 VAL VAL B . n 
A 1 133 ASP 133 139 139 ASP ASP B . n 
A 1 134 TYR 134 140 140 TYR TYR B . n 
A 1 135 GLU 135 141 141 GLU GLU B . n 
A 1 136 ALA 136 142 142 ALA ALA B . n 
A 1 137 GLY 137 143 143 GLY GLY B . n 
A 1 138 VAL 138 144 144 VAL VAL B . n 
A 1 139 VAL 139 145 145 VAL VAL B . n 
A 1 140 SER 140 146 146 SER SER B . n 
A 1 141 PHE 141 147 147 PHE PHE B . n 
A 1 142 TYR 142 148 148 TYR TYR B . n 
A 1 143 ASN 143 149 149 ASN ASN B . n 
A 1 144 ILE 144 150 150 ILE ILE B . n 
A 1 145 THR 145 151 151 THR THR B . n 
A 1 146 ASP 146 152 152 ASP ASP B . n 
A 1 147 HIS 147 153 153 HIS HIS B . n 
A 1 148 GLY 148 154 154 GLY GLY B . n 
A 1 149 SER 149 155 155 SER SER B . n 
A 1 150 LEU 150 156 156 LEU LEU B . n 
A 1 151 ILE 151 157 157 ILE ILE B . n 
A 1 152 TYR 152 158 158 TYR TYR B . n 
A 1 153 THR 153 159 159 THR THR B . n 
A 1 154 PHE 154 160 160 PHE PHE B . n 
A 1 155 SER 155 161 161 SER SER B . n 
A 1 156 GLU 156 162 162 GLU GLU B . n 
A 1 157 CYS 157 163 163 CYS CYS B . n 
A 1 158 VAL 158 164 164 VAL VAL B . n 
A 1 159 PHE 159 165 165 PHE PHE B . n 
A 1 160 ALA 160 166 166 ALA ALA B . n 
A 1 161 GLY 161 167 167 GLY GLY B . n 
A 1 162 PRO 162 168 168 PRO PRO B . n 
A 1 163 LEU 163 169 169 LEU LEU B . n 
A 1 164 ARG 164 170 170 ARG ARG B . n 
A 1 165 PRO 165 171 171 PRO PRO B . n 
A 1 166 PHE 166 172 172 PHE PHE B . n 
A 1 167 PHE 167 173 173 PHE PHE B . n 
A 1 168 ASN 168 174 174 ASN ASN B . n 
A 1 169 VAL 169 175 175 VAL VAL B . n 
A 1 170 GLY 170 176 176 GLY GLY B . n 
A 1 171 PHE 171 177 177 PHE PHE B . n 
A 1 172 ASN 172 178 178 ASN ASN B . n 
A 1 173 TYR 173 179 179 TYR TYR B . n 
A 1 174 SER 174 180 180 SER SER B . n 
A 1 175 GLY 175 181 181 GLY GLY B . n 
A 1 176 GLY 176 182 182 GLY GLY B . n 
A 1 177 ASN 177 183 183 ASN ASN B . n 
A 1 178 ALA 178 184 184 ALA ALA B . n 
A 1 179 ALA 179 185 185 ALA ALA B . n 
A 1 180 PRO 180 186 186 PRO PRO B . n 
A 1 181 LEU 181 187 187 LEU LEU B . n 
A 1 182 LYS 182 188 188 LYS LYS B . n 
A 1 183 LEU 183 189 189 LEU LEU B . n 
A 1 184 CYS 184 190 190 CYS CYS B . n 
A 1 185 PRO 185 191 191 PRO PRO B . n 
A 1 186 LEU 186 192 192 LEU LEU B . n 
A 1 187 LYS 187 193 ?   ?   ?   B . n 
A 1 188 MET 188 194 ?   ?   ?   B . n 
# 
_pdbx_entity_instance_feature.ordinal        1 
_pdbx_entity_instance_feature.comp_id        UWS 
_pdbx_entity_instance_feature.asym_id        ? 
_pdbx_entity_instance_feature.seq_num        ? 
_pdbx_entity_instance_feature.auth_comp_id   UWS 
_pdbx_entity_instance_feature.auth_asym_id   ? 
_pdbx_entity_instance_feature.auth_seq_num   ? 
_pdbx_entity_instance_feature.feature_type   'SUBJECT OF INVESTIGATION' 
_pdbx_entity_instance_feature.details        ? 
# 
loop_
_pdbx_nonpoly_scheme.asym_id 
_pdbx_nonpoly_scheme.entity_id 
_pdbx_nonpoly_scheme.mon_id 
_pdbx_nonpoly_scheme.ndb_seq_num 
_pdbx_nonpoly_scheme.pdb_seq_num 
_pdbx_nonpoly_scheme.auth_seq_num 
_pdbx_nonpoly_scheme.pdb_mon_id 
_pdbx_nonpoly_scheme.auth_mon_id 
_pdbx_nonpoly_scheme.pdb_strand_id 
_pdbx_nonpoly_scheme.pdb_ins_code 
B 2 EDO 1   201 202 EDO EDO B . 
C 3 UWS 1   202 302 UWS LIG B . 
D 2 EDO 1   203 305 EDO EDO B . 
E 4 SO4 1   204 1   SO4 SO4 B . 
F 5 HOH 1   301 12  HOH HOH B . 
F 5 HOH 2   302 2   HOH HOH B . 
F 5 HOH 3   303 129 HOH HOH B . 
F 5 HOH 4   304 1   HOH HOH B . 
F 5 HOH 5   305 80  HOH HOH B . 
F 5 HOH 6   306 16  HOH HOH B . 
F 5 HOH 7   307 100 HOH HOH B . 
F 5 HOH 8   308 267 HOH HOH B . 
F 5 HOH 9   309 27  HOH HOH B . 
F 5 HOH 10  310 81  HOH HOH B . 
F 5 HOH 11  311 25  HOH HOH B . 
F 5 HOH 12  312 90  HOH HOH B . 
F 5 HOH 13  313 51  HOH HOH B . 
F 5 HOH 14  314 31  HOH HOH B . 
F 5 HOH 15  315 63  HOH HOH B . 
F 5 HOH 16  316 16  HOH HOH B . 
F 5 HOH 17  317 95  HOH HOH B . 
F 5 HOH 18  318 33  HOH HOH B . 
F 5 HOH 19  319 9   HOH HOH B . 
F 5 HOH 20  320 211 HOH HOH B . 
F 5 HOH 21  321 197 HOH HOH B . 
F 5 HOH 22  322 11  HOH HOH B . 
F 5 HOH 23  323 68  HOH HOH B . 
F 5 HOH 24  324 72  HOH HOH B . 
F 5 HOH 25  325 34  HOH HOH B . 
F 5 HOH 26  326 21  HOH HOH B . 
F 5 HOH 27  327 40  HOH HOH B . 
F 5 HOH 28  328 66  HOH HOH B . 
F 5 HOH 29  329 102 HOH HOH B . 
F 5 HOH 30  330 26  HOH HOH B . 
F 5 HOH 31  331 55  HOH HOH B . 
F 5 HOH 32  332 86  HOH HOH B . 
F 5 HOH 33  333 39  HOH HOH B . 
F 5 HOH 34  334 43  HOH HOH B . 
F 5 HOH 35  335 89  HOH HOH B . 
F 5 HOH 36  336 20  HOH HOH B . 
F 5 HOH 37  337 19  HOH HOH B . 
F 5 HOH 38  338 2   HOH HOH B . 
F 5 HOH 39  339 18  HOH HOH B . 
F 5 HOH 40  340 22  HOH HOH B . 
F 5 HOH 41  341 76  HOH HOH B . 
F 5 HOH 42  342 73  HOH HOH B . 
F 5 HOH 43  343 7   HOH HOH B . 
F 5 HOH 44  344 15  HOH HOH B . 
F 5 HOH 45  345 59  HOH HOH B . 
F 5 HOH 46  346 85  HOH HOH B . 
F 5 HOH 47  347 58  HOH HOH B . 
F 5 HOH 48  348 5   HOH HOH B . 
F 5 HOH 49  349 126 HOH HOH B . 
F 5 HOH 50  350 27  HOH HOH B . 
F 5 HOH 51  351 11  HOH HOH B . 
F 5 HOH 52  352 140 HOH HOH B . 
F 5 HOH 53  353 62  HOH HOH B . 
F 5 HOH 54  354 26  HOH HOH B . 
F 5 HOH 55  355 70  HOH HOH B . 
F 5 HOH 56  356 36  HOH HOH B . 
F 5 HOH 57  357 29  HOH HOH B . 
F 5 HOH 58  358 50  HOH HOH B . 
F 5 HOH 59  359 32  HOH HOH B . 
F 5 HOH 60  360 71  HOH HOH B . 
F 5 HOH 61  361 47  HOH HOH B . 
F 5 HOH 62  362 264 HOH HOH B . 
F 5 HOH 63  363 60  HOH HOH B . 
F 5 HOH 64  364 10  HOH HOH B . 
F 5 HOH 65  365 1   HOH HOH B . 
F 5 HOH 66  366 6   HOH HOH B . 
F 5 HOH 67  367 157 HOH HOH B . 
F 5 HOH 68  368 10  HOH HOH B . 
F 5 HOH 69  369 14  HOH HOH B . 
F 5 HOH 70  370 304 HOH HOH B . 
F 5 HOH 71  371 172 HOH HOH B . 
F 5 HOH 72  372 116 HOH HOH B . 
F 5 HOH 73  373 33  HOH HOH B . 
F 5 HOH 74  374 281 HOH HOH B . 
F 5 HOH 75  375 82  HOH HOH B . 
F 5 HOH 76  376 61  HOH HOH B . 
F 5 HOH 77  377 3   HOH HOH B . 
F 5 HOH 78  378 303 HOH HOH B . 
F 5 HOH 79  379 46  HOH HOH B . 
F 5 HOH 80  380 24  HOH HOH B . 
F 5 HOH 81  381 64  HOH HOH B . 
F 5 HOH 82  382 12  HOH HOH B . 
F 5 HOH 83  383 4   HOH HOH B . 
F 5 HOH 84  384 8   HOH HOH B . 
F 5 HOH 85  385 28  HOH HOH B . 
F 5 HOH 86  386 30  HOH HOH B . 
F 5 HOH 87  387 3   HOH HOH B . 
F 5 HOH 88  388 42  HOH HOH B . 
F 5 HOH 89  389 8   HOH HOH B . 
F 5 HOH 90  390 23  HOH HOH B . 
F 5 HOH 91  391 56  HOH HOH B . 
F 5 HOH 92  392 13  HOH HOH B . 
F 5 HOH 93  393 44  HOH HOH B . 
F 5 HOH 94  394 214 HOH HOH B . 
F 5 HOH 95  395 25  HOH HOH B . 
F 5 HOH 96  396 97  HOH HOH B . 
F 5 HOH 97  397 112 HOH HOH B . 
F 5 HOH 98  398 49  HOH HOH B . 
F 5 HOH 99  399 45  HOH HOH B . 
F 5 HOH 100 400 48  HOH HOH B . 
F 5 HOH 101 401 7   HOH HOH B . 
F 5 HOH 102 402 54  HOH HOH B . 
F 5 HOH 103 403 137 HOH HOH B . 
F 5 HOH 104 404 18  HOH HOH B . 
F 5 HOH 105 405 15  HOH HOH B . 
F 5 HOH 106 406 53  HOH HOH B . 
F 5 HOH 107 407 38  HOH HOH B . 
F 5 HOH 108 408 57  HOH HOH B . 
F 5 HOH 109 409 120 HOH HOH B . 
F 5 HOH 110 410 93  HOH HOH B . 
F 5 HOH 111 411 19  HOH HOH B . 
F 5 HOH 112 412 125 HOH HOH B . 
F 5 HOH 113 413 22  HOH HOH B . 
F 5 HOH 114 414 5   HOH HOH B . 
F 5 HOH 115 415 41  HOH HOH B . 
F 5 HOH 116 416 69  HOH HOH B . 
F 5 HOH 117 417 115 HOH HOH B . 
F 5 HOH 118 418 257 HOH HOH B . 
F 5 HOH 119 419 103 HOH HOH B . 
F 5 HOH 120 420 20  HOH HOH B . 
F 5 HOH 121 421 30  HOH HOH B . 
F 5 HOH 122 422 154 HOH HOH B . 
F 5 HOH 123 423 114 HOH HOH B . 
F 5 HOH 124 424 156 HOH HOH B . 
F 5 HOH 125 425 133 HOH HOH B . 
F 5 HOH 126 426 263 HOH HOH B . 
F 5 HOH 127 427 266 HOH HOH B . 
F 5 HOH 128 428 31  HOH HOH B . 
F 5 HOH 129 429 21  HOH HOH B . 
F 5 HOH 130 430 23  HOH HOH B . 
F 5 HOH 131 431 98  HOH HOH B . 
F 5 HOH 132 432 13  HOH HOH B . 
F 5 HOH 133 433 104 HOH HOH B . 
F 5 HOH 134 434 166 HOH HOH B . 
F 5 HOH 135 435 205 HOH HOH B . 
F 5 HOH 136 436 127 HOH HOH B . 
F 5 HOH 137 437 131 HOH HOH B . 
F 5 HOH 138 438 14  HOH HOH B . 
F 5 HOH 139 439 270 HOH HOH B . 
F 5 HOH 140 440 259 HOH HOH B . 
# 
loop_
_pdbx_unobs_or_zero_occ_atoms.id 
_pdbx_unobs_or_zero_occ_atoms.PDB_model_num 
_pdbx_unobs_or_zero_occ_atoms.polymer_flag 
_pdbx_unobs_or_zero_occ_atoms.occupancy_flag 
_pdbx_unobs_or_zero_occ_atoms.auth_asym_id 
_pdbx_unobs_or_zero_occ_atoms.auth_comp_id 
_pdbx_unobs_or_zero_occ_atoms.auth_seq_id 
_pdbx_unobs_or_zero_occ_atoms.PDB_ins_code 
_pdbx_unobs_or_zero_occ_atoms.auth_atom_id 
_pdbx_unobs_or_zero_occ_atoms.label_alt_id 
_pdbx_unobs_or_zero_occ_atoms.label_asym_id 
_pdbx_unobs_or_zero_occ_atoms.label_comp_id 
_pdbx_unobs_or_zero_occ_atoms.label_seq_id 
_pdbx_unobs_or_zero_occ_atoms.label_atom_id 
1 1 Y 1 B LEU 192 ? CG  ? A LEU 186 CG  
2 1 Y 1 B LEU 192 ? CD1 ? A LEU 186 CD1 
3 1 Y 1 B LEU 192 ? CD2 ? A LEU 186 CD2 
# 
loop_
_software.pdbx_ordinal 
_software.name 
_software.version 
_software.date 
_software.type 
_software.contact_author 
_software.contact_author_email 
_software.classification 
_software.location 
_software.language 
_software.citation_id 
1 REFMAC  5.8.0267 ?        program 'Garib N. Murshudov' garib@ysbl.york.ac.uk refinement       
http://www.ccp4.ac.uk/dist/html/refmac5.html        Fortran_77 ? 
2 Aimless 0.7.7    23/04/21 program 'Phil Evans'         ?                     'data scaling'   
http://www.mrc-lmb.cam.ac.uk/harry/pre/aimless.html ?          ? 
3 XDS     .        ?        program ?                    ?                     'data reduction' ? ?          ? 
4 REFMAC  .        ?        program ?                    ?                     phasing          ? ?          ? 
# 
_cell.entry_id           7HLC 
_cell.length_a           95.861 
_cell.length_b           95.861 
_cell.length_c           45.632 
_cell.angle_alpha        90.000 
_cell.angle_beta         90.000 
_cell.angle_gamma        90.000 
_cell.Z_PDB              8 
_cell.pdbx_unique_axis   ? 
# 
_symmetry.entry_id                         7HLC 
_symmetry.space_group_name_H-M             'I 4' 
_symmetry.pdbx_full_space_group_name_H-M   ? 
_symmetry.cell_setting                     ? 
_symmetry.Int_Tables_number                79 
# 
_exptl.crystals_number   1 
_exptl.entry_id          7HLC 
_exptl.method            'X-RAY DIFFRACTION' 
# 
_exptl_crystal.id                    1 
_exptl_crystal.pdbx_mosaicity        0.000 
_exptl_crystal.pdbx_mosaicity_esd    ? 
_exptl_crystal.density_Matthews      2.43 
_exptl_crystal.density_diffrn        ? 
_exptl_crystal.density_meas          ? 
_exptl_crystal.density_meas_temp     ? 
_exptl_crystal.density_percent_sol   49.32 
_exptl_crystal.size_max              ? 
_exptl_crystal.size_mid              ? 
_exptl_crystal.size_min              ? 
_exptl_crystal.size_rad              ? 
_exptl_crystal.description           ? 
# 
_exptl_crystal_grow.crystal_id      1 
_exptl_crystal_grow.method          'VAPOR DIFFUSION, SITTING DROP' 
_exptl_crystal_grow.pH              8 
_exptl_crystal_grow.temp            293 
_exptl_crystal_grow.pdbx_details    '4 % PEG 400, 2 M AmmSO4, 0.1 M HEPES pH 8' 
_exptl_crystal_grow.temp_details    ? 
_exptl_crystal_grow.pdbx_pH_range   ? 
# 
_diffrn.id                     1 
_diffrn.ambient_temp           100 
_diffrn.crystal_id             1 
_diffrn.ambient_temp_details   ? 
# 
_diffrn_detector.detector               PIXEL 
_diffrn_detector.type                   'DECTRIS EIGER2 XE 9M' 
_diffrn_detector.pdbx_collection_date   2024-05-22 
_diffrn_detector.diffrn_id              1 
_diffrn_detector.details                ? 
# 
_diffrn_radiation.diffrn_id                        1 
_diffrn_radiation.wavelength_id                    1 
_diffrn_radiation.pdbx_diffrn_protocol             'SINGLE WAVELENGTH' 
_diffrn_radiation.pdbx_monochromatic_or_laue_m_l   ? 
_diffrn_radiation.monochromator                    ? 
_diffrn_radiation.pdbx_scattering_type             x-ray 
# 
_diffrn_radiation_wavelength.id           1 
_diffrn_radiation_wavelength.wavelength   0.92124 
_diffrn_radiation_wavelength.wt           1.0 
# 
_diffrn_source.diffrn_id                   1 
_diffrn_source.source                      SYNCHROTRON 
_diffrn_source.type                        'DIAMOND BEAMLINE I04-1' 
_diffrn_source.pdbx_wavelength_list        0.92124 
_diffrn_source.pdbx_synchrotron_site       Diamond 
_diffrn_source.pdbx_synchrotron_beamline   I04-1 
_diffrn_source.pdbx_wavelength             ? 
# 
_reflns.entry_id                     7HLC 
_reflns.pdbx_diffrn_id               1 
_reflns.pdbx_ordinal                 1 
_reflns.observed_criterion_sigma_I   ? 
_reflns.observed_criterion_sigma_F   ? 
_reflns.d_resolution_low             33.880 
_reflns.d_resolution_high            1.350 
_reflns.number_obs                   45569 
_reflns.number_all                   ? 
_reflns.percent_possible_obs         100.000 
_reflns.pdbx_Rmerge_I_obs            0.086 
_reflns.pdbx_Rsym_value              ? 
_reflns.pdbx_netI_over_sigmaI        12.700 
_reflns.B_iso_Wilson_estimate        ? 
_reflns.pdbx_redundancy              11.900 
_reflns.pdbx_Rrim_I_all              0.090 
_reflns.pdbx_Rpim_I_all              0.025 
_reflns.pdbx_CC_half                 0.998 
_reflns.pdbx_netI_over_av_sigmaI     ? 
_reflns.pdbx_number_measured_all     543224 
_reflns.pdbx_scaling_rejects         0 
_reflns.pdbx_chi_squared             ? 
_reflns.Rmerge_F_all                 ? 
_reflns.Rmerge_F_obs                 ? 
_reflns.observed_criterion_F_max     ? 
_reflns.observed_criterion_F_min     ? 
_reflns.observed_criterion_I_max     ? 
_reflns.observed_criterion_I_min     ? 
_reflns.pdbx_d_res_high_opt          ? 
_reflns.pdbx_d_res_low_opt           ? 
_reflns.details                      ? 
# 
loop_
_reflns_shell.pdbx_diffrn_id 
_reflns_shell.pdbx_ordinal 
_reflns_shell.d_res_high 
_reflns_shell.d_res_low 
_reflns_shell.number_measured_obs 
_reflns_shell.number_measured_all 
_reflns_shell.number_unique_obs 
_reflns_shell.pdbx_rejects 
_reflns_shell.Rmerge_I_obs 
_reflns_shell.meanI_over_sigI_obs 
_reflns_shell.pdbx_Rsym_value 
_reflns_shell.pdbx_chi_squared 
_reflns_shell.pdbx_redundancy 
_reflns_shell.percent_possible_obs 
_reflns_shell.pdbx_netI_over_sigmaI_obs 
_reflns_shell.number_possible 
_reflns_shell.number_unique_all 
_reflns_shell.Rmerge_F_all 
_reflns_shell.Rmerge_F_obs 
_reflns_shell.Rmerge_I_all 
_reflns_shell.meanI_over_sigI_all 
_reflns_shell.percent_possible_all 
_reflns_shell.pdbx_Rrim_I_all 
_reflns_shell.pdbx_Rpim_I_all 
_reflns_shell.pdbx_CC_half 
1 1 1.350 1.370  ? 12868 2239 ? 1.809 ? ? ? 5.700  ? 0.400  ? ? ? ? ? ? 99.600 1.992 0.808 0.291 
1 2 7.400 33.880 ? 3635  302  ? 0.060 ? ? ? 12.000 ? 64.100 ? ? ? ? ? ? 99.200 0.064 0.020 0.963 
# 
_refine.entry_id                                 7HLC 
_refine.pdbx_refine_id                           'X-RAY DIFFRACTION' 
_refine.ls_d_res_high                            1.3500 
_refine.ls_d_res_low                             33.9100 
_refine.pdbx_ls_sigma_F                          0.000 
_refine.pdbx_data_cutoff_high_absF               ? 
_refine.pdbx_data_cutoff_low_absF                ? 
_refine.ls_percent_reflns_obs                    99.5100 
_refine.ls_number_reflns_obs                     43189 
_refine.ls_number_reflns_all                     ? 
_refine.pdbx_ls_cross_valid_method               THROUGHOUT 
_refine.ls_matrix_type                           ? 
_refine.pdbx_R_Free_selection_details            RANDOM 
_refine.details                                  
'HYDROGENS HAVE BEEN ADDED IN THE RIDING POSITIONS U VALUES      : REFINED INDIVIDUALLY' 
_refine.ls_R_factor_all                          ? 
_refine.ls_R_factor_obs                          0.1840 
_refine.ls_R_factor_R_work                       0.1828 
_refine.ls_wR_factor_R_work                      ? 
_refine.ls_R_factor_R_free                       0.2065 
_refine.ls_wR_factor_R_free                      ? 
_refine.ls_percent_reflns_R_free                 4.8000 
_refine.ls_number_reflns_R_free                  2194 
_refine.ls_number_reflns_R_work                  ? 
_refine.ls_R_factor_R_free_error                 ? 
_refine.B_iso_mean                               21.9020 
_refine.solvent_model_param_bsol                 ? 
_refine.solvent_model_param_ksol                 ? 
_refine.pdbx_isotropic_thermal_model             ? 
_refine.aniso_B[1][1]                            0.2100 
_refine.aniso_B[2][2]                            0.2100 
_refine.aniso_B[3][3]                            -0.4200 
_refine.aniso_B[1][2]                            0.0000 
_refine.aniso_B[1][3]                            -0.0000 
_refine.aniso_B[2][3]                            -0.0000 
_refine.correlation_coeff_Fo_to_Fc               0.9700 
_refine.correlation_coeff_Fo_to_Fc_free          0.9620 
_refine.overall_SU_R_Cruickshank_DPI             ? 
_refine.pdbx_overall_SU_R_free_Cruickshank_DPI   ? 
_refine.pdbx_overall_SU_R_Blow_DPI               ? 
_refine.pdbx_overall_SU_R_free_Blow_DPI          ? 
_refine.overall_SU_R_free                        ? 
_refine.pdbx_overall_ESU_R                       0.0580 
_refine.pdbx_overall_ESU_R_Free                  0.0600 
_refine.overall_SU_ML                            0.0540 
_refine.overall_SU_B                             1.4790 
_refine.solvent_model_details                    MASK 
_refine.pdbx_solvent_vdw_probe_radii             1.2000 
_refine.pdbx_solvent_ion_probe_radii             0.8000 
_refine.pdbx_solvent_shrinkage_radii             0.8000 
_refine.ls_number_parameters                     ? 
_refine.ls_number_restraints                     ? 
_refine.pdbx_starting_model                      ? 
_refine.pdbx_method_to_determine_struct          'FOURIER SYNTHESIS' 
_refine.pdbx_stereochemistry_target_values       'MAXIMUM LIKELIHOOD' 
_refine.pdbx_stereochem_target_val_spec_case     ? 
_refine.overall_FOM_work_R_set                   ? 
_refine.B_iso_max                                116.160 
_refine.B_iso_min                                10.910 
_refine.pdbx_overall_phase_error                 ? 
_refine.occupancy_max                            ? 
_refine.occupancy_min                            ? 
_refine.pdbx_diffrn_id                           1 
_refine.pdbx_TLS_residual_ADP_flag               ? 
_refine.pdbx_ls_sigma_I                          ? 
_refine.pdbx_data_cutoff_high_rms_absF           ? 
_refine.ls_R_factor_R_free_error_details         ? 
# 
_refine_hist.cycle_id                         final 
_refine_hist.pdbx_refine_id                   'X-RAY DIFFRACTION' 
_refine_hist.d_res_high                       1.3500 
_refine_hist.d_res_low                        33.9100 
_refine_hist.pdbx_number_atoms_ligand         28 
_refine_hist.number_atoms_solvent             140 
_refine_hist.number_atoms_total               1661 
_refine_hist.pdbx_number_residues_total       185 
_refine_hist.pdbx_B_iso_mean_ligand           56.08 
_refine_hist.pdbx_B_iso_mean_solvent          33.45 
_refine_hist.pdbx_number_atoms_protein        1493 
_refine_hist.pdbx_number_atoms_nucleic_acid   0 
# 
loop_
_refine_ls_restr.pdbx_refine_id 
_refine_ls_restr.type 
_refine_ls_restr.number 
_refine_ls_restr.dev_ideal 
_refine_ls_restr.dev_ideal_target 
_refine_ls_restr.weight 
_refine_ls_restr.pdbx_restraint_function 
'X-RAY DIFFRACTION' r_bond_refined_d       1996 0.012  0.013  ? ? 
'X-RAY DIFFRACTION' r_bond_other_d         1602 0.001  0.015  ? ? 
'X-RAY DIFFRACTION' r_angle_refined_deg    2510 1.728  1.636  ? ? 
'X-RAY DIFFRACTION' r_angle_other_deg      3695 1.432  1.579  ? ? 
'X-RAY DIFFRACTION' r_dihedral_angle_1_deg 235  7.198  5.000  ? ? 
'X-RAY DIFFRACTION' r_dihedral_angle_2_deg 107  27.052 21.215 ? ? 
'X-RAY DIFFRACTION' r_dihedral_angle_3_deg 285  12.382 15.000 ? ? 
'X-RAY DIFFRACTION' r_dihedral_angle_4_deg 15   24.223 15.000 ? ? 
'X-RAY DIFFRACTION' r_chiral_restr         217  0.086  0.200  ? ? 
'X-RAY DIFFRACTION' r_gen_planes_refined   2232 0.010  0.020  ? ? 
'X-RAY DIFFRACTION' r_gen_planes_other     492  0.002  0.020  ? ? 
'X-RAY DIFFRACTION' r_mcbond_it            952  1.959  1.945  ? ? 
'X-RAY DIFFRACTION' r_mcbond_other         942  1.969  1.918  ? ? 
'X-RAY DIFFRACTION' r_mcangle_it           1129 3.149  2.886  ? ? 
# 
_refine_ls_shell.d_res_high                       1.3500 
_refine_ls_shell.d_res_low                        1.3850 
_refine_ls_shell.pdbx_total_number_of_bins_used   20 
_refine_ls_shell.percent_reflns_obs               93.6400 
_refine_ls_shell.number_reflns_R_work             2999 
_refine_ls_shell.R_factor_all                     ? 
_refine_ls_shell.R_factor_R_work                  0.3830 
_refine_ls_shell.R_factor_R_free                  0.3930 
_refine_ls_shell.percent_reflns_R_free            ? 
_refine_ls_shell.number_reflns_R_free             138 
_refine_ls_shell.R_factor_R_free_error            ? 
_refine_ls_shell.number_reflns_all                3137 
_refine_ls_shell.number_reflns_obs                ? 
_refine_ls_shell.pdbx_refine_id                   'X-RAY DIFFRACTION' 
# 
_struct.entry_id                  7HLC 
_struct.title                     'PanDDA analysis group deposition -- Crystal Structure of TRIM21 in complex with Z1079512010' 
_struct.pdbx_model_details        ? 
_struct.pdbx_CASP_flag            ? 
_struct.pdbx_model_type_details   ? 
# 
_struct_keywords.entry_id        7HLC 
_struct_keywords.text            'SGC - Diamond I04-1 fragment screening, PanDDA, XChemExplorer, TRIM21, LIGASE' 
_struct_keywords.pdbx_keywords   LIGASE 
# 
loop_
_struct_asym.id 
_struct_asym.pdbx_blank_PDB_chainid_flag 
_struct_asym.pdbx_modified 
_struct_asym.entity_id 
_struct_asym.details 
A N N 1 ? 
B N N 2 ? 
C N N 3 ? 
D N N 2 ? 
E N N 4 ? 
F N N 5 ? 
# 
_struct_ref.id                         1 
_struct_ref.db_name                    UNP 
_struct_ref.db_code                    RO52_MOUSE 
_struct_ref.pdbx_db_accession          Q62191 
_struct_ref.pdbx_db_isoform            ? 
_struct_ref.entity_id                  1 
_struct_ref.pdbx_seq_one_letter_code   
;VHITLDRNTANSWLIISKDRRQVRMGDTHQNVSDNKERFSNYPMVLGAQRFSSGKMYWEVDVTQKEAWDLGVCRDSVQRK
GQFSLSPENGFWTIWLWQDSYEAGTSPQTTLHIQVPPCQIGIFVDYEAGVVSFYNITDHGSLIYTFSECVFAGPLRPFFN
VGFNYSGGNAAPLKLCPLKM
;
_struct_ref.pdbx_align_begin           291 
# 
_struct_ref_seq.align_id                      1 
_struct_ref_seq.ref_id                        1 
_struct_ref_seq.pdbx_PDB_id_code              7HLC 
_struct_ref_seq.pdbx_strand_id                B 
_struct_ref_seq.seq_align_beg                 9 
_struct_ref_seq.pdbx_seq_align_beg_ins_code   ? 
_struct_ref_seq.seq_align_end                 188 
_struct_ref_seq.pdbx_seq_align_end_ins_code   ? 
_struct_ref_seq.pdbx_db_accession             Q62191 
_struct_ref_seq.db_align_beg                  291 
_struct_ref_seq.pdbx_db_align_beg_ins_code    ? 
_struct_ref_seq.db_align_end                  470 
_struct_ref_seq.pdbx_db_align_end_ins_code    ? 
_struct_ref_seq.pdbx_auth_seq_align_beg       15 
_struct_ref_seq.pdbx_auth_seq_align_end       194 
# 
loop_
_struct_ref_seq_dif.align_id 
_struct_ref_seq_dif.pdbx_pdb_id_code 
_struct_ref_seq_dif.mon_id 
_struct_ref_seq_dif.pdbx_pdb_strand_id 
_struct_ref_seq_dif.seq_num 
_struct_ref_seq_dif.pdbx_pdb_ins_code 
_struct_ref_seq_dif.pdbx_seq_db_name 
_struct_ref_seq_dif.pdbx_seq_db_accession_code 
_struct_ref_seq_dif.db_mon_id 
_struct_ref_seq_dif.pdbx_seq_db_seq_num 
_struct_ref_seq_dif.details 
_struct_ref_seq_dif.pdbx_auth_seq_num 
_struct_ref_seq_dif.pdbx_ordinal 
1 7HLC MET B 1 ? UNP Q62191 ? ? 'initiating methionine' 7  1 
1 7HLC HIS B 2 ? UNP Q62191 ? ? 'expression tag'        8  2 
1 7HLC HIS B 3 ? UNP Q62191 ? ? 'expression tag'        9  3 
1 7HLC HIS B 4 ? UNP Q62191 ? ? 'expression tag'        10 4 
1 7HLC HIS B 5 ? UNP Q62191 ? ? 'expression tag'        11 5 
1 7HLC HIS B 6 ? UNP Q62191 ? ? 'expression tag'        12 6 
1 7HLC HIS B 7 ? UNP Q62191 ? ? 'expression tag'        13 7 
1 7HLC MET B 8 ? UNP Q62191 ? ? 'expression tag'        14 8 
# 
_pdbx_struct_assembly.id                   1 
_pdbx_struct_assembly.details              author_defined_assembly 
_pdbx_struct_assembly.method_details       ? 
_pdbx_struct_assembly.oligomeric_details   monomeric 
_pdbx_struct_assembly.oligomeric_count     1 
# 
_pdbx_struct_assembly_gen.assembly_id       1 
_pdbx_struct_assembly_gen.oper_expression   1 
_pdbx_struct_assembly_gen.asym_id_list      A,B,C,D,E,F 
# 
_pdbx_struct_oper_list.id                   1 
_pdbx_struct_oper_list.type                 'identity operation' 
_pdbx_struct_oper_list.name                 1_555 
_pdbx_struct_oper_list.symmetry_operation   x,y,z 
_pdbx_struct_oper_list.matrix[1][1]         1.0000000000 
_pdbx_struct_oper_list.matrix[1][2]         0.0000000000 
_pdbx_struct_oper_list.matrix[1][3]         0.0000000000 
_pdbx_struct_oper_list.vector[1]            0.0000000000 
_pdbx_struct_oper_list.matrix[2][1]         0.0000000000 
_pdbx_struct_oper_list.matrix[2][2]         1.0000000000 
_pdbx_struct_oper_list.matrix[2][3]         0.0000000000 
_pdbx_struct_oper_list.vector[2]            0.0000000000 
_pdbx_struct_oper_list.matrix[3][1]         0.0000000000 
_pdbx_struct_oper_list.matrix[3][2]         0.0000000000 
_pdbx_struct_oper_list.matrix[3][3]         1.0000000000 
_pdbx_struct_oper_list.vector[3]            0.0000000000 
# 
loop_
_struct_conf.conf_type_id 
_struct_conf.id 
_struct_conf.pdbx_PDB_helix_id 
_struct_conf.beg_label_comp_id 
_struct_conf.beg_label_asym_id 
_struct_conf.beg_label_seq_id 
_struct_conf.pdbx_beg_PDB_ins_code 
_struct_conf.end_label_comp_id 
_struct_conf.end_label_asym_id 
_struct_conf.end_label_seq_id 
_struct_conf.pdbx_end_PDB_ins_code 
_struct_conf.beg_auth_comp_id 
_struct_conf.beg_auth_asym_id 
_struct_conf.beg_auth_seq_id 
_struct_conf.end_auth_comp_id 
_struct_conf.end_auth_asym_id 
_struct_conf.end_auth_seq_id 
_struct_conf.pdbx_PDB_helix_class 
_struct_conf.details 
_struct_conf.pdbx_PDB_helix_length 
HELX_P HELX_P1 AA1 HIS A 4  ? MET A 8  ? HIS B 10  MET B 14  5 ? 5 
HELX_P HELX_P2 AA2 ASP A 14 ? ALA A 18 ? ASP B 20  ALA B 24  5 ? 5 
HELX_P HELX_P3 AA3 SER A 94 ? ASN A 97 ? SER B 100 ASN B 103 5 ? 4 
# 
_struct_conf_type.id          HELX_P 
_struct_conf_type.criteria    ? 
_struct_conf_type.reference   ? 
# 
_struct_mon_prot_cis.pdbx_id                1 
_struct_mon_prot_cis.label_comp_id          SER 
_struct_mon_prot_cis.label_seq_id           114 
_struct_mon_prot_cis.label_asym_id          A 
_struct_mon_prot_cis.label_alt_id           . 
_struct_mon_prot_cis.pdbx_PDB_ins_code      ? 
_struct_mon_prot_cis.auth_comp_id           SER 
_struct_mon_prot_cis.auth_seq_id            120 
_struct_mon_prot_cis.auth_asym_id           B 
_struct_mon_prot_cis.pdbx_label_comp_id_2   PRO 
_struct_mon_prot_cis.pdbx_label_seq_id_2    115 
_struct_mon_prot_cis.pdbx_label_asym_id_2   A 
_struct_mon_prot_cis.pdbx_PDB_ins_code_2    ? 
_struct_mon_prot_cis.pdbx_auth_comp_id_2    PRO 
_struct_mon_prot_cis.pdbx_auth_seq_id_2     121 
_struct_mon_prot_cis.pdbx_auth_asym_id_2    B 
_struct_mon_prot_cis.pdbx_PDB_model_num     1 
_struct_mon_prot_cis.pdbx_omega_angle       -1.38 
# 
loop_
_struct_sheet.id 
_struct_sheet.type 
_struct_sheet.number_strands 
_struct_sheet.details 
AA1 ? 7 ? 
AA2 ? 6 ? 
# 
loop_
_struct_sheet_order.sheet_id 
_struct_sheet_order.range_id_1 
_struct_sheet_order.range_id_2 
_struct_sheet_order.offset 
_struct_sheet_order.sense 
AA1 1 2 ? anti-parallel 
AA1 2 3 ? anti-parallel 
AA1 3 4 ? anti-parallel 
AA1 4 5 ? anti-parallel 
AA1 5 6 ? anti-parallel 
AA1 6 7 ? anti-parallel 
AA2 1 2 ? anti-parallel 
AA2 2 3 ? anti-parallel 
AA2 3 4 ? anti-parallel 
AA2 4 5 ? anti-parallel 
AA2 5 6 ? anti-parallel 
# 
loop_
_struct_sheet_range.sheet_id 
_struct_sheet_range.id 
_struct_sheet_range.beg_label_comp_id 
_struct_sheet_range.beg_label_asym_id 
_struct_sheet_range.beg_label_seq_id 
_struct_sheet_range.pdbx_beg_PDB_ins_code 
_struct_sheet_range.end_label_comp_id 
_struct_sheet_range.end_label_asym_id 
_struct_sheet_range.end_label_seq_id 
_struct_sheet_range.pdbx_end_PDB_ins_code 
_struct_sheet_range.beg_auth_comp_id 
_struct_sheet_range.beg_auth_asym_id 
_struct_sheet_range.beg_auth_seq_id 
_struct_sheet_range.end_auth_comp_id 
_struct_sheet_range.end_auth_asym_id 
_struct_sheet_range.end_auth_seq_id 
AA1 1 LEU A 22  ? ILE A 24  ? LEU B 28  ILE B 30  
AA1 2 GLN A 30  ? MET A 33  ? GLN B 36  MET B 39  
AA1 3 LEU A 181 ? LEU A 183 ? LEU B 187 LEU B 189 
AA1 4 LYS A 63  ? ASP A 69  ? LYS B 69  ASP B 75  
AA1 5 GLN A 127 ? ASP A 133 ? GLN B 133 ASP B 139 
AA1 6 VAL A 138 ? ASN A 143 ? VAL B 144 ASN B 149 
AA1 7 SER A 149 ? PHE A 154 ? SER B 155 PHE B 160 
AA2 1 MET A 52  ? LEU A 54  ? MET B 58  LEU B 60  
AA2 2 LEU A 163 ? ASN A 168 ? LEU B 169 ASN B 174 
AA2 3 TRP A 76  ? ARG A 82  ? TRP B 82  ARG B 88  
AA2 4 PHE A 99  ? TRP A 105 ? PHE B 105 TRP B 111 
AA2 5 SER A 108 ? ALA A 111 ? SER B 114 ALA B 117 
AA2 6 THR A 117 ? THR A 118 ? THR B 123 THR B 124 
# 
loop_
_pdbx_struct_sheet_hbond.sheet_id 
_pdbx_struct_sheet_hbond.range_id_1 
_pdbx_struct_sheet_hbond.range_id_2 
_pdbx_struct_sheet_hbond.range_1_label_atom_id 
_pdbx_struct_sheet_hbond.range_1_label_comp_id 
_pdbx_struct_sheet_hbond.range_1_label_asym_id 
_pdbx_struct_sheet_hbond.range_1_label_seq_id 
_pdbx_struct_sheet_hbond.range_1_PDB_ins_code 
_pdbx_struct_sheet_hbond.range_1_auth_atom_id 
_pdbx_struct_sheet_hbond.range_1_auth_comp_id 
_pdbx_struct_sheet_hbond.range_1_auth_asym_id 
_pdbx_struct_sheet_hbond.range_1_auth_seq_id 
_pdbx_struct_sheet_hbond.range_2_label_atom_id 
_pdbx_struct_sheet_hbond.range_2_label_comp_id 
_pdbx_struct_sheet_hbond.range_2_label_asym_id 
_pdbx_struct_sheet_hbond.range_2_label_seq_id 
_pdbx_struct_sheet_hbond.range_2_PDB_ins_code 
_pdbx_struct_sheet_hbond.range_2_auth_atom_id 
_pdbx_struct_sheet_hbond.range_2_auth_comp_id 
_pdbx_struct_sheet_hbond.range_2_auth_asym_id 
_pdbx_struct_sheet_hbond.range_2_auth_seq_id 
AA1 1 2 N ILE A 23  ? N ILE B 29  O ARG A 32  ? O ARG B 38  
AA1 2 3 N VAL A 31  ? N VAL B 37  O LEU A 181 ? O LEU B 187 
AA1 3 4 O LYS A 182 ? O LYS B 188 N ASP A 69  ? N ASP B 75  
AA1 4 5 N TRP A 66  ? N TRP B 72  O ILE A 130 ? O ILE B 136 
AA1 5 6 N PHE A 131 ? N PHE B 137 O SER A 140 ? O SER B 146 
AA1 6 7 N PHE A 141 ? N PHE B 147 O ILE A 151 ? O ILE B 157 
AA2 1 2 N VAL A 53  ? N VAL B 59  O PHE A 167 ? O PHE B 173 
AA2 2 3 O ARG A 164 ? O ARG B 170 N CYS A 81  ? N CYS B 87  
AA2 3 4 N VAL A 80  ? N VAL B 86  O TRP A 100 ? O TRP B 106 
AA2 4 5 N TRP A 103 ? N TRP B 109 O GLU A 110 ? O GLU B 116 
AA2 5 6 N ALA A 111 ? N ALA B 117 O THR A 117 ? O THR B 123 
# 
_pdbx_entry_details.entry_id                   7HLC 
_pdbx_entry_details.compound_details           ? 
_pdbx_entry_details.source_details             ? 
_pdbx_entry_details.nonpolymer_details         ? 
_pdbx_entry_details.sequence_details           ? 
_pdbx_entry_details.has_ligand_of_interest     Y 
_pdbx_entry_details.has_protein_modification   N 
# 
_pdbx_validate_rmsd_angle.id                         1 
_pdbx_validate_rmsd_angle.PDB_model_num              1 
_pdbx_validate_rmsd_angle.auth_atom_id_1             NE 
_pdbx_validate_rmsd_angle.auth_asym_id_1             B 
_pdbx_validate_rmsd_angle.auth_comp_id_1             ARG 
_pdbx_validate_rmsd_angle.auth_seq_id_1              64 
_pdbx_validate_rmsd_angle.PDB_ins_code_1             ? 
_pdbx_validate_rmsd_angle.label_alt_id_1             ? 
_pdbx_validate_rmsd_angle.auth_atom_id_2             CZ 
_pdbx_validate_rmsd_angle.auth_asym_id_2             B 
_pdbx_validate_rmsd_angle.auth_comp_id_2             ARG 
_pdbx_validate_rmsd_angle.auth_seq_id_2              64 
_pdbx_validate_rmsd_angle.PDB_ins_code_2             ? 
_pdbx_validate_rmsd_angle.label_alt_id_2             ? 
_pdbx_validate_rmsd_angle.auth_atom_id_3             NH2 
_pdbx_validate_rmsd_angle.auth_asym_id_3             B 
_pdbx_validate_rmsd_angle.auth_comp_id_3             ARG 
_pdbx_validate_rmsd_angle.auth_seq_id_3              64 
_pdbx_validate_rmsd_angle.PDB_ins_code_3             ? 
_pdbx_validate_rmsd_angle.label_alt_id_3             ? 
_pdbx_validate_rmsd_angle.angle_value                123.44 
_pdbx_validate_rmsd_angle.angle_target_value         120.30 
_pdbx_validate_rmsd_angle.angle_deviation            3.14 
_pdbx_validate_rmsd_angle.angle_standard_deviation   0.50 
_pdbx_validate_rmsd_angle.linker_flag                N 
# 
loop_
_pdbx_validate_torsion.id 
_pdbx_validate_torsion.PDB_model_num 
_pdbx_validate_torsion.auth_comp_id 
_pdbx_validate_torsion.auth_asym_id 
_pdbx_validate_torsion.auth_seq_id 
_pdbx_validate_torsion.PDB_ins_code 
_pdbx_validate_torsion.label_alt_id 
_pdbx_validate_torsion.phi 
_pdbx_validate_torsion.psi 
1 1 SER B 67  ? B 177.57  152.94 
2 1 ASP B 152 ? ? -110.13 52.70  
# 
_pdbx_struct_special_symmetry.id              1 
_pdbx_struct_special_symmetry.PDB_model_num   1 
_pdbx_struct_special_symmetry.auth_asym_id    B 
_pdbx_struct_special_symmetry.auth_comp_id    HOH 
_pdbx_struct_special_symmetry.auth_seq_id     423 
_pdbx_struct_special_symmetry.PDB_ins_code    ? 
_pdbx_struct_special_symmetry.label_asym_id   F 
_pdbx_struct_special_symmetry.label_comp_id   HOH 
_pdbx_struct_special_symmetry.label_seq_id    . 
# 
_phasing.method   MR 
# 
loop_
_pdbx_unobs_or_zero_occ_residues.id 
_pdbx_unobs_or_zero_occ_residues.PDB_model_num 
_pdbx_unobs_or_zero_occ_residues.polymer_flag 
_pdbx_unobs_or_zero_occ_residues.occupancy_flag 
_pdbx_unobs_or_zero_occ_residues.auth_asym_id 
_pdbx_unobs_or_zero_occ_residues.auth_comp_id 
_pdbx_unobs_or_zero_occ_residues.auth_seq_id 
_pdbx_unobs_or_zero_occ_residues.PDB_ins_code 
_pdbx_unobs_or_zero_occ_residues.label_asym_id 
_pdbx_unobs_or_zero_occ_residues.label_comp_id 
_pdbx_unobs_or_zero_occ_residues.label_seq_id 
1 1 Y 1 B MET 7   ? A MET 1   
2 1 Y 1 B LYS 193 ? A LYS 187 
3 1 Y 1 B MET 194 ? A MET 188 
# 
loop_
_chem_comp_atom.comp_id 
_chem_comp_atom.atom_id 
_chem_comp_atom.type_symbol 
_chem_comp_atom.pdbx_aromatic_flag 
_chem_comp_atom.pdbx_stereo_config 
_chem_comp_atom.pdbx_ordinal 
ALA N    N N N 1   
ALA CA   C N S 2   
ALA C    C N N 3   
ALA O    O N N 4   
ALA CB   C N N 5   
ALA OXT  O N N 6   
ALA H    H N N 7   
ALA H2   H N N 8   
ALA HA   H N N 9   
ALA HB1  H N N 10  
ALA HB2  H N N 11  
ALA HB3  H N N 12  
ALA HXT  H N N 13  
ARG N    N N N 14  
ARG CA   C N S 15  
ARG C    C N N 16  
ARG O    O N N 17  
ARG CB   C N N 18  
ARG CG   C N N 19  
ARG CD   C N N 20  
ARG NE   N N N 21  
ARG CZ   C N N 22  
ARG NH1  N N N 23  
ARG NH2  N N N 24  
ARG OXT  O N N 25  
ARG H    H N N 26  
ARG H2   H N N 27  
ARG HA   H N N 28  
ARG HB2  H N N 29  
ARG HB3  H N N 30  
ARG HG2  H N N 31  
ARG HG3  H N N 32  
ARG HD2  H N N 33  
ARG HD3  H N N 34  
ARG HE   H N N 35  
ARG HH11 H N N 36  
ARG HH12 H N N 37  
ARG HH21 H N N 38  
ARG HH22 H N N 39  
ARG HXT  H N N 40  
ASN N    N N N 41  
ASN CA   C N S 42  
ASN C    C N N 43  
ASN O    O N N 44  
ASN CB   C N N 45  
ASN CG   C N N 46  
ASN OD1  O N N 47  
ASN ND2  N N N 48  
ASN OXT  O N N 49  
ASN H    H N N 50  
ASN H2   H N N 51  
ASN HA   H N N 52  
ASN HB2  H N N 53  
ASN HB3  H N N 54  
ASN HD21 H N N 55  
ASN HD22 H N N 56  
ASN HXT  H N N 57  
ASP N    N N N 58  
ASP CA   C N S 59  
ASP C    C N N 60  
ASP O    O N N 61  
ASP CB   C N N 62  
ASP CG   C N N 63  
ASP OD1  O N N 64  
ASP OD2  O N N 65  
ASP OXT  O N N 66  
ASP H    H N N 67  
ASP H2   H N N 68  
ASP HA   H N N 69  
ASP HB2  H N N 70  
ASP HB3  H N N 71  
ASP HD2  H N N 72  
ASP HXT  H N N 73  
CYS N    N N N 74  
CYS CA   C N R 75  
CYS C    C N N 76  
CYS O    O N N 77  
CYS CB   C N N 78  
CYS SG   S N N 79  
CYS OXT  O N N 80  
CYS H    H N N 81  
CYS H2   H N N 82  
CYS HA   H N N 83  
CYS HB2  H N N 84  
CYS HB3  H N N 85  
CYS HG   H N N 86  
CYS HXT  H N N 87  
EDO C1   C N N 88  
EDO O1   O N N 89  
EDO C2   C N N 90  
EDO O2   O N N 91  
EDO H11  H N N 92  
EDO H12  H N N 93  
EDO HO1  H N N 94  
EDO H21  H N N 95  
EDO H22  H N N 96  
EDO HO2  H N N 97  
GLN N    N N N 98  
GLN CA   C N S 99  
GLN C    C N N 100 
GLN O    O N N 101 
GLN CB   C N N 102 
GLN CG   C N N 103 
GLN CD   C N N 104 
GLN OE1  O N N 105 
GLN NE2  N N N 106 
GLN OXT  O N N 107 
GLN H    H N N 108 
GLN H2   H N N 109 
GLN HA   H N N 110 
GLN HB2  H N N 111 
GLN HB3  H N N 112 
GLN HG2  H N N 113 
GLN HG3  H N N 114 
GLN HE21 H N N 115 
GLN HE22 H N N 116 
GLN HXT  H N N 117 
GLU N    N N N 118 
GLU CA   C N S 119 
GLU C    C N N 120 
GLU O    O N N 121 
GLU CB   C N N 122 
GLU CG   C N N 123 
GLU CD   C N N 124 
GLU OE1  O N N 125 
GLU OE2  O N N 126 
GLU OXT  O N N 127 
GLU H    H N N 128 
GLU H2   H N N 129 
GLU HA   H N N 130 
GLU HB2  H N N 131 
GLU HB3  H N N 132 
GLU HG2  H N N 133 
GLU HG3  H N N 134 
GLU HE2  H N N 135 
GLU HXT  H N N 136 
GLY N    N N N 137 
GLY CA   C N N 138 
GLY C    C N N 139 
GLY O    O N N 140 
GLY OXT  O N N 141 
GLY H    H N N 142 
GLY H2   H N N 143 
GLY HA2  H N N 144 
GLY HA3  H N N 145 
GLY HXT  H N N 146 
HIS N    N N N 147 
HIS CA   C N S 148 
HIS C    C N N 149 
HIS O    O N N 150 
HIS CB   C N N 151 
HIS CG   C Y N 152 
HIS ND1  N Y N 153 
HIS CD2  C Y N 154 
HIS CE1  C Y N 155 
HIS NE2  N Y N 156 
HIS OXT  O N N 157 
HIS H    H N N 158 
HIS H2   H N N 159 
HIS HA   H N N 160 
HIS HB2  H N N 161 
HIS HB3  H N N 162 
HIS HD1  H N N 163 
HIS HD2  H N N 164 
HIS HE1  H N N 165 
HIS HE2  H N N 166 
HIS HXT  H N N 167 
HOH O    O N N 168 
HOH H1   H N N 169 
HOH H2   H N N 170 
ILE N    N N N 171 
ILE CA   C N S 172 
ILE C    C N N 173 
ILE O    O N N 174 
ILE CB   C N S 175 
ILE CG1  C N N 176 
ILE CG2  C N N 177 
ILE CD1  C N N 178 
ILE OXT  O N N 179 
ILE H    H N N 180 
ILE H2   H N N 181 
ILE HA   H N N 182 
ILE HB   H N N 183 
ILE HG12 H N N 184 
ILE HG13 H N N 185 
ILE HG21 H N N 186 
ILE HG22 H N N 187 
ILE HG23 H N N 188 
ILE HD11 H N N 189 
ILE HD12 H N N 190 
ILE HD13 H N N 191 
ILE HXT  H N N 192 
LEU N    N N N 193 
LEU CA   C N S 194 
LEU C    C N N 195 
LEU O    O N N 196 
LEU CB   C N N 197 
LEU CG   C N N 198 
LEU CD1  C N N 199 
LEU CD2  C N N 200 
LEU OXT  O N N 201 
LEU H    H N N 202 
LEU H2   H N N 203 
LEU HA   H N N 204 
LEU HB2  H N N 205 
LEU HB3  H N N 206 
LEU HG   H N N 207 
LEU HD11 H N N 208 
LEU HD12 H N N 209 
LEU HD13 H N N 210 
LEU HD21 H N N 211 
LEU HD22 H N N 212 
LEU HD23 H N N 213 
LEU HXT  H N N 214 
LYS N    N N N 215 
LYS CA   C N S 216 
LYS C    C N N 217 
LYS O    O N N 218 
LYS CB   C N N 219 
LYS CG   C N N 220 
LYS CD   C N N 221 
LYS CE   C N N 222 
LYS NZ   N N N 223 
LYS OXT  O N N 224 
LYS H    H N N 225 
LYS H2   H N N 226 
LYS HA   H N N 227 
LYS HB2  H N N 228 
LYS HB3  H N N 229 
LYS HG2  H N N 230 
LYS HG3  H N N 231 
LYS HD2  H N N 232 
LYS HD3  H N N 233 
LYS HE2  H N N 234 
LYS HE3  H N N 235 
LYS HZ1  H N N 236 
LYS HZ2  H N N 237 
LYS HZ3  H N N 238 
LYS HXT  H N N 239 
MET N    N N N 240 
MET CA   C N S 241 
MET C    C N N 242 
MET O    O N N 243 
MET CB   C N N 244 
MET CG   C N N 245 
MET SD   S N N 246 
MET CE   C N N 247 
MET OXT  O N N 248 
MET H    H N N 249 
MET H2   H N N 250 
MET HA   H N N 251 
MET HB2  H N N 252 
MET HB3  H N N 253 
MET HG2  H N N 254 
MET HG3  H N N 255 
MET HE1  H N N 256 
MET HE2  H N N 257 
MET HE3  H N N 258 
MET HXT  H N N 259 
PHE N    N N N 260 
PHE CA   C N S 261 
PHE C    C N N 262 
PHE O    O N N 263 
PHE CB   C N N 264 
PHE CG   C Y N 265 
PHE CD1  C Y N 266 
PHE CD2  C Y N 267 
PHE CE1  C Y N 268 
PHE CE2  C Y N 269 
PHE CZ   C Y N 270 
PHE OXT  O N N 271 
PHE H    H N N 272 
PHE H2   H N N 273 
PHE HA   H N N 274 
PHE HB2  H N N 275 
PHE HB3  H N N 276 
PHE HD1  H N N 277 
PHE HD2  H N N 278 
PHE HE1  H N N 279 
PHE HE2  H N N 280 
PHE HZ   H N N 281 
PHE HXT  H N N 282 
PRO N    N N N 283 
PRO CA   C N S 284 
PRO C    C N N 285 
PRO O    O N N 286 
PRO CB   C N N 287 
PRO CG   C N N 288 
PRO CD   C N N 289 
PRO OXT  O N N 290 
PRO H    H N N 291 
PRO HA   H N N 292 
PRO HB2  H N N 293 
PRO HB3  H N N 294 
PRO HG2  H N N 295 
PRO HG3  H N N 296 
PRO HD2  H N N 297 
PRO HD3  H N N 298 
PRO HXT  H N N 299 
SER N    N N N 300 
SER CA   C N S 301 
SER C    C N N 302 
SER O    O N N 303 
SER CB   C N N 304 
SER OG   O N N 305 
SER OXT  O N N 306 
SER H    H N N 307 
SER H2   H N N 308 
SER HA   H N N 309 
SER HB2  H N N 310 
SER HB3  H N N 311 
SER HG   H N N 312 
SER HXT  H N N 313 
SO4 S    S N N 314 
SO4 O1   O N N 315 
SO4 O2   O N N 316 
SO4 O3   O N N 317 
SO4 O4   O N N 318 
THR N    N N N 319 
THR CA   C N S 320 
THR C    C N N 321 
THR O    O N N 322 
THR CB   C N R 323 
THR OG1  O N N 324 
THR CG2  C N N 325 
THR OXT  O N N 326 
THR H    H N N 327 
THR H2   H N N 328 
THR HA   H N N 329 
THR HB   H N N 330 
THR HG1  H N N 331 
THR HG21 H N N 332 
THR HG22 H N N 333 
THR HG23 H N N 334 
THR HXT  H N N 335 
TRP N    N N N 336 
TRP CA   C N S 337 
TRP C    C N N 338 
TRP O    O N N 339 
TRP CB   C N N 340 
TRP CG   C Y N 341 
TRP CD1  C Y N 342 
TRP CD2  C Y N 343 
TRP NE1  N Y N 344 
TRP CE2  C Y N 345 
TRP CE3  C Y N 346 
TRP CZ2  C Y N 347 
TRP CZ3  C Y N 348 
TRP CH2  C Y N 349 
TRP OXT  O N N 350 
TRP H    H N N 351 
TRP H2   H N N 352 
TRP HA   H N N 353 
TRP HB2  H N N 354 
TRP HB3  H N N 355 
TRP HD1  H N N 356 
TRP HE1  H N N 357 
TRP HE3  H N N 358 
TRP HZ2  H N N 359 
TRP HZ3  H N N 360 
TRP HH2  H N N 361 
TRP HXT  H N N 362 
TYR N    N N N 363 
TYR CA   C N S 364 
TYR C    C N N 365 
TYR O    O N N 366 
TYR CB   C N N 367 
TYR CG   C Y N 368 
TYR CD1  C Y N 369 
TYR CD2  C Y N 370 
TYR CE1  C Y N 371 
TYR CE2  C Y N 372 
TYR CZ   C Y N 373 
TYR OH   O N N 374 
TYR OXT  O N N 375 
TYR H    H N N 376 
TYR H2   H N N 377 
TYR HA   H N N 378 
TYR HB2  H N N 379 
TYR HB3  H N N 380 
TYR HD1  H N N 381 
TYR HD2  H N N 382 
TYR HE1  H N N 383 
TYR HE2  H N N 384 
TYR HH   H N N 385 
TYR HXT  H N N 386 
UWS N1   N N N 387 
UWS C4   C N N 388 
UWS C5   C N N 389 
UWS C6   C N N 390 
UWS C7   C N N 391 
UWS C8   C N N 392 
UWS N    N N N 393 
UWS C    C N N 394 
UWS O    O N N 395 
UWS C1   C Y N 396 
UWS C2   C Y N 397 
UWS C3   C Y N 398 
UWS C9   C N N 399 
UWS N2   N Y N 400 
UWS O1   O Y N 401 
UWS H1   H N N 402 
UWS H2   H N N 403 
UWS H3   H N N 404 
UWS H4   H N N 405 
UWS H5   H N N 406 
UWS H6   H N N 407 
UWS H7   H N N 408 
UWS H8   H N N 409 
UWS H9   H N N 410 
UWS H10  H N N 411 
UWS H11  H N N 412 
VAL N    N N N 413 
VAL CA   C N S 414 
VAL C    C N N 415 
VAL O    O N N 416 
VAL CB   C N N 417 
VAL CG1  C N N 418 
VAL CG2  C N N 419 
VAL OXT  O N N 420 
VAL H    H N N 421 
VAL H2   H N N 422 
VAL HA   H N N 423 
VAL HB   H N N 424 
VAL HG11 H N N 425 
VAL HG12 H N N 426 
VAL HG13 H N N 427 
VAL HG21 H N N 428 
VAL HG22 H N N 429 
VAL HG23 H N N 430 
VAL HXT  H N N 431 
# 
loop_
_chem_comp_bond.comp_id 
_chem_comp_bond.atom_id_1 
_chem_comp_bond.atom_id_2 
_chem_comp_bond.value_order 
_chem_comp_bond.pdbx_aromatic_flag 
_chem_comp_bond.pdbx_stereo_config 
_chem_comp_bond.pdbx_ordinal 
ALA N   CA   sing N N 1   
ALA N   H    sing N N 2   
ALA N   H2   sing N N 3   
ALA CA  C    sing N N 4   
ALA CA  CB   sing N N 5   
ALA CA  HA   sing N N 6   
ALA C   O    doub N N 7   
ALA C   OXT  sing N N 8   
ALA CB  HB1  sing N N 9   
ALA CB  HB2  sing N N 10  
ALA CB  HB3  sing N N 11  
ALA OXT HXT  sing N N 12  
ARG N   CA   sing N N 13  
ARG N   H    sing N N 14  
ARG N   H2   sing N N 15  
ARG CA  C    sing N N 16  
ARG CA  CB   sing N N 17  
ARG CA  HA   sing N N 18  
ARG C   O    doub N N 19  
ARG C   OXT  sing N N 20  
ARG CB  CG   sing N N 21  
ARG CB  HB2  sing N N 22  
ARG CB  HB3  sing N N 23  
ARG CG  CD   sing N N 24  
ARG CG  HG2  sing N N 25  
ARG CG  HG3  sing N N 26  
ARG CD  NE   sing N N 27  
ARG CD  HD2  sing N N 28  
ARG CD  HD3  sing N N 29  
ARG NE  CZ   sing N N 30  
ARG NE  HE   sing N N 31  
ARG CZ  NH1  sing N N 32  
ARG CZ  NH2  doub N N 33  
ARG NH1 HH11 sing N N 34  
ARG NH1 HH12 sing N N 35  
ARG NH2 HH21 sing N N 36  
ARG NH2 HH22 sing N N 37  
ARG OXT HXT  sing N N 38  
ASN N   CA   sing N N 39  
ASN N   H    sing N N 40  
ASN N   H2   sing N N 41  
ASN CA  C    sing N N 42  
ASN CA  CB   sing N N 43  
ASN CA  HA   sing N N 44  
ASN C   O    doub N N 45  
ASN C   OXT  sing N N 46  
ASN CB  CG   sing N N 47  
ASN CB  HB2  sing N N 48  
ASN CB  HB3  sing N N 49  
ASN CG  OD1  doub N N 50  
ASN CG  ND2  sing N N 51  
ASN ND2 HD21 sing N N 52  
ASN ND2 HD22 sing N N 53  
ASN OXT HXT  sing N N 54  
ASP N   CA   sing N N 55  
ASP N   H    sing N N 56  
ASP N   H2   sing N N 57  
ASP CA  C    sing N N 58  
ASP CA  CB   sing N N 59  
ASP CA  HA   sing N N 60  
ASP C   O    doub N N 61  
ASP C   OXT  sing N N 62  
ASP CB  CG   sing N N 63  
ASP CB  HB2  sing N N 64  
ASP CB  HB3  sing N N 65  
ASP CG  OD1  doub N N 66  
ASP CG  OD2  sing N N 67  
ASP OD2 HD2  sing N N 68  
ASP OXT HXT  sing N N 69  
CYS N   CA   sing N N 70  
CYS N   H    sing N N 71  
CYS N   H2   sing N N 72  
CYS CA  C    sing N N 73  
CYS CA  CB   sing N N 74  
CYS CA  HA   sing N N 75  
CYS C   O    doub N N 76  
CYS C   OXT  sing N N 77  
CYS CB  SG   sing N N 78  
CYS CB  HB2  sing N N 79  
CYS CB  HB3  sing N N 80  
CYS SG  HG   sing N N 81  
CYS OXT HXT  sing N N 82  
EDO C1  O1   sing N N 83  
EDO C1  C2   sing N N 84  
EDO C1  H11  sing N N 85  
EDO C1  H12  sing N N 86  
EDO O1  HO1  sing N N 87  
EDO C2  O2   sing N N 88  
EDO C2  H21  sing N N 89  
EDO C2  H22  sing N N 90  
EDO O2  HO2  sing N N 91  
GLN N   CA   sing N N 92  
GLN N   H    sing N N 93  
GLN N   H2   sing N N 94  
GLN CA  C    sing N N 95  
GLN CA  CB   sing N N 96  
GLN CA  HA   sing N N 97  
GLN C   O    doub N N 98  
GLN C   OXT  sing N N 99  
GLN CB  CG   sing N N 100 
GLN CB  HB2  sing N N 101 
GLN CB  HB3  sing N N 102 
GLN CG  CD   sing N N 103 
GLN CG  HG2  sing N N 104 
GLN CG  HG3  sing N N 105 
GLN CD  OE1  doub N N 106 
GLN CD  NE2  sing N N 107 
GLN NE2 HE21 sing N N 108 
GLN NE2 HE22 sing N N 109 
GLN OXT HXT  sing N N 110 
GLU N   CA   sing N N 111 
GLU N   H    sing N N 112 
GLU N   H2   sing N N 113 
GLU CA  C    sing N N 114 
GLU CA  CB   sing N N 115 
GLU CA  HA   sing N N 116 
GLU C   O    doub N N 117 
GLU C   OXT  sing N N 118 
GLU CB  CG   sing N N 119 
GLU CB  HB2  sing N N 120 
GLU CB  HB3  sing N N 121 
GLU CG  CD   sing N N 122 
GLU CG  HG2  sing N N 123 
GLU CG  HG3  sing N N 124 
GLU CD  OE1  doub N N 125 
GLU CD  OE2  sing N N 126 
GLU OE2 HE2  sing N N 127 
GLU OXT HXT  sing N N 128 
GLY N   CA   sing N N 129 
GLY N   H    sing N N 130 
GLY N   H2   sing N N 131 
GLY CA  C    sing N N 132 
GLY CA  HA2  sing N N 133 
GLY CA  HA3  sing N N 134 
GLY C   O    doub N N 135 
GLY C   OXT  sing N N 136 
GLY OXT HXT  sing N N 137 
HIS N   CA   sing N N 138 
HIS N   H    sing N N 139 
HIS N   H2   sing N N 140 
HIS CA  C    sing N N 141 
HIS CA  CB   sing N N 142 
HIS CA  HA   sing N N 143 
HIS C   O    doub N N 144 
HIS C   OXT  sing N N 145 
HIS CB  CG   sing N N 146 
HIS CB  HB2  sing N N 147 
HIS CB  HB3  sing N N 148 
HIS CG  ND1  sing Y N 149 
HIS CG  CD2  doub Y N 150 
HIS ND1 CE1  doub Y N 151 
HIS ND1 HD1  sing N N 152 
HIS CD2 NE2  sing Y N 153 
HIS CD2 HD2  sing N N 154 
HIS CE1 NE2  sing Y N 155 
HIS CE1 HE1  sing N N 156 
HIS NE2 HE2  sing N N 157 
HIS OXT HXT  sing N N 158 
HOH O   H1   sing N N 159 
HOH O   H2   sing N N 160 
ILE N   CA   sing N N 161 
ILE N   H    sing N N 162 
ILE N   H2   sing N N 163 
ILE CA  C    sing N N 164 
ILE CA  CB   sing N N 165 
ILE CA  HA   sing N N 166 
ILE C   O    doub N N 167 
ILE C   OXT  sing N N 168 
ILE CB  CG1  sing N N 169 
ILE CB  CG2  sing N N 170 
ILE CB  HB   sing N N 171 
ILE CG1 CD1  sing N N 172 
ILE CG1 HG12 sing N N 173 
ILE CG1 HG13 sing N N 174 
ILE CG2 HG21 sing N N 175 
ILE CG2 HG22 sing N N 176 
ILE CG2 HG23 sing N N 177 
ILE CD1 HD11 sing N N 178 
ILE CD1 HD12 sing N N 179 
ILE CD1 HD13 sing N N 180 
ILE OXT HXT  sing N N 181 
LEU N   CA   sing N N 182 
LEU N   H    sing N N 183 
LEU N   H2   sing N N 184 
LEU CA  C    sing N N 185 
LEU CA  CB   sing N N 186 
LEU CA  HA   sing N N 187 
LEU C   O    doub N N 188 
LEU C   OXT  sing N N 189 
LEU CB  CG   sing N N 190 
LEU CB  HB2  sing N N 191 
LEU CB  HB3  sing N N 192 
LEU CG  CD1  sing N N 193 
LEU CG  CD2  sing N N 194 
LEU CG  HG   sing N N 195 
LEU CD1 HD11 sing N N 196 
LEU CD1 HD12 sing N N 197 
LEU CD1 HD13 sing N N 198 
LEU CD2 HD21 sing N N 199 
LEU CD2 HD22 sing N N 200 
LEU CD2 HD23 sing N N 201 
LEU OXT HXT  sing N N 202 
LYS N   CA   sing N N 203 
LYS N   H    sing N N 204 
LYS N   H2   sing N N 205 
LYS CA  C    sing N N 206 
LYS CA  CB   sing N N 207 
LYS CA  HA   sing N N 208 
LYS C   O    doub N N 209 
LYS C   OXT  sing N N 210 
LYS CB  CG   sing N N 211 
LYS CB  HB2  sing N N 212 
LYS CB  HB3  sing N N 213 
LYS CG  CD   sing N N 214 
LYS CG  HG2  sing N N 215 
LYS CG  HG3  sing N N 216 
LYS CD  CE   sing N N 217 
LYS CD  HD2  sing N N 218 
LYS CD  HD3  sing N N 219 
LYS CE  NZ   sing N N 220 
LYS CE  HE2  sing N N 221 
LYS CE  HE3  sing N N 222 
LYS NZ  HZ1  sing N N 223 
LYS NZ  HZ2  sing N N 224 
LYS NZ  HZ3  sing N N 225 
LYS OXT HXT  sing N N 226 
MET N   CA   sing N N 227 
MET N   H    sing N N 228 
MET N   H2   sing N N 229 
MET CA  C    sing N N 230 
MET CA  CB   sing N N 231 
MET CA  HA   sing N N 232 
MET C   O    doub N N 233 
MET C   OXT  sing N N 234 
MET CB  CG   sing N N 235 
MET CB  HB2  sing N N 236 
MET CB  HB3  sing N N 237 
MET CG  SD   sing N N 238 
MET CG  HG2  sing N N 239 
MET CG  HG3  sing N N 240 
MET SD  CE   sing N N 241 
MET CE  HE1  sing N N 242 
MET CE  HE2  sing N N 243 
MET CE  HE3  sing N N 244 
MET OXT HXT  sing N N 245 
PHE N   CA   sing N N 246 
PHE N   H    sing N N 247 
PHE N   H2   sing N N 248 
PHE CA  C    sing N N 249 
PHE CA  CB   sing N N 250 
PHE CA  HA   sing N N 251 
PHE C   O    doub N N 252 
PHE C   OXT  sing N N 253 
PHE CB  CG   sing N N 254 
PHE CB  HB2  sing N N 255 
PHE CB  HB3  sing N N 256 
PHE CG  CD1  doub Y N 257 
PHE CG  CD2  sing Y N 258 
PHE CD1 CE1  sing Y N 259 
PHE CD1 HD1  sing N N 260 
PHE CD2 CE2  doub Y N 261 
PHE CD2 HD2  sing N N 262 
PHE CE1 CZ   doub Y N 263 
PHE CE1 HE1  sing N N 264 
PHE CE2 CZ   sing Y N 265 
PHE CE2 HE2  sing N N 266 
PHE CZ  HZ   sing N N 267 
PHE OXT HXT  sing N N 268 
PRO N   CA   sing N N 269 
PRO N   CD   sing N N 270 
PRO N   H    sing N N 271 
PRO CA  C    sing N N 272 
PRO CA  CB   sing N N 273 
PRO CA  HA   sing N N 274 
PRO C   O    doub N N 275 
PRO C   OXT  sing N N 276 
PRO CB  CG   sing N N 277 
PRO CB  HB2  sing N N 278 
PRO CB  HB3  sing N N 279 
PRO CG  CD   sing N N 280 
PRO CG  HG2  sing N N 281 
PRO CG  HG3  sing N N 282 
PRO CD  HD2  sing N N 283 
PRO CD  HD3  sing N N 284 
PRO OXT HXT  sing N N 285 
SER N   CA   sing N N 286 
SER N   H    sing N N 287 
SER N   H2   sing N N 288 
SER CA  C    sing N N 289 
SER CA  CB   sing N N 290 
SER CA  HA   sing N N 291 
SER C   O    doub N N 292 
SER C   OXT  sing N N 293 
SER CB  OG   sing N N 294 
SER CB  HB2  sing N N 295 
SER CB  HB3  sing N N 296 
SER OG  HG   sing N N 297 
SER OXT HXT  sing N N 298 
SO4 S   O1   doub N N 299 
SO4 S   O2   doub N N 300 
SO4 S   O3   sing N N 301 
SO4 S   O4   sing N N 302 
THR N   CA   sing N N 303 
THR N   H    sing N N 304 
THR N   H2   sing N N 305 
THR CA  C    sing N N 306 
THR CA  CB   sing N N 307 
THR CA  HA   sing N N 308 
THR C   O    doub N N 309 
THR C   OXT  sing N N 310 
THR CB  OG1  sing N N 311 
THR CB  CG2  sing N N 312 
THR CB  HB   sing N N 313 
THR OG1 HG1  sing N N 314 
THR CG2 HG21 sing N N 315 
THR CG2 HG22 sing N N 316 
THR CG2 HG23 sing N N 317 
THR OXT HXT  sing N N 318 
TRP N   CA   sing N N 319 
TRP N   H    sing N N 320 
TRP N   H2   sing N N 321 
TRP CA  C    sing N N 322 
TRP CA  CB   sing N N 323 
TRP CA  HA   sing N N 324 
TRP C   O    doub N N 325 
TRP C   OXT  sing N N 326 
TRP CB  CG   sing N N 327 
TRP CB  HB2  sing N N 328 
TRP CB  HB3  sing N N 329 
TRP CG  CD1  doub Y N 330 
TRP CG  CD2  sing Y N 331 
TRP CD1 NE1  sing Y N 332 
TRP CD1 HD1  sing N N 333 
TRP CD2 CE2  doub Y N 334 
TRP CD2 CE3  sing Y N 335 
TRP NE1 CE2  sing Y N 336 
TRP NE1 HE1  sing N N 337 
TRP CE2 CZ2  sing Y N 338 
TRP CE3 CZ3  doub Y N 339 
TRP CE3 HE3  sing N N 340 
TRP CZ2 CH2  doub Y N 341 
TRP CZ2 HZ2  sing N N 342 
TRP CZ3 CH2  sing Y N 343 
TRP CZ3 HZ3  sing N N 344 
TRP CH2 HH2  sing N N 345 
TRP OXT HXT  sing N N 346 
TYR N   CA   sing N N 347 
TYR N   H    sing N N 348 
TYR N   H2   sing N N 349 
TYR CA  C    sing N N 350 
TYR CA  CB   sing N N 351 
TYR CA  HA   sing N N 352 
TYR C   O    doub N N 353 
TYR C   OXT  sing N N 354 
TYR CB  CG   sing N N 355 
TYR CB  HB2  sing N N 356 
TYR CB  HB3  sing N N 357 
TYR CG  CD1  doub Y N 358 
TYR CG  CD2  sing Y N 359 
TYR CD1 CE1  sing Y N 360 
TYR CD1 HD1  sing N N 361 
TYR CD2 CE2  doub Y N 362 
TYR CD2 HD2  sing N N 363 
TYR CE1 CZ   doub Y N 364 
TYR CE1 HE1  sing N N 365 
TYR CE2 CZ   sing Y N 366 
TYR CE2 HE2  sing N N 367 
TYR CZ  OH   sing N N 368 
TYR OH  HH   sing N N 369 
TYR OXT HXT  sing N N 370 
UWS C   C1   sing N N 371 
UWS C1  N2   doub Y N 372 
UWS C1  C2   sing Y N 373 
UWS N2  O1   sing Y N 374 
UWS C2  C3   doub Y N 375 
UWS O1  C3   sing Y N 376 
UWS C3  C4   sing N N 377 
UWS C4  N    sing N N 378 
UWS N1  N    sing N N 379 
UWS N1  C5   doub N N 380 
UWS N   C9   sing N N 381 
UWS O   C9   doub N N 382 
UWS C6  C5   sing N N 383 
UWS C9  C8   sing N N 384 
UWS C5  C7   sing N N 385 
UWS C8  C7   doub N N 386 
UWS C4  H1   sing N N 387 
UWS C4  H2   sing N N 388 
UWS C6  H3   sing N N 389 
UWS C6  H4   sing N N 390 
UWS C6  H5   sing N N 391 
UWS C7  H6   sing N N 392 
UWS C8  H7   sing N N 393 
UWS C   H8   sing N N 394 
UWS C   H9   sing N N 395 
UWS C   H10  sing N N 396 
UWS C2  H11  sing N N 397 
VAL N   CA   sing N N 398 
VAL N   H    sing N N 399 
VAL N   H2   sing N N 400 
VAL CA  C    sing N N 401 
VAL CA  CB   sing N N 402 
VAL CA  HA   sing N N 403 
VAL C   O    doub N N 404 
VAL C   OXT  sing N N 405 
VAL CB  CG1  sing N N 406 
VAL CB  CG2  sing N N 407 
VAL CB  HB   sing N N 408 
VAL CG1 HG11 sing N N 409 
VAL CG1 HG12 sing N N 410 
VAL CG1 HG13 sing N N 411 
VAL CG2 HG21 sing N N 412 
VAL CG2 HG22 sing N N 413 
VAL CG2 HG23 sing N N 414 
VAL OXT HXT  sing N N 415 
# 
_pdbx_audit_support.ordinal                1 
_pdbx_audit_support.funding_organization   'European Union (EU)' 
_pdbx_audit_support.grant_number           875510 
_pdbx_audit_support.country                'European Union' 
# 
_pdbx_deposit_group.group_id            G_1002320 
_pdbx_deposit_group.group_description   
;PRYSPRY domain of murine TRIM21 screened against the DSI-poised Fragment Library by X-ray Crystallography at the XChem facility of Diamon Light Source
;
_pdbx_deposit_group.group_title         'PanDDA analysis group deposition' 
_pdbx_deposit_group.group_type          'changed state' 
# 
_pdbx_initial_refinement_model.id               1 
_pdbx_initial_refinement_model.entity_id_list   ? 
_pdbx_initial_refinement_model.type             'experimental model' 
_pdbx_initial_refinement_model.source_name      PDB 
_pdbx_initial_refinement_model.accession_code   2VOK 
_pdbx_initial_refinement_model.details          ? 
# 
_atom_sites.entry_id                    7HLC 
_atom_sites.fract_transf_matrix[1][1]   -0.00912875 
_atom_sites.fract_transf_matrix[1][2]   0.00138671 
_atom_sites.fract_transf_matrix[1][3]   -0.00485484 
_atom_sites.fract_transf_matrix[2][1]   0.00232016 
_atom_sites.fract_transf_matrix[2][2]   0.01006115 
_atom_sites.fract_transf_matrix[2][3]   -0.00148889 
_atom_sites.fract_transf_matrix[3][1]   0.00942004 
_atom_sites.fract_transf_matrix[3][2]   -0.00500510 
_atom_sites.fract_transf_matrix[3][3]   -0.01914250 
_atom_sites.fract_transf_vector[1]      -0.298465 
_atom_sites.fract_transf_vector[2]      -0.116920 
_atom_sites.fract_transf_vector[3]      -0.503910 
# 
loop_
_atom_type.symbol 
C 
N 
O 
S 
# 
loop_
_atom_site.group_PDB 
_atom_site.id 
_atom_site.type_symbol 
_atom_site.label_atom_id 
_atom_site.label_alt_id 
_atom_site.label_comp_id 
_atom_site.label_asym_id 
_atom_site.label_entity_id 
_atom_site.label_seq_id 
_atom_site.pdbx_PDB_ins_code 
_atom_site.Cartn_x 
_atom_site.Cartn_y 
_atom_site.Cartn_z 
_atom_site.occupancy 
_atom_site.B_iso_or_equiv 
_atom_site.pdbx_formal_charge 
_atom_site.auth_seq_id 
_atom_site.auth_comp_id 
_atom_site.auth_asym_id 
_atom_site.auth_atom_id 
_atom_site.pdbx_PDB_model_num 
ATOM   1    N N   . HIS A 1 2   ? -8.267  -3.311  -18.046 1.00 107.66 ? 8   HIS B N   1 
ATOM   2    C CA  . HIS A 1 2   ? -9.332  -3.204  -16.999 1.00 100.32 ? 8   HIS B CA  1 
ATOM   3    C C   . HIS A 1 2   ? -10.189 -1.955  -17.247 1.00 105.18 ? 8   HIS B C   1 
ATOM   4    O O   . HIS A 1 2   ? -9.662  -0.982  -17.837 1.00 111.60 ? 8   HIS B O   1 
ATOM   5    C CB  . HIS A 1 2   ? -8.706  -3.179  -15.597 1.00 91.87  ? 8   HIS B CB  1 
ATOM   6    C CG  . HIS A 1 2   ? -8.087  -1.868  -15.231 1.00 83.98  ? 8   HIS B CG  1 
ATOM   7    N ND1 . HIS A 1 2   ? -8.610  -1.058  -14.243 1.00 80.14  ? 8   HIS B ND1 1 
ATOM   8    C CD2 . HIS A 1 2   ? -7.009  -1.219  -15.723 1.00 80.08  ? 8   HIS B CD2 1 
ATOM   9    C CE1 . HIS A 1 2   ? -7.880  0.032   -14.140 1.00 79.43  ? 8   HIS B CE1 1 
ATOM   10   N NE2 . HIS A 1 2   ? -6.888  -0.041  -15.034 1.00 78.80  ? 8   HIS B NE2 1 
ATOM   11   N N   . HIS A 1 3   ? -11.447 -1.986  -16.794 1.00 105.54 ? 9   HIS B N   1 
ATOM   12   C CA  . HIS A 1 3   ? -12.410 -0.848  -16.814 1.00 104.16 ? 9   HIS B CA  1 
ATOM   13   C C   . HIS A 1 3   ? -12.928 -0.597  -15.386 1.00 91.96  ? 9   HIS B C   1 
ATOM   14   O O   . HIS A 1 3   ? -14.163 -0.486  -15.219 1.00 84.80  ? 9   HIS B O   1 
ATOM   15   C CB  . HIS A 1 3   ? -13.534 -1.124  -17.834 1.00 111.36 ? 9   HIS B CB  1 
ATOM   16   C CG  . HIS A 1 3   ? -13.066 -1.368  -19.236 1.00 115.87 ? 9   HIS B CG  1 
ATOM   17   N ND1 . HIS A 1 3   ? -12.498 -0.374  -20.020 1.00 112.94 ? 9   HIS B ND1 1 
ATOM   18   C CD2 . HIS A 1 3   ? -13.099 -2.479  -20.009 1.00 116.16 ? 9   HIS B CD2 1 
ATOM   19   C CE1 . HIS A 1 3   ? -12.191 -0.866  -21.204 1.00 111.29 ? 9   HIS B CE1 1 
ATOM   20   N NE2 . HIS A 1 3   ? -12.551 -2.157  -21.224 1.00 112.87 ? 9   HIS B NE2 1 
ATOM   21   N N   . HIS A 1 4   ? -12.011 -0.492  -14.407 1.00 78.29  ? 10  HIS B N   1 
ATOM   22   C CA  . HIS A 1 4   ? -12.279 -0.485  -12.936 1.00 67.90  ? 10  HIS B CA  1 
ATOM   23   C C   . HIS A 1 4   ? -12.334 0.949   -12.386 1.00 64.42  ? 10  HIS B C   1 
ATOM   24   O O   . HIS A 1 4   ? -12.929 1.138   -11.295 1.00 52.02  ? 10  HIS B O   1 
ATOM   25   C CB  . HIS A 1 4   ? -11.229 -1.331  -12.200 1.00 59.18  ? 10  HIS B CB  1 
ATOM   26   C CG  . HIS A 1 4   ? -11.307 -2.788  -12.521 1.00 58.97  ? 10  HIS B CG  1 
ATOM   27   N ND1 . HIS A 1 4   ? -12.517 -3.455  -12.682 1.00 59.86  ? 10  HIS B ND1 1 
ATOM   28   C CD2 . HIS A 1 4   ? -10.345 -3.718  -12.678 1.00 57.18  ? 10  HIS B CD2 1 
ATOM   29   C CE1 . HIS A 1 4   ? -12.292 -4.725  -12.948 1.00 61.78  ? 10  HIS B CE1 1 
ATOM   30   N NE2 . HIS A 1 4   ? -10.965 -4.917  -12.936 1.00 62.62  ? 10  HIS B NE2 1 
ATOM   31   N N   . HIS A 1 5   ? -11.785 1.914   -13.137 1.00 66.63  ? 11  HIS B N   1 
ATOM   32   C CA  . HIS A 1 5   ? -11.656 3.357   -12.780 1.00 74.61  ? 11  HIS B CA  1 
ATOM   33   C C   . HIS A 1 5   ? -12.984 3.944   -12.265 1.00 75.23  ? 11  HIS B C   1 
ATOM   34   O O   . HIS A 1 5   ? -12.917 4.900   -11.460 1.00 74.70  ? 11  HIS B O   1 
ATOM   35   C CB  . HIS A 1 5   ? -11.123 4.172   -13.975 1.00 81.65  ? 11  HIS B CB  1 
ATOM   36   C CG  . HIS A 1 5   ? -10.049 3.493   -14.764 1.00 92.91  ? 11  HIS B CG  1 
ATOM   37   N ND1 . HIS A 1 5   ? -10.292 2.907   -15.997 1.00 105.45 ? 11  HIS B ND1 1 
ATOM   38   C CD2 . HIS A 1 5   ? -8.738  3.293   -14.506 1.00 97.21  ? 11  HIS B CD2 1 
ATOM   39   C CE1 . HIS A 1 5   ? -9.176  2.379   -16.461 1.00 103.82 ? 11  HIS B CE1 1 
ATOM   40   N NE2 . HIS A 1 5   ? -8.208  2.603   -15.565 1.00 101.35 ? 11  HIS B NE2 1 
ATOM   41   N N   . HIS A 1 6   ? -14.138 3.413   -12.704 1.00 72.71  ? 12  HIS B N   1 
ATOM   42   C CA  . HIS A 1 6   ? -15.501 3.917   -12.363 1.00 67.65  ? 12  HIS B CA  1 
ATOM   43   C C   . HIS A 1 6   ? -15.972 3.429   -10.978 1.00 59.08  ? 12  HIS B C   1 
ATOM   44   O O   . HIS A 1 6   ? -17.049 3.887   -10.554 1.00 61.16  ? 12  HIS B O   1 
ATOM   45   C CB  . HIS A 1 6   ? -16.504 3.572   -13.479 1.00 76.72  ? 12  HIS B CB  1 
ATOM   46   C CG  . HIS A 1 6   ? -16.941 2.145   -13.507 1.00 81.16  ? 12  HIS B CG  1 
ATOM   47   N ND1 . HIS A 1 6   ? -17.965 1.666   -12.710 1.00 82.61  ? 12  HIS B ND1 1 
ATOM   48   C CD2 . HIS A 1 6   ? -16.516 1.101   -14.249 1.00 83.44  ? 12  HIS B CD2 1 
ATOM   49   C CE1 . HIS A 1 6   ? -18.143 0.381   -12.951 1.00 81.86  ? 12  HIS B CE1 1 
ATOM   50   N NE2 . HIS A 1 6   ? -17.267 0.011   -13.891 1.00 85.96  ? 12  HIS B NE2 1 
ATOM   51   N N   . HIS A 1 7   ? -15.216 2.548   -10.298 1.00 46.96  ? 13  HIS B N   1 
ATOM   52   C CA  . HIS A 1 7   ? -15.356 2.254   -8.838  1.00 38.77  ? 13  HIS B CA  1 
ATOM   53   C C   . HIS A 1 7   ? -14.341 3.083   -8.058  1.00 35.06  ? 13  HIS B C   1 
ATOM   54   O O   . HIS A 1 7   ? -13.958 2.654   -6.952  1.00 25.50  ? 13  HIS B O   1 
ATOM   55   C CB  . HIS A 1 7   ? -15.157 0.761   -8.544  1.00 36.51  ? 13  HIS B CB  1 
ATOM   56   C CG  . HIS A 1 7   ? -16.114 -0.094  -9.302  1.00 39.12  ? 13  HIS B CG  1 
ATOM   57   N ND1 . HIS A 1 7   ? -17.471 -0.073  -9.019  1.00 34.86  ? 13  HIS B ND1 1 
ATOM   58   C CD2 . HIS A 1 7   ? -15.934 -0.973  -10.316 1.00 40.26  ? 13  HIS B CD2 1 
ATOM   59   C CE1 . HIS A 1 7   ? -18.097 -0.918  -9.822  1.00 37.42  ? 13  HIS B CE1 1 
ATOM   60   N NE2 . HIS A 1 7   ? -17.182 -1.462  -10.654 1.00 42.81  ? 13  HIS B NE2 1 
ATOM   61   N N   . MET A 1 8   ? -13.881 4.192   -8.642  1.00 34.13  ? 14  MET B N   1 
ATOM   62   C CA  . MET A 1 8   ? -12.863 5.094   -8.046  1.00 36.77  ? 14  MET B CA  1 
ATOM   63   C C   . MET A 1 8   ? -13.364 5.566   -6.670  1.00 34.30  ? 14  MET B C   1 
ATOM   64   O O   . MET A 1 8   ? -14.555 5.888   -6.510  1.00 37.90  ? 14  MET B O   1 
ATOM   65   C CB  . MET A 1 8   ? -12.573 6.279   -8.987  1.00 44.87  ? 14  MET B CB  1 
ATOM   66   C CG  . MET A 1 8   ? -11.446 7.249   -8.550  1.00 53.05  ? 14  MET B CG  1 
ATOM   67   S SD  . MET A 1 8   ? -9.735  6.563   -8.347  1.00 62.27  ? 14  MET B SD  1 
ATOM   68   C CE  . MET A 1 8   ? -8.788  7.321   -9.671  1.00 57.29  ? 14  MET B CE  1 
ATOM   69   N N   . VAL A 1 9   ? -12.489 5.524   -5.670  1.00 26.61  ? 15  VAL B N   1 
ATOM   70   C CA  . VAL A 1 9   ? -12.775 6.039   -4.303  1.00 28.19  ? 15  VAL B CA  1 
ATOM   71   C C   . VAL A 1 9   ? -11.672 7.045   -3.941  1.00 30.88  ? 15  VAL B C   1 
ATOM   72   O O   . VAL A 1 9   ? -10.510 6.890   -4.448  1.00 30.45  ? 15  VAL B O   1 
ATOM   73   C CB  . VAL A 1 9   ? -12.919 4.900   -3.275  1.00 30.89  ? 15  VAL B CB  1 
ATOM   74   C CG1 . VAL A 1 9   ? -14.158 4.064   -3.547  1.00 32.64  ? 15  VAL B CG1 1 
ATOM   75   C CG2 . VAL A 1 9   ? -11.699 4.001   -3.226  1.00 30.37  ? 15  VAL B CG2 1 
ATOM   76   N N   . HIS A 1 10  ? -12.034 8.055   -3.131  1.00 30.44  ? 16  HIS B N   1 
ATOM   77   C CA  . HIS A 1 10  ? -11.120 9.121   -2.674  1.00 28.32  ? 16  HIS B CA  1 
ATOM   78   C C   . HIS A 1 10  ? -10.443 8.616   -1.394  1.00 25.32  ? 16  HIS B C   1 
ATOM   79   O O   . HIS A 1 10  ? -11.093 8.532   -0.323  1.00 28.57  ? 16  HIS B O   1 
ATOM   80   C CB  . HIS A 1 10  ? -11.849 10.449  -2.468  1.00 29.00  ? 16  HIS B CB  1 
ATOM   81   C CG  . HIS A 1 10  ? -10.956 11.605  -2.145  1.00 33.85  ? 16  HIS B CG  1 
ATOM   82   N ND1 . HIS A 1 10  ? -10.196 12.249  -3.102  1.00 37.85  ? 16  HIS B ND1 1 
ATOM   83   C CD2 . HIS A 1 10  ? -10.711 12.245  -0.971  1.00 40.05  ? 16  HIS B CD2 1 
ATOM   84   C CE1 . HIS A 1 10  ? -9.513  13.243  -2.541  1.00 38.15  ? 16  HIS B CE1 1 
ATOM   85   N NE2 . HIS A 1 10  ? -9.815  13.268  -1.218  1.00 40.59  ? 16  HIS B NE2 1 
ATOM   86   N N   . ILE A 1 11  ? -9.184  8.210   -1.522  1.00 20.81  ? 17  ILE B N   1 
ATOM   87   C CA  . ILE A 1 11  ? -8.419  7.693   -0.373  1.00 20.31  ? 17  ILE B CA  1 
ATOM   88   C C   . ILE A 1 11  ? -7.614  8.843   0.244   1.00 19.71  ? 17  ILE B C   1 
ATOM   89   O O   . ILE A 1 11  ? -7.104  9.656   -0.475  1.00 21.19  ? 17  ILE B O   1 
ATOM   90   C CB  . ILE A 1 11  ? -7.500  6.541   -0.826  1.00 20.17  ? 17  ILE B CB  1 
ATOM   91   C CG1 . ILE A 1 11  ? -8.338  5.417   -1.434  1.00 21.69  ? 17  ILE B CG1 1 
ATOM   92   C CG2 . ILE A 1 11  ? -6.638  6.070   0.316   1.00 20.76  ? 17  ILE B CG2 1 
ATOM   93   C CD1 . ILE A 1 11  ? -9.417  4.848   -0.511  1.00 21.80  ? 17  ILE B CD1 1 
ATOM   94   N N   . THR A 1 12  ? -7.631  8.901   1.559   1.00 19.20  ? 18  THR B N   1 
ATOM   95   C CA  . THR A 1 12  ? -6.746  9.806   2.319   1.00 20.80  ? 18  THR B CA  1 
ATOM   96   C C   . THR A 1 12  ? -6.007  8.998   3.377   1.00 20.57  ? 18  THR B C   1 
ATOM   97   O O   . THR A 1 12  ? -6.471  7.914   3.781   1.00 20.73  ? 18  THR B O   1 
ATOM   98   C CB  . THR A 1 12  ? -7.523  10.973  2.929   1.00 23.43  ? 18  THR B CB  1 
ATOM   99   O OG1 . THR A 1 12  ? -8.487  10.443  3.826   1.00 21.23  ? 18  THR B OG1 1 
ATOM   100  C CG2 . THR A 1 12  ? -8.137  11.882  1.876   1.00 25.86  ? 18  THR B CG2 1 
ATOM   101  N N   . LEU A 1 13  ? -4.874  9.523   3.832   1.00 17.70  ? 19  LEU B N   1 
ATOM   102  C CA  . LEU A 1 13  ? -4.032  8.823   4.814   1.00 18.85  ? 19  LEU B CA  1 
ATOM   103  C C   . LEU A 1 13  ? -4.440  9.163   6.242   1.00 18.87  ? 19  LEU B C   1 
ATOM   104  O O   . LEU A 1 13  ? -4.786  10.330  6.536   1.00 19.90  ? 19  LEU B O   1 
ATOM   105  C CB  . LEU A 1 13  ? -2.578  9.193   4.524   1.00 18.19  ? 19  LEU B CB  1 
ATOM   106  C CG  . LEU A 1 13  ? -2.118  8.817   3.123   1.00 18.13  ? 19  LEU B CG  1 
ATOM   107  C CD1 . LEU A 1 13  ? -0.776  9.423   2.788   1.00 20.57  ? 19  LEU B CD1 1 
ATOM   108  C CD2 . LEU A 1 13  ? -2.089  7.288   2.958   1.00 19.96  ? 19  LEU B CD2 1 
ATOM   109  N N   . ASP A 1 14  ? -4.316  8.197   7.102   1.00 17.52  ? 20  ASP B N   1 
ATOM   110  C CA  . ASP A 1 14  ? -4.657  8.312   8.538   1.00 17.70  ? 20  ASP B CA  1 
ATOM   111  C C   . ASP A 1 14  ? -3.342  8.535   9.327   1.00 18.73  ? 20  ASP B C   1 
ATOM   112  O O   . ASP A 1 14  ? -2.643  7.591   9.621   1.00 17.34  ? 20  ASP B O   1 
ATOM   113  C CB  . ASP A 1 14  ? -5.441  7.104   9.061   1.00 19.06  ? 20  ASP B CB  1 
ATOM   114  C CG  . ASP A 1 14  ? -5.931  7.186   10.499  1.00 24.52  ? 20  ASP B CG  1 
ATOM   115  O OD1 . ASP A 1 14  ? -5.449  8.081   11.242  1.00 24.21  ? 20  ASP B OD1 1 
ATOM   116  O OD2 . ASP A 1 14  ? -6.738  6.270   10.910  1.00 25.18  ? 20  ASP B OD2 1 
ATOM   117  N N   A ARG A 1 15  ? -3.075  9.805   9.665   0.25 19.40  ? 21  ARG B N   1 
ATOM   118  N N   B ARG A 1 15  ? -3.063  9.788   9.691   0.25 20.48  ? 21  ARG B N   1 
ATOM   119  C CA  A ARG A 1 15  ? -1.915  10.285  10.471  0.25 21.19  ? 21  ARG B CA  1 
ATOM   120  C CA  B ARG A 1 15  ? -1.816  10.189  10.398  0.25 22.79  ? 21  ARG B CA  1 
ATOM   121  C C   A ARG A 1 15  ? -1.674  9.404   11.694  0.25 19.73  ? 21  ARG B C   1 
ATOM   122  C C   B ARG A 1 15  ? -1.656  9.424   11.719  0.25 20.81  ? 21  ARG B C   1 
ATOM   123  O O   A ARG A 1 15  ? -0.502  9.145   12.029  0.25 18.63  ? 21  ARG B O   1 
ATOM   124  O O   B ARG A 1 15  ? -0.497  9.222   12.134  0.25 19.46  ? 21  ARG B O   1 
ATOM   125  C CB  A ARG A 1 15  ? -2.172  11.700  11.011  0.25 21.79  ? 21  ARG B CB  1 
ATOM   126  C CB  B ARG A 1 15  ? -1.813  11.703  10.655  0.25 25.63  ? 21  ARG B CB  1 
ATOM   127  C CG  A ARG A 1 15  ? -2.532  12.720  9.944   0.25 23.89  ? 21  ARG B CG  1 
ATOM   128  C CG  B ARG A 1 15  ? -1.814  12.557  9.396   0.25 29.12  ? 21  ARG B CG  1 
ATOM   129  C CD  A ARG A 1 15  ? -2.621  14.155  10.441  0.25 23.51  ? 21  ARG B CD  1 
ATOM   130  C CD  B ARG A 1 15  ? -3.205  12.968  8.939   0.25 34.27  ? 21  ARG B CD  1 
ATOM   131  N NE  A ARG A 1 15  ? -2.385  15.033  9.313   0.25 22.62  ? 21  ARG B NE  1 
ATOM   132  N NE  B ARG A 1 15  ? -3.655  14.239  9.504   0.25 37.13  ? 21  ARG B NE  1 
ATOM   133  C CZ  A ARG A 1 15  ? -1.185  15.261  8.809   0.25 22.38  ? 21  ARG B CZ  1 
ATOM   134  C CZ  B ARG A 1 15  ? -4.727  14.397  10.275  0.25 39.64  ? 21  ARG B CZ  1 
ATOM   135  N NH1 A ARG A 1 15  ? -0.136  14.709  9.381   0.25 22.40  ? 21  ARG B NH1 1 
ATOM   136  N NH1 B ARG A 1 15  ? -5.482  13.361  10.599  0.25 42.61  ? 21  ARG B NH1 1 
ATOM   137  N NH2 A ARG A 1 15  ? -1.035  16.043  7.759   0.25 23.36  ? 21  ARG B NH2 1 
ATOM   138  N NH2 B ARG A 1 15  ? -5.047  15.598  10.717  0.25 41.00  ? 21  ARG B NH2 1 
ATOM   139  N N   . ASN A 1 16  ? -2.748  9.023   12.385  1.00 20.13  ? 22  ASN B N   1 
ATOM   140  C CA  . ASN A 1 16  ? -2.648  8.328   13.685  1.00 21.88  ? 22  ASN B CA  1 
ATOM   141  C C   . ASN A 1 16  ? -2.030  6.927   13.551  1.00 18.34  ? 22  ASN B C   1 
ATOM   142  O O   . ASN A 1 16  ? -1.499  6.419   14.516  1.00 19.43  ? 22  ASN B O   1 
ATOM   143  C CB  . ASN A 1 16  ? -4.008  8.324   14.372  1.00 24.46  ? 22  ASN B CB  1 
ATOM   144  C CG  . ASN A 1 16  ? -4.376  9.692   14.901  1.00 33.23  ? 22  ASN B CG  1 
ATOM   145  O OD1 . ASN A 1 16  ? -3.556  10.619  14.903  1.00 40.73  ? 22  ASN B OD1 1 
ATOM   146  N ND2 . ASN A 1 16  ? -5.604  9.818   15.369  1.00 39.96  ? 22  ASN B ND2 1 
ATOM   147  N N   . THR A 1 17  ? -2.074  6.331   12.346  1.00 16.57  ? 23  THR B N   1 
ATOM   148  C CA  . THR A 1 17  ? -1.565  4.977   12.081  1.00 16.37  ? 23  THR B CA  1 
ATOM   149  C C   . THR A 1 17  ? -0.099  5.042   11.611  1.00 14.64  ? 23  THR B C   1 
ATOM   150  O O   . THR A 1 17  ? 0.534   3.974   11.544  1.00 16.35  ? 23  THR B O   1 
ATOM   151  C CB  . THR A 1 17  ? -2.380  4.227   11.021  1.00 17.50  ? 23  THR B CB  1 
ATOM   152  O OG1 . THR A 1 17  ? -2.219  4.834   9.739   1.00 15.62  ? 23  THR B OG1 1 
ATOM   153  C CG2 . THR A 1 17  ? -3.852  4.103   11.373  1.00 19.72  ? 23  THR B CG2 1 
ATOM   154  N N   . ALA A 1 18  ? 0.380   6.221   11.244  1.00 14.74  ? 24  ALA B N   1 
ATOM   155  C CA  . ALA A 1 18  ? 1.718   6.361   10.604  1.00 14.59  ? 24  ALA B CA  1 
ATOM   156  C C   . ALA A 1 18  ? 2.837   6.060   11.583  1.00 16.61  ? 24  ALA B C   1 
ATOM   157  O O   . ALA A 1 18  ? 2.839   6.538   12.736  1.00 16.28  ? 24  ALA B O   1 
ATOM   158  C CB  . ALA A 1 18  ? 1.882   7.733   10.055  1.00 15.92  ? 24  ALA B CB  1 
ATOM   159  N N   . ASN A 1 19  ? 3.859   5.369   11.104  1.00 15.09  ? 25  ASN B N   1 
ATOM   160  C CA  . ASN A 1 19  ? 5.169   5.378   11.768  1.00 14.85  ? 25  ASN B CA  1 
ATOM   161  C C   . ASN A 1 19  ? 5.563   6.819   12.066  1.00 13.61  ? 25  ASN B C   1 
ATOM   162  O O   . ASN A 1 19  ? 5.330   7.751   11.269  1.00 14.30  ? 25  ASN B O   1 
ATOM   163  C CB  . ASN A 1 19  ? 6.147   4.634   10.879  1.00 15.04  ? 25  ASN B CB  1 
ATOM   164  C CG  . ASN A 1 19  ? 7.527   4.673   11.458  1.00 17.82  ? 25  ASN B CG  1 
ATOM   165  O OD1 . ASN A 1 19  ? 8.285   5.581   11.180  1.00 17.82  ? 25  ASN B OD1 1 
ATOM   166  N ND2 . ASN A 1 19  ? 7.794   3.750   12.342  1.00 20.73  ? 25  ASN B ND2 1 
ATOM   167  N N   . SER A 1 20  ? 6.217   7.008   13.198  1.00 15.05  ? 26  SER B N   1 
ATOM   168  C CA  . SER A 1 20  ? 6.521   8.343   13.742  1.00 15.84  ? 26  SER B CA  1 
ATOM   169  C C   . SER A 1 20  ? 7.600   9.062   12.915  1.00 16.20  ? 26  SER B C   1 
ATOM   170  O O   . SER A 1 20  ? 7.759   10.261  13.157  1.00 16.69  ? 26  SER B O   1 
ATOM   171  C CB  . SER A 1 20  ? 6.917   8.221   15.183  1.00 19.40  ? 26  SER B CB  1 
ATOM   172  O OG  . SER A 1 20  ? 8.148   7.534   15.248  1.00 23.73  ? 26  SER B OG  1 
ATOM   173  N N   . TRP A 1 21  ? 8.263   8.440   11.938  1.00 15.20  ? 27  TRP B N   1 
ATOM   174  C CA  . TRP A 1 21  ? 9.205   9.157   11.055  1.00 16.03  ? 27  TRP B CA  1 
ATOM   175  C C   . TRP A 1 21  ? 8.526   9.655   9.787   1.00 16.15  ? 27  TRP B C   1 
ATOM   176  O O   . TRP A 1 21  ? 9.190   10.362  9.001   1.00 16.10  ? 27  TRP B O   1 
ATOM   177  C CB  . TRP A 1 21  ? 10.325  8.217   10.678  1.00 17.84  ? 27  TRP B CB  1 
ATOM   178  C CG  . TRP A 1 21  ? 11.305  8.023   11.797  1.00 21.08  ? 27  TRP B CG  1 
ATOM   179  C CD1 . TRP A 1 21  ? 11.023  7.626   13.076  1.00 23.03  ? 27  TRP B CD1 1 
ATOM   180  C CD2 . TRP A 1 21  ? 12.731  8.186   11.727  1.00 22.22  ? 27  TRP B CD2 1 
ATOM   181  N NE1 . TRP A 1 21  ? 12.181  7.548   13.818  1.00 27.84  ? 27  TRP B NE1 1 
ATOM   182  C CE2 . TRP A 1 21  ? 13.237  7.870   13.008  1.00 24.44  ? 27  TRP B CE2 1 
ATOM   183  C CE3 . TRP A 1 21  ? 13.613  8.543   10.702  1.00 23.31  ? 27  TRP B CE3 1 
ATOM   184  C CZ2 . TRP A 1 21  ? 14.611  7.911   13.277  1.00 27.28  ? 27  TRP B CZ2 1 
ATOM   185  C CZ3 . TRP A 1 21  ? 14.963  8.607   10.979  1.00 23.38  ? 27  TRP B CZ3 1 
ATOM   186  C CH2 . TRP A 1 21  ? 15.443  8.265   12.240  1.00 26.44  ? 27  TRP B CH2 1 
ATOM   187  N N   . LEU A 1 22  ? 7.240   9.317   9.579   1.00 15.15  ? 28  LEU B N   1 
ATOM   188  C CA  . LEU A 1 22  ? 6.590   9.728   8.314   1.00 15.38  ? 28  LEU B CA  1 
ATOM   189  C C   . LEU A 1 22  ? 6.067   11.172  8.395   1.00 16.96  ? 28  LEU B C   1 
ATOM   190  O O   . LEU A 1 22  ? 5.631   11.624  9.477   1.00 17.07  ? 28  LEU B O   1 
ATOM   191  C CB  . LEU A 1 22  ? 5.433   8.776   8.008   1.00 14.04  ? 28  LEU B CB  1 
ATOM   192  C CG  . LEU A 1 22  ? 5.840   7.335   7.735   1.00 15.73  ? 28  LEU B CG  1 
ATOM   193  C CD1 . LEU A 1 22  ? 4.661   6.503   7.317   1.00 15.34  ? 28  LEU B CD1 1 
ATOM   194  C CD2 . LEU A 1 22  ? 6.877   7.212   6.653   1.00 16.83  ? 28  LEU B CD2 1 
ATOM   195  N N   . ILE A 1 23  ? 6.008   11.806  7.239   1.00 16.17  ? 29  ILE B N   1 
ATOM   196  C CA  . ILE A 1 23  ? 5.470   13.179  7.030   1.00 16.27  ? 29  ILE B CA  1 
ATOM   197  C C   . ILE A 1 23  ? 4.337   13.033  6.019   1.00 16.54  ? 29  ILE B C   1 
ATOM   198  O O   . ILE A 1 23  ? 4.624   12.686  4.843   1.00 16.30  ? 29  ILE B O   1 
ATOM   199  C CB  . ILE A 1 23  ? 6.528   14.160  6.538   1.00 18.32  ? 29  ILE B CB  1 
ATOM   200  C CG1 . ILE A 1 23  ? 7.740   14.244  7.495   1.00 19.31  ? 29  ILE B CG1 1 
ATOM   201  C CG2 . ILE A 1 23  ? 5.875   15.531  6.302   1.00 20.39  ? 29  ILE B CG2 1 
ATOM   202  C CD1 . ILE A 1 23  ? 8.879   15.082  6.979   1.00 22.87  ? 29  ILE B CD1 1 
ATOM   203  N N   . ILE A 1 24  ? 3.137   13.296  6.489   1.00 18.00  ? 30  ILE B N   1 
ATOM   204  C CA  . ILE A 1 24  ? 1.910   13.256  5.657   1.00 19.29  ? 30  ILE B CA  1 
ATOM   205  C C   . ILE A 1 24  ? 1.559   14.694  5.283   1.00 21.10  ? 30  ILE B C   1 
ATOM   206  O O   . ILE A 1 24  ? 1.507   15.590  6.181   1.00 20.90  ? 30  ILE B O   1 
ATOM   207  C CB  . ILE A 1 24  ? 0.779   12.515  6.353   1.00 19.31  ? 30  ILE B CB  1 
ATOM   208  C CG1 . ILE A 1 24  ? 1.076   11.018  6.457   1.00 21.89  ? 30  ILE B CG1 1 
ATOM   209  C CG2 . ILE A 1 24  ? -0.535  12.723  5.619   1.00 19.99  ? 30  ILE B CG2 1 
ATOM   210  C CD1 . ILE A 1 24  ? 0.375   10.376  7.498   1.00 25.91  ? 30  ILE B CD1 1 
ATOM   211  N N   . SER A 1 25  ? 1.255   14.930  4.025   1.00 20.20  ? 31  SER B N   1 
ATOM   212  C CA  . SER A 1 25  ? 0.919   16.286  3.540   1.00 19.21  ? 31  SER B CA  1 
ATOM   213  C C   . SER A 1 25  ? -0.392  16.782  4.184   1.00 19.37  ? 31  SER B C   1 
ATOM   214  O O   . SER A 1 25  ? -1.218  15.999  4.676   1.00 20.33  ? 31  SER B O   1 
ATOM   215  C CB  . SER A 1 25  ? 0.856   16.234  2.046   1.00 20.88  ? 31  SER B CB  1 
ATOM   216  O OG  . SER A 1 25  ? -0.200  15.373  1.623   1.00 21.74  ? 31  SER B OG  1 
ATOM   217  N N   . LYS A 1 26  ? -0.601  18.114  4.140   1.00 23.37  ? 32  LYS B N   1 
ATOM   218  C CA  . LYS A 1 26  ? -1.816  18.760  4.672   1.00 24.22  ? 32  LYS B CA  1 
ATOM   219  C C   . LYS A 1 26  ? -3.084  18.135  4.089   1.00 21.71  ? 32  LYS B C   1 
ATOM   220  O O   . LYS A 1 26  ? -4.022  17.972  4.848   1.00 23.78  ? 32  LYS B O   1 
ATOM   221  C CB  . LYS A 1 26  ? -1.766  20.248  4.314   1.00 27.82  ? 32  LYS B CB  1 
ATOM   222  C CG  . LYS A 1 26  ? -3.023  20.997  4.687   1.00 32.80  ? 32  LYS B CG  1 
ATOM   223  C CD  . LYS A 1 26  ? -2.767  22.476  4.827   1.00 31.94  ? 32  LYS B CD  1 
ATOM   224  C CE  . LYS A 1 26  ? -2.161  23.098  3.605   1.00 35.86  ? 32  LYS B CE  1 
ATOM   225  N NZ  . LYS A 1 26  ? -1.875  24.511  3.917   1.00 39.22  ? 32  LYS B NZ  1 
ATOM   226  N N   . ASP A 1 27  ? -3.090  17.870  2.788   1.00 23.37  ? 33  ASP B N   1 
ATOM   227  C CA  . ASP A 1 27  ? -4.271  17.290  2.096   1.00 22.26  ? 33  ASP B CA  1 
ATOM   228  C C   . ASP A 1 27  ? -4.414  15.775  2.377   1.00 21.65  ? 33  ASP B C   1 
ATOM   229  O O   . ASP A 1 27  ? -5.378  15.203  1.890   1.00 20.91  ? 33  ASP B O   1 
ATOM   230  C CB  . ASP A 1 27  ? -4.249  17.616  0.602   1.00 24.02  ? 33  ASP B CB  1 
ATOM   231  C CG  . ASP A 1 27  ? -3.202  16.904  -0.223  1.00 25.10  ? 33  ASP B CG  1 
ATOM   232  O OD1 . ASP A 1 27  ? -2.398  16.128  0.365   1.00 25.23  ? 33  ASP B OD1 1 
ATOM   233  O OD2 . ASP A 1 27  ? -3.186  17.136  -1.453  1.00 28.08  ? 33  ASP B OD2 1 
ATOM   234  N N   . ARG A 1 28  ? -3.498  15.172  3.130   1.00 19.99  ? 34  ARG B N   1 
ATOM   235  C CA  . ARG A 1 28  ? -3.516  13.723  3.489   1.00 19.41  ? 34  ARG B CA  1 
ATOM   236  C C   . ARG A 1 28  ? -3.487  12.868  2.205   1.00 17.60  ? 34  ARG B C   1 
ATOM   237  O O   . ARG A 1 28  ? -3.916  11.688  2.285   1.00 17.54  ? 34  ARG B O   1 
ATOM   238  C CB  . ARG A 1 28  ? -4.682  13.416  4.434   1.00 23.63  ? 34  ARG B CB  1 
ATOM   239  C CG  . ARG A 1 28  ? -4.623  14.258  5.705   1.00 28.52  ? 34  ARG B CG  1 
ATOM   240  C CD  . ARG A 1 28  ? -5.713  14.037  6.723   1.00 33.55  ? 34  ARG B CD  1 
ATOM   241  N NE  . ARG A 1 28  ? -7.069  14.139  6.228   1.00 47.24  ? 34  ARG B NE  1 
ATOM   242  C CZ  . ARG A 1 28  ? -7.924  13.114  6.040   1.00 59.13  ? 34  ARG B CZ  1 
ATOM   243  N NH1 . ARG A 1 28  ? -7.577  11.849  6.287   1.00 53.13  ? 34  ARG B NH1 1 
ATOM   244  N NH2 . ARG A 1 28  ? -9.144  13.377  5.592   1.00 60.98  ? 34  ARG B NH2 1 
ATOM   245  N N   . ARG A 1 29  ? -2.889  13.346  1.136   1.00 17.57  ? 35  ARG B N   1 
ATOM   246  C CA  . ARG A 1 29  ? -2.740  12.552  -0.123  1.00 17.76  ? 35  ARG B CA  1 
ATOM   247  C C   . ARG A 1 29  ? -1.304  12.162  -0.438  1.00 17.81  ? 35  ARG B C   1 
ATOM   248  O O   . ARG A 1 29  ? -1.126  11.385  -1.394  1.00 18.37  ? 35  ARG B O   1 
ATOM   249  C CB  . ARG A 1 29  ? -3.344  13.316  -1.299  1.00 19.51  ? 35  ARG B CB  1 
ATOM   250  C CG  . ARG A 1 29  ? -4.823  13.570  -1.054  1.00 22.45  ? 35  ARG B CG  1 
ATOM   251  C CD  . ARG A 1 29  ? -5.717  12.438  -1.447  1.00 25.74  ? 35  ARG B CD  1 
ATOM   252  N NE  . ARG A 1 29  ? -5.809  12.443  -2.905  1.00 27.35  ? 35  ARG B NE  1 
ATOM   253  C CZ  . ARG A 1 29  ? -6.515  11.569  -3.620  1.00 28.80  ? 35  ARG B CZ  1 
ATOM   254  N NH1 . ARG A 1 29  ? -7.168  10.592  -3.026  1.00 27.86  ? 35  ARG B NH1 1 
ATOM   255  N NH2 . ARG A 1 29  ? -6.526  11.667  -4.933  1.00 28.30  ? 35  ARG B NH2 1 
ATOM   256  N N   . GLN A 1 30  ? -0.298  12.627  0.309   1.00 16.04  ? 36  GLN B N   1 
ATOM   257  C CA  . GLN A 1 30  ? 1.120   12.324  0.067   1.00 16.12  ? 36  GLN B CA  1 
ATOM   258  C C   . GLN A 1 30  ? 1.798   11.946  1.390   1.00 15.89  ? 36  GLN B C   1 
ATOM   259  O O   . GLN A 1 30  ? 1.407   12.403  2.462   1.00 16.80  ? 36  GLN B O   1 
ATOM   260  C CB  . GLN A 1 30  ? 1.886   13.506  -0.531  1.00 19.26  ? 36  GLN B CB  1 
ATOM   261  C CG  . GLN A 1 30  ? 1.242   14.090  -1.767  1.00 25.56  ? 36  GLN B CG  1 
ATOM   262  C CD  . GLN A 1 30  ? 2.189   15.012  -2.492  1.00 28.12  ? 36  GLN B CD  1 
ATOM   263  O OE1 . GLN A 1 30  ? 3.408   14.982  -2.304  1.00 31.02  ? 36  GLN B OE1 1 
ATOM   264  N NE2 . GLN A 1 30  ? 1.616   15.835  -3.338  1.00 34.34  ? 36  GLN B NE2 1 
ATOM   265  N N   . VAL A 1 31  ? 2.732   11.004  1.312   1.00 14.95  ? 37  VAL B N   1 
ATOM   266  C CA  . VAL A 1 31  ? 3.513   10.589  2.506   1.00 14.53  ? 37  VAL B CA  1 
ATOM   267  C C   . VAL A 1 31  ? 4.958   10.356  2.065   1.00 15.48  ? 37  VAL B C   1 
ATOM   268  O O   . VAL A 1 31  ? 5.204   9.757   1.035   1.00 14.64  ? 37  VAL B O   1 
ATOM   269  C CB  . VAL A 1 31  ? 2.887   9.374   3.225   1.00 14.60  ? 37  VAL B CB  1 
ATOM   270  C CG1 . VAL A 1 31  ? 2.679   8.169   2.306   1.00 15.36  ? 37  VAL B CG1 1 
ATOM   271  C CG2 . VAL A 1 31  ? 3.698   8.975   4.440   1.00 15.49  ? 37  VAL B CG2 1 
ATOM   272  N N   . ARG A 1 32  ? 5.921   10.779  2.886   1.00 14.68  ? 38  ARG B N   1 
ATOM   273  C CA  . ARG A 1 32  ? 7.349   10.483  2.665   1.00 16.44  ? 38  ARG B CA  1 
ATOM   274  C C   . ARG A 1 32  ? 8.007   10.196  4.012   1.00 16.06  ? 38  ARG B C   1 
ATOM   275  O O   . ARG A 1 32  ? 7.451   10.570  5.093   1.00 14.55  ? 38  ARG B O   1 
ATOM   276  C CB  . ARG A 1 32  ? 8.048   11.625  1.941   1.00 16.75  ? 38  ARG B CB  1 
ATOM   277  C CG  . ARG A 1 32  ? 8.183   12.902  2.758   1.00 19.63  ? 38  ARG B CG  1 
ATOM   278  C CD  . ARG A 1 32  ? 8.706   14.006  1.845   1.00 21.81  ? 38  ARG B CD  1 
ATOM   279  N NE  . ARG A 1 32  ? 8.785   15.229  2.615   1.00 25.49  ? 38  ARG B NE  1 
ATOM   280  C CZ  . ARG A 1 32  ? 9.766   15.599  3.413   1.00 23.91  ? 38  ARG B CZ  1 
ATOM   281  N NH1 . ARG A 1 32  ? 10.843  14.867  3.592   1.00 29.65  ? 38  ARG B NH1 1 
ATOM   282  N NH2 . ARG A 1 32  ? 9.651   16.773  4.046   1.00 33.39  ? 38  ARG B NH2 1 
ATOM   283  N N   A MET A 1 33  ? 9.174   9.574   3.914   0.49 16.78  ? 39  MET B N   1 
ATOM   284  N N   B MET A 1 33  ? 9.161   9.537   3.991   0.47 16.83  ? 39  MET B N   1 
ATOM   285  C CA  A MET A 1 33  ? 10.077  9.287   5.056   0.49 18.85  ? 39  MET B CA  1 
ATOM   286  C CA  B MET A 1 33  ? 9.898   9.233   5.252   0.47 18.33  ? 39  MET B CA  1 
ATOM   287  C C   A MET A 1 33  ? 10.773  10.591  5.449   0.49 19.25  ? 39  MET B C   1 
ATOM   288  C C   B MET A 1 33  ? 10.877  10.367  5.532   0.47 18.64  ? 39  MET B C   1 
ATOM   289  O O   A MET A 1 33  ? 11.302  11.266  4.581   0.49 19.39  ? 39  MET B O   1 
ATOM   290  O O   B MET A 1 33  ? 11.773  10.598  4.659   0.47 15.99  ? 39  MET B O   1 
ATOM   291  C CB  A MET A 1 33  ? 11.095  8.221   4.646   0.49 19.25  ? 39  MET B CB  1 
ATOM   292  C CB  B MET A 1 33  ? 10.667  7.912   5.222   0.47 18.84  ? 39  MET B CB  1 
ATOM   293  C CG  A MET A 1 33  ? 12.035  7.791   5.764   0.49 21.62  ? 39  MET B CG  1 
ATOM   294  C CG  B MET A 1 33  ? 11.316  7.579   6.599   0.47 20.48  ? 39  MET B CG  1 
ATOM   295  S SD  A MET A 1 33  ? 11.138  6.997   7.135   0.49 22.55  ? 39  MET B SD  1 
ATOM   296  S SD  B MET A 1 33  ? 12.120  5.945   6.579   0.47 21.88  ? 39  MET B SD  1 
ATOM   297  C CE  A MET A 1 33  ? 12.495  6.328   8.082   0.49 22.99  ? 39  MET B CE  1 
ATOM   298  C CE  B MET A 1 33  ? 12.664  5.854   8.280   0.47 24.14  ? 39  MET B CE  1 
ATOM   299  N N   . GLY A 1 34  ? 10.695  10.975  6.713   1.00 18.54  ? 40  GLY B N   1 
ATOM   300  C CA  . GLY A 1 34  ? 11.526  12.084  7.224   1.00 21.01  ? 40  GLY B CA  1 
ATOM   301  C C   . GLY A 1 34  ? 12.920  11.613  7.582   1.00 21.75  ? 40  GLY B C   1 
ATOM   302  O O   . GLY A 1 34  ? 13.203  10.400  7.582   1.00 21.58  ? 40  GLY B O   1 
ATOM   303  N N   . ASP A 1 35  ? 13.828  12.566  7.820   1.00 27.26  ? 41  ASP B N   1 
ATOM   304  C CA  . ASP A 1 35  ? 15.230  12.198  8.158   1.00 30.93  ? 41  ASP B CA  1 
ATOM   305  C C   . ASP A 1 35  ? 15.337  12.026  9.683   1.00 30.53  ? 41  ASP B C   1 
ATOM   306  O O   . ASP A 1 35  ? 16.431  11.624  10.140  1.00 31.31  ? 41  ASP B O   1 
ATOM   307  C CB  . ASP A 1 35  ? 16.244  13.181  7.549   1.00 36.90  ? 41  ASP B CB  1 
ATOM   308  C CG  . ASP A 1 35  ? 16.535  12.959  6.057   1.00 46.39  ? 41  ASP B CG  1 
ATOM   309  O OD1 . ASP A 1 35  ? 16.423  11.805  5.587   1.00 48.72  ? 41  ASP B OD1 1 
ATOM   310  O OD2 . ASP A 1 35  ? 16.931  13.936  5.367   1.00 50.02  ? 41  ASP B OD2 1 
ATOM   311  N N   . THR A 1 36  ? 14.231  12.186  10.419  1.00 24.27  ? 42  THR B N   1 
ATOM   312  C CA  . THR A 1 36  ? 14.213  12.077  11.911  1.00 24.73  ? 42  THR B CA  1 
ATOM   313  C C   . THR A 1 36  ? 12.810  11.712  12.430  1.00 23.06  ? 42  THR B C   1 
ATOM   314  O O   . THR A 1 36  ? 11.795  11.860  11.673  1.00 19.94  ? 42  THR B O   1 
ATOM   315  C CB  . THR A 1 36  ? 14.691  13.403  12.508  1.00 26.94  ? 42  THR B CB  1 
ATOM   316  O OG1 . THR A 1 36  ? 14.896  13.200  13.898  1.00 28.79  ? 42  THR B OG1 1 
ATOM   317  C CG2 . THR A 1 36  ? 13.685  14.514  12.354  1.00 27.47  ? 42  THR B CG2 1 
ATOM   318  N N   . HIS A 1 37  ? 12.663  11.390  13.715  1.00 24.33  ? 43  HIS B N   1 
ATOM   319  C CA  . HIS A 1 37  ? 11.334  11.375  14.426  1.00 23.28  ? 43  HIS B CA  1 
ATOM   320  C C   . HIS A 1 37  ? 10.575  12.688  14.256  1.00 27.72  ? 43  HIS B C   1 
ATOM   321  O O   . HIS A 1 37  ? 11.158  13.758  14.516  1.00 27.00  ? 43  HIS B O   1 
ATOM   322  C CB  . HIS A 1 37  ? 11.523  11.075  15.932  1.00 24.54  ? 43  HIS B CB  1 
ATOM   323  C CG  . HIS A 1 37  ? 10.297  10.783  16.751  1.00 23.16  ? 43  HIS B CG  1 
ATOM   324  N ND1 . HIS A 1 37  ? 9.365   11.758  17.118  1.00 24.91  ? 43  HIS B ND1 1 
ATOM   325  C CD2 . HIS A 1 37  ? 9.899   9.636   17.341  1.00 21.65  ? 43  HIS B CD2 1 
ATOM   326  C CE1 . HIS A 1 37  ? 8.454   11.199  17.902  1.00 22.86  ? 43  HIS B CE1 1 
ATOM   327  N NE2 . HIS A 1 37  ? 8.754   9.876   18.032  1.00 22.37  ? 43  HIS B NE2 1 
ATOM   328  N N   . GLN A 1 38  ? 9.271   12.636  13.936  1.00 20.51  ? 44  GLN B N   1 
ATOM   329  C CA  . GLN A 1 38  ? 8.459   13.812  13.530  1.00 22.72  ? 44  GLN B CA  1 
ATOM   330  C C   . GLN A 1 38  ? 7.694   14.500  14.676  1.00 26.71  ? 44  GLN B C   1 
ATOM   331  O O   . GLN A 1 38  ? 6.706   15.263  14.428  1.00 27.61  ? 44  GLN B O   1 
ATOM   332  C CB  . GLN A 1 38  ? 7.522   13.381  12.419  1.00 21.35  ? 44  GLN B CB  1 
ATOM   333  C CG  . GLN A 1 38  ? 8.304   13.101  11.172  1.00 19.21  ? 44  GLN B CG  1 
ATOM   334  C CD  . GLN A 1 38  ? 9.245   14.204  10.776  1.00 18.96  ? 44  GLN B CD  1 
ATOM   335  O OE1 . GLN A 1 38  ? 10.431  13.988  10.529  1.00 24.29  ? 44  GLN B OE1 1 
ATOM   336  N NE2 . GLN A 1 38  ? 8.733   15.419  10.723  1.00 20.43  ? 44  GLN B NE2 1 
ATOM   337  N N   . ASN A 1 39  ? 8.144   14.299  15.886  1.00 22.68  ? 45  ASN B N   1 
ATOM   338  C CA  . ASN A 1 39  ? 7.690   15.074  17.074  1.00 20.74  ? 45  ASN B CA  1 
ATOM   339  C C   . ASN A 1 39  ? 6.206   14.836  17.344  1.00 21.99  ? 45  ASN B C   1 
ATOM   340  O O   . ASN A 1 39  ? 5.482   15.805  17.699  1.00 28.50  ? 45  ASN B O   1 
ATOM   341  C CB  . ASN A 1 39  ? 8.054   16.560  16.983  1.00 20.44  ? 45  ASN B CB  1 
ATOM   342  C CG  . ASN A 1 39  ? 8.046   17.186  18.365  1.00 20.16  ? 45  ASN B CG  1 
ATOM   343  O OD1 . ASN A 1 39  ? 8.322   16.485  19.321  1.00 20.50  ? 45  ASN B OD1 1 
ATOM   344  N ND2 . ASN A 1 39  ? 7.761   18.483  18.494  1.00 20.16  ? 45  ASN B ND2 1 
ATOM   345  N N   . VAL A 1 40  ? 5.767   13.575  17.239  1.00 22.08  ? 46  VAL B N   1 
ATOM   346  C CA  . VAL A 1 40  ? 4.393   13.102  17.554  1.00 22.96  ? 46  VAL B CA  1 
ATOM   347  C C   . VAL A 1 40  ? 4.448   12.164  18.757  1.00 23.24  ? 46  VAL B C   1 
ATOM   348  O O   . VAL A 1 40  ? 5.474   11.550  18.944  1.00 22.90  ? 46  VAL B O   1 
ATOM   349  C CB  . VAL A 1 40  ? 3.760   12.382  16.350  1.00 26.35  ? 46  VAL B CB  1 
ATOM   350  C CG1 . VAL A 1 40  ? 3.495   13.346  15.219  1.00 30.46  ? 46  VAL B CG1 1 
ATOM   351  C CG2 . VAL A 1 40  ? 4.597   11.213  15.866  1.00 25.31  ? 46  VAL B CG2 1 
ATOM   352  N N   . SER A 1 41  ? 3.356   12.074  19.525  1.00 25.20  ? 47  SER B N   1 
ATOM   353  C CA  . SER A 1 41  ? 3.199   11.088  20.614  1.00 27.52  ? 47  SER B CA  1 
ATOM   354  C C   . SER A 1 41  ? 3.082   9.683   20.019  1.00 25.02  ? 47  SER B C   1 
ATOM   355  O O   . SER A 1 41  ? 2.557   9.544   18.894  1.00 23.28  ? 47  SER B O   1 
ATOM   356  C CB  . SER A 1 41  ? 2.004   11.403  21.498  1.00 28.93  ? 47  SER B CB  1 
ATOM   357  O OG  . SER A 1 41  ? 0.828   11.501  20.708  1.00 28.88  ? 47  SER B OG  1 
ATOM   358  N N   . ASP A 1 42  ? 3.505   8.679   20.766  1.00 25.88  ? 48  ASP B N   1 
ATOM   359  C CA  . ASP A 1 42  ? 3.273   7.258   20.429  1.00 24.39  ? 48  ASP B CA  1 
ATOM   360  C C   . ASP A 1 42  ? 1.807   6.914   20.718  1.00 26.76  ? 48  ASP B C   1 
ATOM   361  O O   . ASP A 1 42  ? 1.143   7.615   21.489  1.00 27.38  ? 48  ASP B O   1 
ATOM   362  C CB  . ASP A 1 42  ? 4.268   6.358   21.145  1.00 28.27  ? 48  ASP B CB  1 
ATOM   363  C CG  . ASP A 1 42  ? 4.221   4.953   20.595  1.00 31.82  ? 48  ASP B CG  1 
ATOM   364  O OD1 . ASP A 1 42  ? 4.128   4.764   19.297  1.00 25.00  ? 48  ASP B OD1 1 
ATOM   365  O OD2 . ASP A 1 42  ? 4.163   4.057   21.451  1.00 37.89  ? 48  ASP B OD2 1 
ATOM   366  N N   . ASN A 1 43  ? 1.271   5.906   20.030  1.00 22.12  ? 49  ASN B N   1 
ATOM   367  C CA  . ASN A 1 43  ? -0.108  5.396   20.244  1.00 22.82  ? 49  ASN B CA  1 
ATOM   368  C C   . ASN A 1 43  ? -0.129  3.952   19.729  1.00 23.72  ? 49  ASN B C   1 
ATOM   369  O O   . ASN A 1 43  ? 0.835   3.530   19.049  1.00 25.20  ? 49  ASN B O   1 
ATOM   370  C CB  . ASN A 1 43  ? -1.186  6.259   19.640  1.00 22.86  ? 49  ASN B CB  1 
ATOM   371  C CG  . ASN A 1 43  ? -1.208  6.212   18.130  1.00 22.46  ? 49  ASN B CG  1 
ATOM   372  O OD1 . ASN A 1 43  ? -1.309  5.133   17.548  1.00 25.92  ? 49  ASN B OD1 1 
ATOM   373  N ND2 . ASN A 1 43  ? -1.073  7.344   17.514  1.00 22.87  ? 49  ASN B ND2 1 
ATOM   374  N N   . LYS A 1 44  ? -1.162  3.205   20.074  1.00 23.46  ? 50  LYS B N   1 
ATOM   375  C CA  . LYS A 1 44  ? -1.179  1.745   19.805  1.00 25.30  ? 50  LYS B CA  1 
ATOM   376  C C   . LYS A 1 44  ? -1.421  1.469   18.299  1.00 22.12  ? 50  LYS B C   1 
ATOM   377  O O   . LYS A 1 44  ? -1.104  0.308   17.884  1.00 23.59  ? 50  LYS B O   1 
ATOM   378  C CB  . LYS A 1 44  ? -2.292  1.063   20.622  1.00 29.23  ? 50  LYS B CB  1 
ATOM   379  C CG  . LYS A 1 44  ? -3.679  1.587   20.323  1.00 33.17  ? 50  LYS B CG  1 
ATOM   380  C CD  . LYS A 1 44  ? -4.784  1.048   21.222  1.00 41.69  ? 50  LYS B CD  1 
ATOM   381  C CE  . LYS A 1 44  ? -6.111  1.014   20.490  1.00 46.76  ? 50  LYS B CE  1 
ATOM   382  N NZ  . LYS A 1 44  ? -7.228  0.698   21.414  1.00 55.53  ? 50  LYS B NZ  1 
ATOM   383  N N   . GLU A 1 45  ? -1.936  2.449   17.547  1.00 20.82  ? 51  GLU B N   1 
ATOM   384  C CA  . GLU A 1 45  ? -2.224  2.306   16.094  1.00 22.32  ? 51  GLU B CA  1 
ATOM   385  C C   . GLU A 1 45  ? -0.916  2.371   15.287  1.00 20.15  ? 51  GLU B C   1 
ATOM   386  O O   . GLU A 1 45  ? -0.896  1.801   14.159  1.00 20.07  ? 51  GLU B O   1 
ATOM   387  C CB  . GLU A 1 45  ? -3.145  3.407   15.594  1.00 25.23  ? 51  GLU B CB  1 
ATOM   388  C CG  . GLU A 1 45  ? -4.540  3.415   16.198  1.00 33.44  ? 51  GLU B CG  1 
ATOM   389  C CD  . GLU A 1 45  ? -5.355  4.563   15.609  1.00 39.18  ? 51  GLU B CD  1 
ATOM   390  O OE1 . GLU A 1 45  ? -5.421  5.645   16.261  1.00 56.62  ? 51  GLU B OE1 1 
ATOM   391  O OE2 . GLU A 1 45  ? -5.859  4.430   14.463  1.00 42.80  ? 51  GLU B OE2 1 
ATOM   392  N N   . ARG A 1 46  ? 0.130   3.070   15.757  1.00 18.21  ? 52  ARG B N   1 
ATOM   393  C CA  . ARG A 1 46  ? 1.294   3.373   14.874  1.00 17.76  ? 52  ARG B CA  1 
ATOM   394  C C   . ARG A 1 46  ? 2.078   2.110   14.543  1.00 16.43  ? 52  ARG B C   1 
ATOM   395  O O   . ARG A 1 46  ? 2.437   1.327   15.422  1.00 18.68  ? 52  ARG B O   1 
ATOM   396  C CB  . ARG A 1 46  ? 2.262   4.383   15.516  1.00 16.63  ? 52  ARG B CB  1 
ATOM   397  C CG  . ARG A 1 46  ? 1.677   5.758   15.696  1.00 18.20  ? 52  ARG B CG  1 
ATOM   398  C CD  . ARG A 1 46  ? 2.817   6.753   15.958  1.00 17.65  ? 52  ARG B CD  1 
ATOM   399  N NE  . ARG A 1 46  ? 2.236   8.008   16.353  1.00 19.27  ? 52  ARG B NE  1 
ATOM   400  C CZ  . ARG A 1 46  ? 1.553   8.822   15.561  1.00 18.30  ? 52  ARG B CZ  1 
ATOM   401  N NH1 . ARG A 1 46  ? 1.450   8.615   14.244  1.00 17.59  ? 52  ARG B NH1 1 
ATOM   402  N NH2 . ARG A 1 46  ? 0.992   9.910   16.063  1.00 23.53  ? 52  ARG B NH2 1 
ATOM   403  N N   . PHE A 1 47  ? 2.440   1.909   13.270  1.00 15.98  ? 53  PHE B N   1 
ATOM   404  C CA  . PHE A 1 47  ? 3.408   0.871   12.906  1.00 14.97  ? 53  PHE B CA  1 
ATOM   405  C C   . PHE A 1 47  ? 4.784   1.274   13.481  1.00 16.99  ? 53  PHE B C   1 
ATOM   406  O O   . PHE A 1 47  ? 5.305   2.330   13.105  1.00 18.00  ? 53  PHE B O   1 
ATOM   407  C CB  . PHE A 1 47  ? 3.514   0.725   11.387  1.00 15.10  ? 53  PHE B CB  1 
ATOM   408  C CG  . PHE A 1 47  ? 2.310   0.046   10.776  1.00 14.03  ? 53  PHE B CG  1 
ATOM   409  C CD1 . PHE A 1 47  ? 2.185   -1.332  10.846  1.00 13.93  ? 53  PHE B CD1 1 
ATOM   410  C CD2 . PHE A 1 47  ? 1.295   0.777   10.183  1.00 15.27  ? 53  PHE B CD2 1 
ATOM   411  C CE1 . PHE A 1 47  ? 1.081   -1.977  10.317  1.00 15.22  ? 53  PHE B CE1 1 
ATOM   412  C CE2 . PHE A 1 47  ? 0.200   0.112   9.634   1.00 15.30  ? 53  PHE B CE2 1 
ATOM   413  C CZ  . PHE A 1 47  ? 0.083   -1.264  9.732   1.00 14.35  ? 53  PHE B CZ  1 
ATOM   414  N N   . SER A 1 48  ? 5.377   0.440   14.317  1.00 17.03  ? 54  SER B N   1 
ATOM   415  C CA  . SER A 1 48  ? 6.608   0.810   15.054  1.00 17.56  ? 54  SER B CA  1 
ATOM   416  C C   . SER A 1 48  ? 7.894   0.540   14.262  1.00 19.59  ? 54  SER B C   1 
ATOM   417  O O   . SER A 1 48  ? 8.844   1.342   14.426  1.00 21.78  ? 54  SER B O   1 
ATOM   418  C CB  . SER A 1 48  ? 6.606   0.120   16.381  1.00 19.00  ? 54  SER B CB  1 
ATOM   419  O OG  . SER A 1 48  ? 6.696   -1.276  16.269  1.00 17.82  ? 54  SER B OG  1 
ATOM   420  N N   . ASN A 1 49  ? 7.978   -0.538  13.492  1.00 16.96  ? 55  ASN B N   1 
ATOM   421  C CA  . ASN A 1 49  ? 9.252   -1.076  12.961  1.00 17.04  ? 55  ASN B CA  1 
ATOM   422  C C   . ASN A 1 49  ? 9.534   -0.638  11.526  1.00 16.80  ? 55  ASN B C   1 
ATOM   423  O O   . ASN A 1 49  ? 10.671  -0.819  11.049  1.00 18.05  ? 55  ASN B O   1 
ATOM   424  C CB  . ASN A 1 49  ? 9.361   -2.585  13.088  1.00 17.99  ? 55  ASN B CB  1 
ATOM   425  C CG  . ASN A 1 49  ? 9.568   -3.045  14.529  1.00 22.34  ? 55  ASN B CG  1 
ATOM   426  O OD1 . ASN A 1 49  ? 8.940   -2.547  15.460  1.00 24.90  ? 55  ASN B OD1 1 
ATOM   427  N ND2 . ASN A 1 49  ? 10.472  -4.010  14.692  1.00 26.21  ? 55  ASN B ND2 1 
ATOM   428  N N   . TYR A 1 50  ? 8.501   -0.215  10.799  1.00 14.67  ? 56  TYR B N   1 
ATOM   429  C CA  . TYR A 1 50  ? 8.627   0.012   9.342   1.00 14.10  ? 56  TYR B CA  1 
ATOM   430  C C   . TYR A 1 50  ? 7.915   1.312   8.987   1.00 14.21  ? 56  TYR B C   1 
ATOM   431  O O   . TYR A 1 50  ? 6.964   1.726   9.664   1.00 14.41  ? 56  TYR B O   1 
ATOM   432  C CB  . TYR A 1 50  ? 7.944   -1.128  8.581   1.00 14.48  ? 56  TYR B CB  1 
ATOM   433  C CG  . TYR A 1 50  ? 8.308   -2.517  9.060   1.00 15.54  ? 56  TYR B CG  1 
ATOM   434  C CD1 . TYR A 1 50  ? 9.551   -3.048  8.732   1.00 17.40  ? 56  TYR B CD1 1 
ATOM   435  C CD2 . TYR A 1 50  ? 7.442   -3.297  9.819   1.00 15.31  ? 56  TYR B CD2 1 
ATOM   436  C CE1 . TYR A 1 50  ? 9.926   -4.329  9.139   1.00 18.55  ? 56  TYR B CE1 1 
ATOM   437  C CE2 . TYR A 1 50  ? 7.816   -4.560  10.276  1.00 17.19  ? 56  TYR B CE2 1 
ATOM   438  C CZ  . TYR A 1 50  ? 9.050   -5.075  9.904   1.00 17.81  ? 56  TYR B CZ  1 
ATOM   439  O OH  . TYR A 1 50  ? 9.377   -6.349  10.293  1.00 20.54  ? 56  TYR B OH  1 
ATOM   440  N N   . PRO A 1 51  ? 8.261   1.911   7.817   1.00 14.29  ? 57  PRO B N   1 
ATOM   441  C CA  . PRO A 1 51  ? 7.697   3.207   7.420   1.00 14.04  ? 57  PRO B CA  1 
ATOM   442  C C   . PRO A 1 51  ? 6.315   3.065   6.747   1.00 13.64  ? 57  PRO B C   1 
ATOM   443  O O   . PRO A 1 51  ? 6.144   3.458   5.611   1.00 14.59  ? 57  PRO B O   1 
ATOM   444  C CB  . PRO A 1 51  ? 8.750   3.773   6.430   1.00 16.52  ? 57  PRO B CB  1 
ATOM   445  C CG  . PRO A 1 51  ? 9.903   2.793   6.466   1.00 16.85  ? 57  PRO B CG  1 
ATOM   446  C CD  . PRO A 1 51  ? 9.369   1.498   6.971   1.00 15.64  ? 57  PRO B CD  1 
ATOM   447  N N   . MET A 1 52  ? 5.362   2.555   7.536   1.00 14.71  ? 58  MET B N   1 
ATOM   448  C CA  . MET A 1 52  ? 4.011   2.187   7.046   1.00 12.15  ? 58  MET B CA  1 
ATOM   449  C C   . MET A 1 52  ? 2.943   3.151   7.570   1.00 13.25  ? 58  MET B C   1 
ATOM   450  O O   . MET A 1 52  ? 3.066   3.758   8.644   1.00 13.04  ? 58  MET B O   1 
ATOM   451  C CB  . MET A 1 52  ? 3.671   0.766   7.501   1.00 12.98  ? 58  MET B CB  1 
ATOM   452  C CG  . MET A 1 52  ? 4.562   -0.269  6.865   1.00 12.63  ? 58  MET B CG  1 
ATOM   453  S SD  . MET A 1 52  ? 4.394   -1.882  7.710   1.00 15.07  ? 58  MET B SD  1 
ATOM   454  C CE  . MET A 1 52  ? 5.454   -2.972  6.760   1.00 15.67  ? 58  MET B CE  1 
ATOM   455  N N   . VAL A 1 53  ? 1.839   3.237   6.824   1.00 12.88  ? 59  VAL B N   1 
ATOM   456  C CA  . VAL A 1 53  ? 0.654   4.044   7.196   1.00 13.23  ? 59  VAL B CA  1 
ATOM   457  C C   . VAL A 1 53  ? -0.561  3.414   6.509   1.00 13.90  ? 59  VAL B C   1 
ATOM   458  O O   . VAL A 1 53  ? -0.404  2.779   5.426   1.00 13.21  ? 59  VAL B O   1 
ATOM   459  C CB  . VAL A 1 53  ? 0.865   5.534   6.833   1.00 14.32  ? 59  VAL B CB  1 
ATOM   460  C CG1 . VAL A 1 53  ? 1.084   5.728   5.352   1.00 15.19  ? 59  VAL B CG1 1 
ATOM   461  C CG2 . VAL A 1 53  ? -0.281  6.421   7.337   1.00 14.94  ? 59  VAL B CG2 1 
ATOM   462  N N   . LEU A 1 54  ? -1.728  3.595   7.098   1.00 13.73  ? 60  LEU B N   1 
ATOM   463  C CA  . LEU A 1 54  ? -3.019  3.135   6.523   1.00 13.65  ? 60  LEU B CA  1 
ATOM   464  C C   . LEU A 1 54  ? -3.795  4.299   5.956   1.00 14.62  ? 60  LEU B C   1 
ATOM   465  O O   . LEU A 1 54  ? -3.716  5.478   6.431   1.00 14.46  ? 60  LEU B O   1 
ATOM   466  C CB  . LEU A 1 54  ? -3.859  2.432   7.592   1.00 14.15  ? 60  LEU B CB  1 
ATOM   467  C CG  . LEU A 1 54  ? -3.203  1.258   8.293   1.00 14.78  ? 60  LEU B CG  1 
ATOM   468  C CD1 . LEU A 1 54  ? -4.139  0.530   9.239   1.00 17.01  ? 60  LEU B CD1 1 
ATOM   469  C CD2 . LEU A 1 54  ? -2.609  0.290   7.286   1.00 14.79  ? 60  LEU B CD2 1 
ATOM   470  N N   . GLY A 1 55  ? -4.651  3.981   4.991   1.00 14.06  ? 61  GLY B N   1 
ATOM   471  C CA  . GLY A 1 55  ? -5.748  4.882   4.616   1.00 15.16  ? 61  GLY B CA  1 
ATOM   472  C C   . GLY A 1 55  ? -6.773  5.015   5.733   1.00 13.49  ? 61  GLY B C   1 
ATOM   473  O O   . GLY A 1 55  ? -6.942  4.080   6.493   1.00 16.06  ? 61  GLY B O   1 
ATOM   474  N N   . ALA A 1 56  ? -7.487  6.125   5.733   1.00 16.94  ? 62  ALA B N   1 
ATOM   475  C CA  . ALA A 1 56  ? -8.552  6.437   6.714   1.00 19.48  ? 62  ALA B CA  1 
ATOM   476  C C   . ALA A 1 56  ? -9.796  5.599   6.400   1.00 21.66  ? 62  ALA B C   1 
ATOM   477  O O   . ALA A 1 56  ? -10.527 5.221   7.348   1.00 24.39  ? 62  ALA B O   1 
ATOM   478  C CB  . ALA A 1 56  ? -8.790  7.917   6.635   1.00 19.61  ? 62  ALA B CB  1 
ATOM   479  N N   . GLN A 1 57  ? -9.988  5.246   5.134   1.00 19.23  ? 63  GLN B N   1 
ATOM   480  C CA  . GLN A 1 57  ? -11.221 4.549   4.684   1.00 19.60  ? 63  GLN B CA  1 
ATOM   481  C C   . GLN A 1 57  ? -11.166 3.099   5.168   1.00 20.54  ? 63  GLN B C   1 
ATOM   482  O O   . GLN A 1 57  ? -10.060 2.478   5.192   1.00 21.47  ? 63  GLN B O   1 
ATOM   483  C CB  . GLN A 1 57  ? -11.388 4.693   3.170   1.00 20.51  ? 63  GLN B CB  1 
ATOM   484  C CG  . GLN A 1 57  ? -11.705 6.099   2.708   1.00 22.89  ? 63  GLN B CG  1 
ATOM   485  C CD  . GLN A 1 57  ? -10.551 7.072   2.845   1.00 23.41  ? 63  GLN B CD  1 
ATOM   486  O OE1 . GLN A 1 57  ? -9.406  6.712   2.636   1.00 21.49  ? 63  GLN B OE1 1 
ATOM   487  N NE2 . GLN A 1 57  ? -10.815 8.318   3.187   1.00 26.30  ? 63  GLN B NE2 1 
ATOM   488  N N   . ARG A 1 58  ? -12.317 2.580   5.584   1.00 21.69  ? 64  ARG B N   1 
ATOM   489  C CA  . ARG A 1 58  ? -12.545 1.161   5.940   1.00 21.67  ? 64  ARG B CA  1 
ATOM   490  C C   . ARG A 1 58  ? -13.606 0.604   4.985   1.00 20.35  ? 64  ARG B C   1 
ATOM   491  O O   . ARG A 1 58  ? -14.626 1.302   4.705   1.00 23.62  ? 64  ARG B O   1 
ATOM   492  C CB  . ARG A 1 58  ? -13.095 0.982   7.370   1.00 28.00  ? 64  ARG B CB  1 
ATOM   493  C CG  . ARG A 1 58  ? -12.130 1.166   8.540   1.00 35.89  ? 64  ARG B CG  1 
ATOM   494  C CD  . ARG A 1 58  ? -11.261 2.407   8.440   1.00 40.57  ? 64  ARG B CD  1 
ATOM   495  N NE  . ARG A 1 58  ? -10.792 3.177   9.605   1.00 46.70  ? 64  ARG B NE  1 
ATOM   496  C CZ  . ARG A 1 58  ? -10.807 2.854   10.906  1.00 49.19  ? 64  ARG B CZ  1 
ATOM   497  N NH1 . ARG A 1 58  ? -10.300 3.729   11.764  1.00 48.33  ? 64  ARG B NH1 1 
ATOM   498  N NH2 . ARG A 1 58  ? -11.294 1.710   11.371  1.00 48.98  ? 64  ARG B NH2 1 
ATOM   499  N N   . PHE A 1 59  ? -13.363 -0.563  4.450   1.00 19.83  ? 65  PHE B N   1 
ATOM   500  C CA  . PHE A 1 59  ? -14.238 -1.234  3.431   1.00 19.82  ? 65  PHE B CA  1 
ATOM   501  C C   . PHE A 1 59  ? -14.612 -2.634  3.916   1.00 18.84  ? 65  PHE B C   1 
ATOM   502  O O   . PHE A 1 59  ? -13.753 -3.412  4.264   1.00 17.66  ? 65  PHE B O   1 
ATOM   503  C CB  . PHE A 1 59  ? -13.471 -1.367  2.079   1.00 23.06  ? 65  PHE B CB  1 
ATOM   504  C CG  . PHE A 1 59  ? -12.968 -0.063  1.518   1.00 25.35  ? 65  PHE B CG  1 
ATOM   505  C CD1 . PHE A 1 59  ? -13.861 0.980   1.260   1.00 29.21  ? 65  PHE B CD1 1 
ATOM   506  C CD2 . PHE A 1 59  ? -11.645 0.116   1.204   1.00 32.51  ? 65  PHE B CD2 1 
ATOM   507  C CE1 . PHE A 1 59  ? -13.443 2.185   0.712   1.00 31.44  ? 65  PHE B CE1 1 
ATOM   508  C CE2 . PHE A 1 59  ? -11.229 1.322   0.641   1.00 29.37  ? 65  PHE B CE2 1 
ATOM   509  C CZ  . PHE A 1 59  ? -12.121 2.350   0.420   1.00 28.73  ? 65  PHE B CZ  1 
ATOM   510  N N   A SER A 1 60  ? -15.910 -2.964  3.910   0.25 16.97  ? 66  SER B N   1 
ATOM   511  N N   B SER A 1 60  ? -15.908 -2.973  3.891   0.25 18.77  ? 66  SER B N   1 
ATOM   512  C CA  A SER A 1 60  ? -16.404 -4.318  4.283   0.25 16.45  ? 66  SER B CA  1 
ATOM   513  C CA  B SER A 1 60  ? -16.408 -4.331  4.238   0.25 19.32  ? 66  SER B CA  1 
ATOM   514  C C   A SER A 1 60  ? -17.317 -4.894  3.185   0.25 16.09  ? 66  SER B C   1 
ATOM   515  C C   B SER A 1 60  ? -17.420 -4.823  3.204   0.25 19.28  ? 66  SER B C   1 
ATOM   516  O O   A SER A 1 60  ? -17.800 -6.034  3.348   0.25 15.36  ? 66  SER B O   1 
ATOM   517  O O   B SER A 1 60  ? -18.250 -5.686  3.551   0.25 19.13  ? 66  SER B O   1 
ATOM   518  C CB  A SER A 1 60  ? -17.085 -4.264  5.633   0.25 16.58  ? 66  SER B CB  1 
ATOM   519  C CB  B SER A 1 60  ? -17.049 -4.322  5.580   0.25 20.16  ? 66  SER B CB  1 
ATOM   520  O OG  A SER A 1 60  ? -16.123 -4.128  6.696   0.25 16.45  ? 66  SER B OG  1 
ATOM   521  O OG  B SER A 1 60  ? -18.131 -3.415  5.582   0.25 21.67  ? 66  SER B OG  1 
ATOM   522  N N   A SER A 1 61  ? -17.481 -4.177  2.073   0.25 16.20  ? 67  SER B N   1 
ATOM   523  N N   B SER A 1 61  ? -17.368 -4.284  1.992   0.25 19.84  ? 67  SER B N   1 
ATOM   524  C CA  A SER A 1 61  ? -18.342 -4.585  0.941   0.25 17.44  ? 67  SER B CA  1 
ATOM   525  C CA  B SER A 1 61  ? -18.349 -4.580  0.933   0.25 21.40  ? 67  SER B CA  1 
ATOM   526  C C   A SER A 1 61  ? -17.917 -3.829  -0.320  0.25 19.23  ? 67  SER B C   1 
ATOM   527  C C   B SER A 1 61  ? -18.030 -3.750  -0.309  0.25 21.55  ? 67  SER B C   1 
ATOM   528  O O   A SER A 1 61  ? -17.154 -2.885  -0.187  0.25 19.13  ? 67  SER B O   1 
ATOM   529  O O   B SER A 1 61  ? -17.481 -2.650  -0.151  0.25 20.43  ? 67  SER B O   1 
ATOM   530  C CB  A SER A 1 61  ? -19.785 -4.307  1.275   0.25 17.72  ? 67  SER B CB  1 
ATOM   531  C CB  B SER A 1 61  ? -19.740 -4.303  1.443   0.25 23.28  ? 67  SER B CB  1 
ATOM   532  O OG  A SER A 1 61  ? -20.002 -2.911  1.285   0.25 16.43  ? 67  SER B OG  1 
ATOM   533  O OG  B SER A 1 61  ? -20.670 -4.399  0.383   0.25 26.14  ? 67  SER B OG  1 
ATOM   534  N N   . GLY A 1 62  ? -18.412 -4.247  -1.484  1.00 21.91  ? 68  GLY B N   1 
ATOM   535  C CA  . GLY A 1 62  ? -18.337 -3.433  -2.707  1.00 22.45  ? 68  GLY B CA  1 
ATOM   536  C C   . GLY A 1 62  ? -17.017 -3.598  -3.431  1.00 21.90  ? 68  GLY B C   1 
ATOM   537  O O   . GLY A 1 62  ? -16.179 -4.477  -3.073  1.00 21.29  ? 68  GLY B O   1 
ATOM   538  N N   . LYS A 1 63  ? -16.898 -2.789  -4.456  1.00 21.11  ? 69  LYS B N   1 
ATOM   539  C CA  . LYS A 1 63  ? -15.718 -2.693  -5.324  1.00 22.13  ? 69  LYS B CA  1 
ATOM   540  C C   . LYS A 1 63  ? -15.139 -1.303  -5.129  1.00 23.16  ? 69  LYS B C   1 
ATOM   541  O O   . LYS A 1 63  ? -15.908 -0.291  -5.180  1.00 24.97  ? 69  LYS B O   1 
ATOM   542  C CB  . LYS A 1 63  ? -16.146 -2.963  -6.769  1.00 24.18  ? 69  LYS B CB  1 
ATOM   543  C CG  . LYS A 1 63  ? -16.696 -4.354  -7.049  1.00 24.28  ? 69  LYS B CG  1 
ATOM   544  C CD  . LYS A 1 63  ? -17.296 -4.506  -8.473  1.00 29.53  ? 69  LYS B CD  1 
ATOM   545  C CE  . LYS A 1 63  ? -17.936 -5.859  -8.700  1.00 34.24  ? 69  LYS B CE  1 
ATOM   546  N NZ  . LYS A 1 63  ? -18.222 -6.074  -10.141 1.00 37.31  ? 69  LYS B NZ  1 
ATOM   547  N N   . MET A 1 64  ? -13.813 -1.232  -4.966  1.00 19.35  ? 70  MET B N   1 
ATOM   548  C CA  . MET A 1 64  ? -13.036 -0.009  -4.674  1.00 18.70  ? 70  MET B CA  1 
ATOM   549  C C   . MET A 1 64  ? -11.804 0.007   -5.581  1.00 17.77  ? 70  MET B C   1 
ATOM   550  O O   . MET A 1 64  ? -11.209 -1.049  -5.789  1.00 18.60  ? 70  MET B O   1 
ATOM   551  C CB  . MET A 1 64  ? -12.508 -0.032  -3.248  1.00 21.03  ? 70  MET B CB  1 
ATOM   552  C CG  . MET A 1 64  ? -13.540 0.188   -2.159  1.00 20.67  ? 70  MET B CG  1 
ATOM   553  S SD  . MET A 1 64  ? -14.887 -1.073  -1.970  1.00 25.08  ? 70  MET B SD  1 
ATOM   554  C CE  . MET A 1 64  ? -13.936 -2.526  -1.531  1.00 25.19  ? 70  MET B CE  1 
ATOM   555  N N   . TYR A 1 65  ? -11.430 1.174   -6.045  1.00 18.47  ? 71  TYR B N   1 
ATOM   556  C CA  . TYR A 1 65  ? -10.258 1.355   -6.935  1.00 17.85  ? 71  TYR B CA  1 
ATOM   557  C C   . TYR A 1 65  ? -9.581  2.667   -6.562  1.00 17.40  ? 71  TYR B C   1 
ATOM   558  O O   . TYR A 1 65  ? -10.227 3.721   -6.397  1.00 19.58  ? 71  TYR B O   1 
ATOM   559  C CB  . TYR A 1 65  ? -10.695 1.364   -8.392  1.00 19.09  ? 71  TYR B CB  1 
ATOM   560  C CG  . TYR A 1 65  ? -9.569  1.556   -9.371  1.00 16.96  ? 71  TYR B CG  1 
ATOM   561  C CD1 . TYR A 1 65  ? -8.740  0.500   -9.694  1.00 18.25  ? 71  TYR B CD1 1 
ATOM   562  C CD2 . TYR A 1 65  ? -9.311  2.810   -9.911  1.00 17.64  ? 71  TYR B CD2 1 
ATOM   563  C CE1 . TYR A 1 65  ? -7.673  0.672   -10.567 1.00 18.10  ? 71  TYR B CE1 1 
ATOM   564  C CE2 . TYR A 1 65  ? -8.250  2.993   -10.785 1.00 17.78  ? 71  TYR B CE2 1 
ATOM   565  C CZ  . TYR A 1 65  ? -7.416  1.938   -11.073 1.00 18.32  ? 71  TYR B CZ  1 
ATOM   566  O OH  . TYR A 1 65  ? -6.375  2.127   -11.949 1.00 19.33  ? 71  TYR B OH  1 
ATOM   567  N N   . TRP A 1 66  ? -8.262  2.641   -6.462  1.00 15.23  ? 72  TRP B N   1 
ATOM   568  C CA  . TRP A 1 66  ? -7.457  3.867   -6.299  1.00 15.38  ? 72  TRP B CA  1 
ATOM   569  C C   . TRP A 1 66  ? -6.097  3.727   -7.013  1.00 15.66  ? 72  TRP B C   1 
ATOM   570  O O   . TRP A 1 66  ? -5.716  2.587   -7.373  1.00 16.11  ? 72  TRP B O   1 
ATOM   571  C CB  . TRP A 1 66  ? -7.328  4.272   -4.820  1.00 15.92  ? 72  TRP B CB  1 
ATOM   572  C CG  . TRP A 1 66  ? -6.585  3.312   -3.944  1.00 15.52  ? 72  TRP B CG  1 
ATOM   573  C CD1 . TRP A 1 66  ? -5.258  3.344   -3.570  1.00 14.67  ? 72  TRP B CD1 1 
ATOM   574  C CD2 . TRP A 1 66  ? -7.144  2.181   -3.260  1.00 15.93  ? 72  TRP B CD2 1 
ATOM   575  N NE1 . TRP A 1 66  ? -4.977  2.311   -2.709  1.00 14.13  ? 72  TRP B NE1 1 
ATOM   576  C CE2 . TRP A 1 66  ? -6.112  1.580   -2.517  1.00 14.07  ? 72  TRP B CE2 1 
ATOM   577  C CE3 . TRP A 1 66  ? -8.419  1.611   -3.229  1.00 18.09  ? 72  TRP B CE3 1 
ATOM   578  C CZ2 . TRP A 1 66  ? -6.320  0.448   -1.738  1.00 15.71  ? 72  TRP B CZ2 1 
ATOM   579  C CZ3 . TRP A 1 66  ? -8.648  0.517   -2.422  1.00 19.75  ? 72  TRP B CZ3 1 
ATOM   580  C CH2 . TRP A 1 66  ? -7.603  -0.078  -1.729  1.00 17.23  ? 72  TRP B CH2 1 
ATOM   581  N N   . GLU A 1 67  ? -5.390  4.841   -7.188  1.00 14.99  ? 73  GLU B N   1 
ATOM   582  C CA  . GLU A 1 67  ? -4.083  4.879   -7.903  1.00 14.82  ? 73  GLU B CA  1 
ATOM   583  C C   . GLU A 1 67  ? -3.036  5.577   -7.056  1.00 15.58  ? 73  GLU B C   1 
ATOM   584  O O   . GLU A 1 67  ? -3.365  6.537   -6.358  1.00 15.49  ? 73  GLU B O   1 
ATOM   585  C CB  . GLU A 1 67  ? -4.188  5.529   -9.290  1.00 16.08  ? 73  GLU B CB  1 
ATOM   586  C CG  . GLU A 1 67  ? -4.973  4.643   -10.272 1.00 18.00  ? 73  GLU B CG  1 
ATOM   587  C CD  . GLU A 1 67  ? -5.178  5.242   -11.648 1.00 22.64  ? 73  GLU B CD  1 
ATOM   588  O OE1 . GLU A 1 67  ? -4.651  6.379   -11.869 1.00 24.92  ? 73  GLU B OE1 1 
ATOM   589  O OE2 . GLU A 1 67  ? -5.859  4.589   -12.510 1.00 20.77  ? 73  GLU B OE2 1 
ATOM   590  N N   . VAL A 1 68  ? -1.819  5.050   -7.098  1.00 14.72  ? 74  VAL B N   1 
ATOM   591  C CA  . VAL A 1 68  ? -0.668  5.575   -6.348  1.00 14.81  ? 74  VAL B CA  1 
ATOM   592  C C   . VAL A 1 68  ? 0.498   5.863   -7.284  1.00 15.18  ? 74  VAL B C   1 
ATOM   593  O O   . VAL A 1 68  ? 0.857   4.983   -8.075  1.00 15.14  ? 74  VAL B O   1 
ATOM   594  C CB  . VAL A 1 68  ? -0.238  4.604   -5.227  1.00 15.18  ? 74  VAL B CB  1 
ATOM   595  C CG1 . VAL A 1 68  ? 0.810   5.281   -4.375  1.00 16.01  ? 74  VAL B CG1 1 
ATOM   596  C CG2 . VAL A 1 68  ? -1.395  4.146   -4.375  1.00 16.87  ? 74  VAL B CG2 1 
ATOM   597  N N   . ASP A 1 69  ? 1.105   7.043   -7.136  1.00 15.55  ? 75  ASP B N   1 
ATOM   598  C CA  . ASP A 1 69  ? 2.335   7.463   -7.838  1.00 16.70  ? 75  ASP B CA  1 
ATOM   599  C C   . ASP A 1 69  ? 3.542   6.966   -7.053  1.00 14.80  ? 75  ASP B C   1 
ATOM   600  O O   . ASP A 1 69  ? 3.638   7.247   -5.814  1.00 17.07  ? 75  ASP B O   1 
ATOM   601  C CB  . ASP A 1 69  ? 2.339   8.978   -8.025  1.00 18.66  ? 75  ASP B CB  1 
ATOM   602  C CG  . ASP A 1 69  ? 3.397   9.421   -9.022  1.00 22.80  ? 75  ASP B CG  1 
ATOM   603  O OD1 . ASP A 1 69  ? 4.568   9.159   -8.787  1.00 22.34  ? 75  ASP B OD1 1 
ATOM   604  O OD2 . ASP A 1 69  ? 3.017   9.906   -10.099 1.00 31.51  ? 75  ASP B OD2 1 
ATOM   605  N N   . VAL A 1 70  ? 4.397   6.207   -7.713  1.00 16.09  ? 76  VAL B N   1 
ATOM   606  C CA  . VAL A 1 70  ? 5.646   5.614   -7.170  1.00 15.84  ? 76  VAL B CA  1 
ATOM   607  C C   . VAL A 1 70  ? 6.893   6.169   -7.902  1.00 17.53  ? 76  VAL B C   1 
ATOM   608  O O   . VAL A 1 70  ? 7.957   5.598   -7.792  1.00 18.68  ? 76  VAL B O   1 
ATOM   609  C CB  . VAL A 1 70  ? 5.597   4.076   -7.181  1.00 16.13  ? 76  VAL B CB  1 
ATOM   610  C CG1 . VAL A 1 70  ? 4.409   3.557   -6.348  1.00 16.21  ? 76  VAL B CG1 1 
ATOM   611  C CG2 . VAL A 1 70  ? 5.547   3.485   -8.581  1.00 16.93  ? 76  VAL B CG2 1 
ATOM   612  N N   . THR A 1 71  ? 6.752   7.259   -8.656  1.00 17.91  ? 77  THR B N   1 
ATOM   613  C CA  . THR A 1 71  ? 7.865   7.849   -9.443  1.00 19.05  ? 77  THR B CA  1 
ATOM   614  C C   . THR A 1 71  ? 9.110   8.026   -8.556  1.00 19.85  ? 77  THR B C   1 
ATOM   615  O O   . THR A 1 71  ? 8.998   8.523   -7.418  1.00 19.56  ? 77  THR B O   1 
ATOM   616  C CB  . THR A 1 71  ? 7.432   9.191   -10.031 1.00 20.36  ? 77  THR B CB  1 
ATOM   617  O OG1 . THR A 1 71  ? 6.352   9.022   -10.959 1.00 25.29  ? 77  THR B OG1 1 
ATOM   618  C CG2 . THR A 1 71  ? 8.605   9.848   -10.726 1.00 25.57  ? 77  THR B CG2 1 
ATOM   619  N N   . GLN A 1 72  ? 10.262  7.634   -9.105  1.00 21.27  ? 78  GLN B N   1 
ATOM   620  C CA  . GLN A 1 72  ? 11.651  7.824   -8.598  1.00 26.03  ? 78  GLN B CA  1 
ATOM   621  C C   . GLN A 1 72  ? 11.892  7.037   -7.302  1.00 25.33  ? 78  GLN B C   1 
ATOM   622  O O   . GLN A 1 72  ? 12.932  7.224   -6.703  1.00 26.27  ? 78  GLN B O   1 
ATOM   623  C CB  . GLN A 1 72  ? 12.060  9.309   -8.506  1.00 34.92  ? 78  GLN B CB  1 
ATOM   624  C CG  . GLN A 1 72  ? 11.189  10.190  -7.633  1.00 42.44  ? 78  GLN B CG  1 
ATOM   625  C CD  . GLN A 1 72  ? 11.741  11.560  -7.270  1.00 46.49  ? 78  GLN B CD  1 
ATOM   626  O OE1 . GLN A 1 72  ? 11.010  12.550  -7.272  1.00 46.15  ? 78  GLN B OE1 1 
ATOM   627  N NE2 . GLN A 1 72  ? 12.988  11.618  -6.822  1.00 47.23  ? 78  GLN B NE2 1 
ATOM   628  N N   . LYS A 1 73  ? 10.998  6.146   -6.870  1.00 17.89  ? 79  LYS B N   1 
ATOM   629  C CA  . LYS A 1 73  ? 11.287  5.365   -5.672  1.00 16.69  ? 79  LYS B CA  1 
ATOM   630  C C   . LYS A 1 73  ? 12.056  4.074   -5.985  1.00 16.27  ? 79  LYS B C   1 
ATOM   631  O O   . LYS A 1 73  ? 11.780  3.444   -7.024  1.00 19.19  ? 79  LYS B O   1 
ATOM   632  C CB  . LYS A 1 73  ? 9.970   5.083   -4.952  1.00 16.63  ? 79  LYS B CB  1 
ATOM   633  C CG  . LYS A 1 73  ? 9.351   6.335   -4.325  1.00 18.59  ? 79  LYS B CG  1 
ATOM   634  C CD  . LYS A 1 73  ? 8.292   6.085   -3.334  1.00 20.00  ? 79  LYS B CD  1 
ATOM   635  C CE  . LYS A 1 73  ? 8.728   5.429   -2.041  1.00 16.51  ? 79  LYS B CE  1 
ATOM   636  N NZ  . LYS A 1 73  ? 9.781   6.192   -1.300  1.00 15.84  ? 79  LYS B NZ  1 
ATOM   637  N N   . GLU A 1 74  ? 12.962  3.692   -5.105  1.00 15.41  ? 80  GLU B N   1 
ATOM   638  C CA  . GLU A 1 74  ? 13.730  2.443   -5.162  1.00 15.66  ? 80  GLU B CA  1 
ATOM   639  C C   . GLU A 1 74  ? 13.032  1.287   -4.439  1.00 13.77  ? 80  GLU B C   1 
ATOM   640  O O   . GLU A 1 74  ? 13.412  0.124   -4.633  1.00 15.13  ? 80  GLU B O   1 
ATOM   641  C CB  . GLU A 1 74  ? 15.136  2.632   -4.559  1.00 17.59  ? 80  GLU B CB  1 
ATOM   642  C CG  . GLU A 1 74  ? 15.994  3.668   -5.243  1.00 20.79  ? 80  GLU B CG  1 
ATOM   643  C CD  . GLU A 1 74  ? 17.318  3.865   -4.503  1.00 21.84  ? 80  GLU B CD  1 
ATOM   644  O OE1 . GLU A 1 74  ? 18.254  4.444   -5.116  1.00 25.07  ? 80  GLU B OE1 1 
ATOM   645  O OE2 . GLU A 1 74  ? 17.401  3.474   -3.304  1.00 22.72  ? 80  GLU B OE2 1 
ATOM   646  N N   . ALA A 1 75  ? 12.155  1.603   -3.474  1.00 14.00  ? 81  ALA B N   1 
ATOM   647  C CA  . ALA A 1 75  ? 11.553  0.575   -2.610  1.00 12.93  ? 81  ALA B CA  1 
ATOM   648  C C   . ALA A 1 75  ? 10.226  1.085   -2.072  1.00 14.44  ? 81  ALA B C   1 
ATOM   649  O O   . ALA A 1 75  ? 10.133  2.260   -1.732  1.00 14.22  ? 81  ALA B O   1 
ATOM   650  C CB  . ALA A 1 75  ? 12.463  0.169   -1.486  1.00 14.10  ? 81  ALA B CB  1 
ATOM   651  N N   . TRP A 1 76  ? 9.219   0.209   -2.053  1.00 13.78  ? 82  TRP B N   1 
ATOM   652  C CA  . TRP A 1 76  ? 7.865   0.526   -1.517  1.00 13.28  ? 82  TRP B CA  1 
ATOM   653  C C   . TRP A 1 76  ? 7.079   -0.764  -1.445  1.00 12.62  ? 82  TRP B C   1 
ATOM   654  O O   . TRP A 1 76  ? 7.422   -1.731  -2.148  1.00 13.29  ? 82  TRP B O   1 
ATOM   655  C CB  . TRP A 1 76  ? 7.152   1.571   -2.396  1.00 13.62  ? 82  TRP B CB  1 
ATOM   656  C CG  . TRP A 1 76  ? 7.148   1.325   -3.868  1.00 13.87  ? 82  TRP B CG  1 
ATOM   657  C CD1 . TRP A 1 76  ? 8.009   1.855   -4.793  1.00 14.93  ? 82  TRP B CD1 1 
ATOM   658  C CD2 . TRP A 1 76  ? 6.333   0.409   -4.639  1.00 13.62  ? 82  TRP B CD2 1 
ATOM   659  N NE1 . TRP A 1 76  ? 7.755   1.416   -6.049  1.00 14.72  ? 82  TRP B NE1 1 
ATOM   660  C CE2 . TRP A 1 76  ? 6.740   0.476   -5.991  1.00 15.12  ? 82  TRP B CE2 1 
ATOM   661  C CE3 . TRP A 1 76  ? 5.301   -0.486  -4.289  1.00 15.40  ? 82  TRP B CE3 1 
ATOM   662  C CZ2 . TRP A 1 76  ? 6.120   -0.252  -6.993  1.00 14.80  ? 82  TRP B CZ2 1 
ATOM   663  C CZ3 . TRP A 1 76  ? 4.687   -1.207  -5.286  1.00 14.73  ? 82  TRP B CZ3 1 
ATOM   664  C CH2 . TRP A 1 76  ? 5.120   -1.128  -6.626  1.00 15.68  ? 82  TRP B CH2 1 
ATOM   665  N N   . ASP A 1 77  ? 6.025   -0.757  -0.633  1.00 12.64  ? 83  ASP B N   1 
ATOM   666  C CA  . ASP A 1 77  ? 4.982   -1.806  -0.644  1.00 13.46  ? 83  ASP B CA  1 
ATOM   667  C C   . ASP A 1 77  ? 3.620   -1.105  -0.803  1.00 13.47  ? 83  ASP B C   1 
ATOM   668  O O   . ASP A 1 77  ? 3.440   -0.031  -0.179  1.00 13.17  ? 83  ASP B O   1 
ATOM   669  C CB  . ASP A 1 77  ? 4.964   -2.630  0.647   1.00 15.82  ? 83  ASP B CB  1 
ATOM   670  C CG  . ASP A 1 77  ? 6.260   -3.093  1.264   1.00 20.23  ? 83  ASP B CG  1 
ATOM   671  O OD1 . ASP A 1 77  ? 7.125   -3.438  0.523   1.00 23.52  ? 83  ASP B OD1 1 
ATOM   672  O OD2 . ASP A 1 77  ? 6.362   -3.118  2.547   1.00 23.31  ? 83  ASP B OD2 1 
ATOM   673  N N   . LEU A 1 78  ? 2.670   -1.687  -1.514  1.00 11.80  ? 84  LEU B N   1 
ATOM   674  C CA  . LEU A 1 78  ? 1.298   -1.169  -1.712  1.00 11.77  ? 84  LEU B CA  1 
ATOM   675  C C   . LEU A 1 78  ? 0.311   -2.321  -1.662  1.00 11.92  ? 84  LEU B C   1 
ATOM   676  O O   . LEU A 1 78  ? 0.578   -3.405  -2.194  1.00 12.09  ? 84  LEU B O   1 
ATOM   677  C CB  . LEU A 1 78  ? 1.186   -0.445  -3.061  1.00 12.74  ? 84  LEU B CB  1 
ATOM   678  C CG  . LEU A 1 78  ? 1.884   0.890   -3.206  1.00 15.15  ? 84  LEU B CG  1 
ATOM   679  C CD1 . LEU A 1 78  ? 1.803   1.331   -4.662  1.00 15.62  ? 84  LEU B CD1 1 
ATOM   680  C CD2 . LEU A 1 78  ? 1.296   1.898   -2.242  1.00 14.47  ? 84  LEU B CD2 1 
ATOM   681  N N   . GLY A 1 79  ? -0.849  -2.022  -1.121  1.00 11.34  ? 85  GLY B N   1 
ATOM   682  C CA  . GLY A 1 79  ? -2.021  -2.881  -1.307  1.00 12.68  ? 85  GLY B CA  1 
ATOM   683  C C   . GLY A 1 79  ? -3.097  -2.554  -0.305  1.00 11.18  ? 85  GLY B C   1 
ATOM   684  O O   . GLY A 1 79  ? -3.447  -1.389  -0.152  1.00 11.52  ? 85  GLY B O   1 
ATOM   685  N N   A VAL A 1 80  ? -3.668  -3.606  0.279   0.25 12.01  ? 86  VAL B N   1 
ATOM   686  N N   B VAL A 1 80  ? -3.624  -3.577  0.344   0.25 11.70  ? 86  VAL B N   1 
ATOM   687  C CA  A VAL A 1 80  ? -4.691  -3.517  1.361   0.25 11.87  ? 86  VAL B CA  1 
ATOM   688  C CA  B VAL A 1 80  ? -4.743  -3.441  1.313   0.25 11.34  ? 86  VAL B CA  1 
ATOM   689  C C   A VAL A 1 80  ? -4.326  -4.441  2.516   0.25 11.95  ? 86  VAL B C   1 
ATOM   690  C C   B VAL A 1 80  ? -4.478  -4.455  2.436   0.25 11.68  ? 86  VAL B C   1 
ATOM   691  O O   A VAL A 1 80  ? -3.571  -5.418  2.361   0.25 11.95  ? 86  VAL B O   1 
ATOM   692  O O   B VAL A 1 80  ? -3.818  -5.466  2.176   0.25 11.93  ? 86  VAL B O   1 
ATOM   693  C CB  A VAL A 1 80  ? -6.107  -3.869  0.872   0.25 13.22  ? 86  VAL B CB  1 
ATOM   694  C CB  B VAL A 1 80  ? -6.080  -3.635  0.564   0.25 12.00  ? 86  VAL B CB  1 
ATOM   695  C CG1 A VAL A 1 80  ? -6.611  -2.835  -0.103  0.25 13.60  ? 86  VAL B CG1 1 
ATOM   696  C CG1 B VAL A 1 80  ? -6.261  -5.081  0.151   0.25 12.25  ? 86  VAL B CG1 1 
ATOM   697  C CG2 A VAL A 1 80  ? -6.168  -5.270  0.292   0.25 13.25  ? 86  VAL B CG2 1 
ATOM   698  C CG2 B VAL A 1 80  ? -7.294  -3.135  1.340   0.25 12.01  ? 86  VAL B CG2 1 
ATOM   699  N N   . CYS A 1 81  ? -4.921  -4.173  3.662   1.00 11.02  ? 87  CYS B N   1 
ATOM   700  C CA  . CYS A 1 81  ? -4.703  -5.060  4.812   1.00 12.86  ? 87  CYS B CA  1 
ATOM   701  C C   . CYS A 1 81  ? -5.945  -5.066  5.693   1.00 13.51  ? 87  CYS B C   1 
ATOM   702  O O   . CYS A 1 81  ? -6.798  -4.135  5.618   1.00 13.13  ? 87  CYS B O   1 
ATOM   703  C CB  . CYS A 1 81  ? -3.498  -4.697  5.651   1.00 12.95  ? 87  CYS B CB  1 
ATOM   704  S SG  . CYS A 1 81  ? -3.577  -3.077  6.435   1.00 15.02  ? 87  CYS B SG  1 
ATOM   705  N N   A ARG A 1 82  ? -6.030  -6.086  6.535   0.25 12.71  ? 88  ARG B N   1 
ATOM   706  N N   B ARG A 1 82  ? -6.053  -6.098  6.523   0.25 14.08  ? 88  ARG B N   1 
ATOM   707  C CA  A ARG A 1 82  ? -7.056  -6.118  7.607   0.25 13.16  ? 88  ARG B CA  1 
ATOM   708  C CA  B ARG A 1 82  ? -7.102  -6.192  7.575   0.25 15.55  ? 88  ARG B CA  1 
ATOM   709  C C   A ARG A 1 82  ? -6.893  -4.911  8.530   0.25 13.20  ? 88  ARG B C   1 
ATOM   710  C C   B ARG A 1 82  ? -6.907  -5.063  8.605   0.25 14.63  ? 88  ARG B C   1 
ATOM   711  O O   A ARG A 1 82  ? -5.768  -4.453  8.806   0.25 13.42  ? 88  ARG B O   1 
ATOM   712  O O   B ARG A 1 82  ? -5.739  -4.832  9.034   0.25 14.50  ? 88  ARG B O   1 
ATOM   713  C CB  A ARG A 1 82  ? -6.956  -7.403  8.426   0.25 13.01  ? 88  ARG B CB  1 
ATOM   714  C CB  B ARG A 1 82  ? -7.021  -7.586  8.211   0.25 17.39  ? 88  ARG B CB  1 
ATOM   715  C CG  A ARG A 1 82  ? -7.192  -8.649  7.591   0.25 12.26  ? 88  ARG B CG  1 
ATOM   716  C CG  B ARG A 1 82  ? -8.259  -8.015  8.984   0.25 18.77  ? 88  ARG B CG  1 
ATOM   717  C CD  A ARG A 1 82  ? -7.214  -9.902  8.426   0.25 12.67  ? 88  ARG B CD  1 
ATOM   718  C CD  B ARG A 1 82  ? -8.139  -9.407  9.573   0.25 19.16  ? 88  ARG B CD  1 
ATOM   719  N NE  A ARG A 1 82  ? -7.332  -11.120 7.627   0.25 11.54  ? 88  ARG B NE  1 
ATOM   720  N NE  B ARG A 1 82  ? -7.974  -10.453 8.574   0.25 20.72  ? 88  ARG B NE  1 
ATOM   721  C CZ  A ARG A 1 82  ? -6.681  -12.251 7.888   0.25 11.88  ? 88  ARG B CZ  1 
ATOM   722  C CZ  B ARG A 1 82  ? -6.987  -11.353 8.569   0.25 20.10  ? 88  ARG B CZ  1 
ATOM   723  N NH1 A ARG A 1 82  ? -5.810  -12.321 8.883   0.25 12.72  ? 88  ARG B NH1 1 
ATOM   724  N NH1 B ARG A 1 82  ? -6.065  -11.344 9.513   0.25 21.55  ? 88  ARG B NH1 1 
ATOM   725  N NH2 A ARG A 1 82  ? -6.856  -13.298 7.101   0.25 12.25  ? 88  ARG B NH2 1 
ATOM   726  N NH2 B ARG A 1 82  ? -6.936  -12.271 7.628   0.25 19.47  ? 88  ARG B NH2 1 
ATOM   727  N N   . ASP A 1 83  ? -8.010  -4.437  9.066   1.00 14.87  ? 89  ASP B N   1 
ATOM   728  C CA  . ASP A 1 83  ? -7.957  -3.364  10.100  1.00 17.03  ? 89  ASP B CA  1 
ATOM   729  C C   . ASP A 1 83  ? -7.237  -3.909  11.332  1.00 18.66  ? 89  ASP B C   1 
ATOM   730  O O   . ASP A 1 83  ? -6.642  -3.093  12.078  1.00 21.55  ? 89  ASP B O   1 
ATOM   731  C CB  . ASP A 1 83  ? -9.364  -2.860  10.433  1.00 21.09  ? 89  ASP B CB  1 
ATOM   732  C CG  . ASP A 1 83  ? -10.316 -3.844  11.048  1.00 28.76  ? 89  ASP B CG  1 
ATOM   733  O OD1 . ASP A 1 83  ? -10.005 -5.070  11.090  1.00 36.70  ? 89  ASP B OD1 1 
ATOM   734  O OD2 . ASP A 1 83  ? -11.382 -3.342  11.545  1.00 39.46  ? 89  ASP B OD2 1 
ATOM   735  N N   . SER A 1 84  ? -7.297  -5.211  11.579  1.00 16.77  ? 90  SER B N   1 
ATOM   736  C CA  . SER A 1 84  ? -6.738  -5.871  12.787  1.00 19.32  ? 90  SER B CA  1 
ATOM   737  C C   . SER A 1 84  ? -5.266  -6.309  12.652  1.00 18.40  ? 90  SER B C   1 
ATOM   738  O O   . SER A 1 84  ? -4.788  -7.034  13.503  1.00 18.97  ? 90  SER B O   1 
ATOM   739  C CB  . SER A 1 84  ? -7.635  -7.057  13.172  1.00 20.74  ? 90  SER B CB  1 
ATOM   740  O OG  . SER A 1 84  ? -7.747  -7.958  12.114  1.00 23.21  ? 90  SER B OG  1 
ATOM   741  N N   . VAL A 1 85  ? -4.535  -5.921  11.589  1.00 16.80  ? 91  VAL B N   1 
ATOM   742  C CA  . VAL A 1 85  ? -3.116  -6.322  11.481  1.00 16.40  ? 91  VAL B CA  1 
ATOM   743  C C   . VAL A 1 85  ? -2.331  -5.837  12.703  1.00 15.66  ? 91  VAL B C   1 
ATOM   744  O O   . VAL A 1 85  ? -2.567  -4.738  13.199  1.00 16.71  ? 91  VAL B O   1 
ATOM   745  C CB  . VAL A 1 85  ? -2.432  -5.898  10.154  1.00 15.57  ? 91  VAL B CB  1 
ATOM   746  C CG1 . VAL A 1 85  ? -3.070  -6.597  8.969   1.00 16.39  ? 91  VAL B CG1 1 
ATOM   747  C CG2 . VAL A 1 85  ? -2.369  -4.415  9.956   1.00 15.55  ? 91  VAL B CG2 1 
ATOM   748  N N   . GLN A 1 86  ? -1.341  -6.648  13.025  1.00 17.04  ? 92  GLN B N   1 
ATOM   749  C CA  . GLN A 1 86  ? -0.282  -6.326  14.027  1.00 18.16  ? 92  GLN B CA  1 
ATOM   750  C C   . GLN A 1 86  ? 0.356   -4.993  13.646  1.00 17.71  ? 92  GLN B C   1 
ATOM   751  O O   . GLN A 1 86  ? 0.737   -4.835  12.475  1.00 18.20  ? 92  GLN B O   1 
ATOM   752  C CB  . GLN A 1 86  ? 0.713   -7.498  14.037  1.00 20.41  ? 92  GLN B CB  1 
ATOM   753  C CG  . GLN A 1 86  ? 1.992   -7.277  14.833  1.00 24.53  ? 92  GLN B CG  1 
ATOM   754  C CD  . GLN A 1 86  ? 2.969   -8.419  14.629  1.00 28.14  ? 92  GLN B CD  1 
ATOM   755  O OE1 . GLN A 1 86  ? 2.665   -9.484  14.043  1.00 29.21  ? 92  GLN B OE1 1 
ATOM   756  N NE2 . GLN A 1 86  ? 4.189   -8.206  15.116  1.00 31.04  ? 92  GLN B NE2 1 
ATOM   757  N N   . ARG A 1 87  ? 0.583   -4.131  14.626  1.00 17.39  ? 93  ARG B N   1 
ATOM   758  C CA  . ARG A 1 87  ? 1.258   -2.811  14.410  1.00 15.89  ? 93  ARG B CA  1 
ATOM   759  C C   . ARG A 1 87  ? 2.681   -2.825  14.964  1.00 17.77  ? 93  ARG B C   1 
ATOM   760  O O   . ARG A 1 87  ? 3.483   -2.047  14.455  1.00 16.45  ? 93  ARG B O   1 
ATOM   761  C CB  . ARG A 1 87  ? 0.490   -1.642  15.017  1.00 17.00  ? 93  ARG B CB  1 
ATOM   762  C CG  . ARG A 1 87  ? -0.980  -1.609  14.640  1.00 16.00  ? 93  ARG B CG  1 
ATOM   763  C CD  . ARG A 1 87  ? -1.220  -1.559  13.131  1.00 17.47  ? 93  ARG B CD  1 
ATOM   764  N NE  . ARG A 1 87  ? -2.661  -1.704  12.813  1.00 18.23  ? 93  ARG B NE  1 
ATOM   765  C CZ  . ARG A 1 87  ? -3.563  -0.742  12.818  1.00 17.68  ? 93  ARG B CZ  1 
ATOM   766  N NH1 . ARG A 1 87  ? -3.234  0.501   13.063  1.00 19.63  ? 93  ARG B NH1 1 
ATOM   767  N NH2 . ARG A 1 87  ? -4.824  -1.028  12.564  1.00 19.64  ? 93  ARG B NH2 1 
ATOM   768  N N   . LYS A 1 88  ? 2.966   -3.624  15.997  1.00 18.95  ? 94  LYS B N   1 
ATOM   769  C CA  . LYS A 1 88  ? 4.243   -3.490  16.737  1.00 18.45  ? 94  LYS B CA  1 
ATOM   770  C C   . LYS A 1 88  ? 5.150   -4.661  16.458  1.00 21.05  ? 94  LYS B C   1 
ATOM   771  O O   . LYS A 1 88  ? 4.658   -5.808  16.327  1.00 22.91  ? 94  LYS B O   1 
ATOM   772  C CB  . LYS A 1 88  ? 3.958   -3.339  18.230  1.00 19.09  ? 94  LYS B CB  1 
ATOM   773  C CG  . LYS A 1 88  ? 2.914   -2.303  18.590  1.00 19.49  ? 94  LYS B CG  1 
ATOM   774  C CD  . LYS A 1 88  ? 3.225   -0.858  18.176  1.00 20.26  ? 94  LYS B CD  1 
ATOM   775  C CE  . LYS A 1 88  ? 2.230   0.145   18.686  1.00 21.31  ? 94  LYS B CE  1 
ATOM   776  N NZ  . LYS A 1 88  ? 2.624   1.502   18.243  1.00 22.68  ? 94  LYS B NZ  1 
ATOM   777  N N   . GLY A 1 89  ? 6.448   -4.398  16.417  1.00 21.03  ? 95  GLY B N   1 
ATOM   778  C CA  . GLY A 1 89  ? 7.457   -5.437  16.235  1.00 21.04  ? 95  GLY B CA  1 
ATOM   779  C C   . GLY A 1 89  ? 7.586   -5.903  14.795  1.00 23.74  ? 95  GLY B C   1 
ATOM   780  O O   . GLY A 1 89  ? 7.137   -5.170  13.877  1.00 21.24  ? 95  GLY B O   1 
ATOM   781  N N   . GLN A 1 90  ? 8.239   -7.039  14.608  1.00 23.72  ? 96  GLN B N   1 
ATOM   782  C CA  . GLN A 1 90  ? 8.603   -7.572  13.286  1.00 24.93  ? 96  GLN B CA  1 
ATOM   783  C C   . GLN A 1 90  ? 7.498   -8.498  12.806  1.00 22.71  ? 96  GLN B C   1 
ATOM   784  O O   . GLN A 1 90  ? 6.835   -9.170  13.631  1.00 22.36  ? 96  GLN B O   1 
ATOM   785  C CB  . GLN A 1 90  ? 9.946   -8.297  13.336  1.00 30.18  ? 96  GLN B CB  1 
ATOM   786  C CG  . GLN A 1 90  ? 11.074  -7.334  13.645  1.00 35.14  ? 96  GLN B CG  1 
ATOM   787  C CD  . GLN A 1 90  ? 12.355  -8.060  13.917  1.00 44.98  ? 96  GLN B CD  1 
ATOM   788  O OE1 . GLN A 1 90  ? 13.131  -8.313  13.000  1.00 55.28  ? 96  GLN B OE1 1 
ATOM   789  N NE2 . GLN A 1 90  ? 12.569  -8.389  15.183  1.00 50.95  ? 96  GLN B NE2 1 
ATOM   790  N N   . PHE A 1 91  ? 7.238   -8.464  11.510  1.00 19.53  ? 97  PHE B N   1 
ATOM   791  C CA  . PHE A 1 91  ? 6.264   -9.345  10.842  1.00 20.52  ? 97  PHE B CA  1 
ATOM   792  C C   . PHE A 1 91  ? 6.508   -9.351  9.349   1.00 19.74  ? 97  PHE B C   1 
ATOM   793  O O   . PHE A 1 91  ? 7.137   -8.418  8.791   1.00 21.99  ? 97  PHE B O   1 
ATOM   794  C CB  . PHE A 1 91  ? 4.835   -8.900  11.127  1.00 19.71  ? 97  PHE B CB  1 
ATOM   795  C CG  . PHE A 1 91  ? 4.523   -7.479  10.748  1.00 19.11  ? 97  PHE B CG  1 
ATOM   796  C CD1 . PHE A 1 91  ? 4.134   -7.174  9.450   1.00 20.10  ? 97  PHE B CD1 1 
ATOM   797  C CD2 . PHE A 1 91  ? 4.567   -6.456  11.685  1.00 19.37  ? 97  PHE B CD2 1 
ATOM   798  C CE1 . PHE A 1 91  ? 3.815   -5.876  9.087   1.00 18.37  ? 97  PHE B CE1 1 
ATOM   799  C CE2 . PHE A 1 91  ? 4.230   -5.162  11.330  1.00 18.64  ? 97  PHE B CE2 1 
ATOM   800  C CZ  . PHE A 1 91  ? 3.833   -4.874  10.036  1.00 19.19  ? 97  PHE B CZ  1 
ATOM   801  N N   A SER A 1 92  ? 6.054   -10.412 8.675   0.25 20.81  ? 98  SER B N   1 
ATOM   802  N N   B SER A 1 92  ? 6.013   -10.407 8.695   0.25 19.94  ? 98  SER B N   1 
ATOM   803  C CA  A SER A 1 92  ? 6.113   -10.519 7.194   0.25 21.06  ? 98  SER B CA  1 
ATOM   804  C CA  B SER A 1 92  ? 6.055   -10.588 7.223   0.25 19.66  ? 98  SER B CA  1 
ATOM   805  C C   A SER A 1 92  ? 4.779   -10.079 6.588   0.25 19.99  ? 98  SER B C   1 
ATOM   806  C C   B SER A 1 92  ? 4.754   -10.078 6.594   0.25 19.19  ? 98  SER B C   1 
ATOM   807  O O   A SER A 1 92  ? 3.726   -10.258 7.240   0.25 19.67  ? 98  SER B O   1 
ATOM   808  O O   B SER A 1 92  ? 3.693   -10.173 7.254   0.25 18.95  ? 98  SER B O   1 
ATOM   809  C CB  A SER A 1 92  ? 6.453   -11.907 6.754   0.25 23.81  ? 98  SER B CB  1 
ATOM   810  C CB  B SER A 1 92  ? 6.306   -12.031 6.880   0.25 21.04  ? 98  SER B CB  1 
ATOM   811  O OG  A SER A 1 92  ? 5.618   -12.834 7.413   0.25 24.82  ? 98  SER B OG  1 
ATOM   812  O OG  B SER A 1 92  ? 7.612   -12.403 7.312   0.25 20.38  ? 98  SER B OG  1 
ATOM   813  N N   . LEU A 1 93  ? 4.841   -9.531  5.375   1.00 18.59  ? 99  LEU B N   1 
ATOM   814  C CA  . LEU A 1 93  ? 3.642   -9.151  4.598   1.00 19.48  ? 99  LEU B CA  1 
ATOM   815  C C   . LEU A 1 93  ? 3.165   -10.393 3.870   1.00 20.13  ? 99  LEU B C   1 
ATOM   816  O O   . LEU A 1 93  ? 3.756   -10.792 2.842   1.00 20.95  ? 99  LEU B O   1 
ATOM   817  C CB  . LEU A 1 93  ? 3.959   -8.035  3.606   1.00 19.17  ? 99  LEU B CB  1 
ATOM   818  C CG  . LEU A 1 93  ? 4.375   -6.710  4.209   1.00 19.76  ? 99  LEU B CG  1 
ATOM   819  C CD1 . LEU A 1 93  ? 4.731   -5.730  3.094   1.00 23.09  ? 99  LEU B CD1 1 
ATOM   820  C CD2 . LEU A 1 93  ? 3.305   -6.130  5.121   1.00 21.32  ? 99  LEU B CD2 1 
ATOM   821  N N   . SER A 1 94  ? 2.069   -10.997 4.340   1.00 17.00  ? 100 SER B N   1 
ATOM   822  C CA  . SER A 1 94  ? 1.509   -12.211 3.757   1.00 16.96  ? 100 SER B CA  1 
ATOM   823  C C   . SER A 1 94  ? 0.005   -12.195 3.973   1.00 15.13  ? 100 SER B C   1 
ATOM   824  O O   . SER A 1 94  ? -0.456  -11.596 4.955   1.00 15.13  ? 100 SER B O   1 
ATOM   825  C CB  . SER A 1 94  ? 2.069   -13.470 4.379   1.00 19.58  ? 100 SER B CB  1 
ATOM   826  O OG  . SER A 1 94  ? 1.677   -13.519 5.752   1.00 23.08  ? 100 SER B OG  1 
ATOM   827  N N   . PRO A 1 95  ? -0.775  -12.931 3.171   1.00 15.39  ? 101 PRO B N   1 
ATOM   828  C CA  . PRO A 1 95  ? -2.209  -13.068 3.408   1.00 15.39  ? 101 PRO B CA  1 
ATOM   829  C C   . PRO A 1 95  ? -2.468  -13.719 4.776   1.00 15.98  ? 101 PRO B C   1 
ATOM   830  O O   . PRO A 1 95  ? -3.441  -13.299 5.437   1.00 15.82  ? 101 PRO B O   1 
ATOM   831  C CB  . PRO A 1 95  ? -2.703  -13.934 2.234   1.00 16.18  ? 101 PRO B CB  1 
ATOM   832  C CG  . PRO A 1 95  ? -1.725  -13.537 1.117   1.00 16.18  ? 101 PRO B CG  1 
ATOM   833  C CD  . PRO A 1 95  ? -0.416  -13.474 1.853   1.00 15.69  ? 101 PRO B CD  1 
ATOM   834  N N   . GLU A 1 96  ? -1.599  -14.622 5.225   1.00 17.49  ? 102 GLU B N   1 
ATOM   835  C CA  . GLU A 1 96  ? -1.785  -15.246 6.575   1.00 20.86  ? 102 GLU B CA  1 
ATOM   836  C C   . GLU A 1 96  ? -1.759  -14.176 7.667   1.00 20.66  ? 102 GLU B C   1 
ATOM   837  O O   . GLU A 1 96  ? -2.526  -14.294 8.682   1.00 21.48  ? 102 GLU B O   1 
ATOM   838  C CB  . GLU A 1 96  ? -0.774  -16.357 6.820   1.00 27.56  ? 102 GLU B CB  1 
ATOM   839  C CG  . GLU A 1 96  ? -0.773  -17.365 5.688   1.00 36.58  ? 102 GLU B CG  1 
ATOM   840  C CD  . GLU A 1 96  ? 0.382   -17.161 4.719   1.00 42.38  ? 102 GLU B CD  1 
ATOM   841  O OE1 . GLU A 1 96  ? 0.210   -16.419 3.685   1.00 27.36  ? 102 GLU B OE1 1 
ATOM   842  O OE2 . GLU A 1 96  ? 1.470   -17.752 5.015   1.00 49.56  ? 102 GLU B OE2 1 
ATOM   843  N N   . ASN A 1 97  ? -0.954  -13.110 7.509   1.00 17.10  ? 103 ASN B N   1 
ATOM   844  C CA  . ASN A 1 97  ? -0.853  -12.011 8.503   1.00 17.27  ? 103 ASN B CA  1 
ATOM   845  C C   . ASN A 1 97  ? -1.828  -10.873 8.177   1.00 16.63  ? 103 ASN B C   1 
ATOM   846  O O   . ASN A 1 97  ? -1.861  -9.898  8.927   1.00 17.42  ? 103 ASN B O   1 
ATOM   847  C CB  . ASN A 1 97  ? 0.577   -11.470 8.610   1.00 17.87  ? 103 ASN B CB  1 
ATOM   848  C CG  . ASN A 1 97  ? 1.523   -12.447 9.248   1.00 21.46  ? 103 ASN B CG  1 
ATOM   849  O OD1 . ASN A 1 97  ? 1.087   -13.339 10.001  1.00 22.93  ? 103 ASN B OD1 1 
ATOM   850  N ND2 . ASN A 1 97  ? 2.814   -12.301 8.969   1.00 22.59  ? 103 ASN B ND2 1 
ATOM   851  N N   . GLY A 1 98  ? -2.689  -11.040 7.161   1.00 15.02  ? 104 GLY B N   1 
ATOM   852  C CA  . GLY A 1 98  ? -3.718  -10.043 6.851   1.00 13.75  ? 104 GLY B CA  1 
ATOM   853  C C   . GLY A 1 98  ? -3.305  -8.956  5.874   1.00 13.79  ? 104 GLY B C   1 
ATOM   854  O O   . GLY A 1 98  ? -3.901  -7.910  5.863   1.00 13.57  ? 104 GLY B O   1 
ATOM   855  N N   . PHE A 1 99  ? -2.334  -9.259  4.976   1.00 13.53  ? 105 PHE B N   1 
ATOM   856  C CA  . PHE A 1 99  ? -1.878  -8.270  3.965   1.00 13.01  ? 105 PHE B CA  1 
ATOM   857  C C   . PHE A 1 99  ? -1.979  -8.829  2.549   1.00 12.52  ? 105 PHE B C   1 
ATOM   858  O O   . PHE A 1 99  ? -1.570  -9.998  2.351   1.00 14.21  ? 105 PHE B O   1 
ATOM   859  C CB  . PHE A 1 99  ? -0.417  -7.883  4.190   1.00 13.20  ? 105 PHE B CB  1 
ATOM   860  C CG  . PHE A 1 99  ? -0.125  -7.243  5.524   1.00 13.02  ? 105 PHE B CG  1 
ATOM   861  C CD1 . PHE A 1 99  ? 0.161   -8.022  6.623   1.00 13.06  ? 105 PHE B CD1 1 
ATOM   862  C CD2 . PHE A 1 99  ? -0.139  -5.862  5.665   1.00 13.16  ? 105 PHE B CD2 1 
ATOM   863  C CE1 . PHE A 1 99  ? 0.404   -7.438  7.863   1.00 13.52  ? 105 PHE B CE1 1 
ATOM   864  C CE2 . PHE A 1 99  ? 0.146   -5.269  6.878   1.00 15.09  ? 105 PHE B CE2 1 
ATOM   865  C CZ  . PHE A 1 99  ? 0.453   -6.072  7.949   1.00 13.09  ? 105 PHE B CZ  1 
ATOM   866  N N   . TRP A 1 100 ? -2.457  -8.019  1.603   1.00 11.56  ? 106 TRP B N   1 
ATOM   867  C CA  . TRP A 1 100 ? -2.528  -8.353  0.158   1.00 11.23  ? 106 TRP B CA  1 
ATOM   868  C C   . TRP A 1 100 ? -1.796  -7.256  -0.609  1.00 10.91  ? 106 TRP B C   1 
ATOM   869  O O   . TRP A 1 100 ? -2.365  -6.145  -0.784  1.00 11.16  ? 106 TRP B O   1 
ATOM   870  C CB  . TRP A 1 100 ? -3.989  -8.561  -0.320  1.00 11.37  ? 106 TRP B CB  1 
ATOM   871  C CG  . TRP A 1 100 ? -4.616  -9.730  0.400   1.00 11.92  ? 106 TRP B CG  1 
ATOM   872  C CD1 . TRP A 1 100 ? -4.691  -11.040 0.011   1.00 13.52  ? 106 TRP B CD1 1 
ATOM   873  C CD2 . TRP A 1 100 ? -5.312  -9.660  1.677   1.00 11.99  ? 106 TRP B CD2 1 
ATOM   874  N NE1 . TRP A 1 100 ? -5.347  -11.793 0.980   1.00 13.60  ? 106 TRP B NE1 1 
ATOM   875  C CE2 . TRP A 1 100 ? -5.685  -10.970 2.017   1.00 12.93  ? 106 TRP B CE2 1 
ATOM   876  C CE3 . TRP A 1 100 ? -5.550  -8.630  2.565   1.00 12.44  ? 106 TRP B CE3 1 
ATOM   877  C CZ2 . TRP A 1 100 ? -6.325  -11.272 3.230   1.00 14.46  ? 106 TRP B CZ2 1 
ATOM   878  C CZ3 . TRP A 1 100 ? -6.230  -8.921  3.741   1.00 14.26  ? 106 TRP B CZ3 1 
ATOM   879  C CH2 . TRP A 1 100 ? -6.574  -10.218 4.075   1.00 13.82  ? 106 TRP B CH2 1 
ATOM   880  N N   . THR A 1 101 ? -0.505  -7.510  -0.878  1.00 11.63  ? 107 THR B N   1 
ATOM   881  C CA  . THR A 1 101 ? 0.418   -6.414  -1.278  1.00 11.68  ? 107 THR B CA  1 
ATOM   882  C C   . THR A 1 101 ? 1.336   -6.867  -2.437  1.00 11.07  ? 107 THR B C   1 
ATOM   883  O O   . THR A 1 101 ? 1.570   -8.067  -2.586  1.00 12.14  ? 107 THR B O   1 
ATOM   884  C CB  . THR A 1 101 ? 1.288   -5.957  -0.108  1.00 12.65  ? 107 THR B CB  1 
ATOM   885  O OG1 . THR A 1 101 ? 2.122   -7.016  0.328   1.00 14.19  ? 107 THR B OG1 1 
ATOM   886  C CG2 . THR A 1 101 ? 0.401   -5.462  1.015   1.00 13.29  ? 107 THR B CG2 1 
ATOM   887  N N   . ILE A 1 102 ? 1.893   -5.858  -3.116  1.00 11.74  ? 108 ILE B N   1 
ATOM   888  C CA  . ILE A 1 102 ? 3.074   -6.064  -4.008  1.00 11.33  ? 108 ILE B CA  1 
ATOM   889  C C   . ILE A 1 102 ? 4.132   -5.053  -3.573  1.00 12.97  ? 108 ILE B C   1 
ATOM   890  O O   . ILE A 1 102 ? 3.828   -4.084  -2.848  1.00 12.51  ? 108 ILE B O   1 
ATOM   891  C CB  . ILE A 1 102 ? 2.717   -5.917  -5.502  1.00 12.64  ? 108 ILE B CB  1 
ATOM   892  C CG1 . ILE A 1 102 ? 2.362   -4.477  -5.877  1.00 13.00  ? 108 ILE B CG1 1 
ATOM   893  C CG2 . ILE A 1 102 ? 1.653   -6.930  -5.876  1.00 13.52  ? 108 ILE B CG2 1 
ATOM   894  C CD1 . ILE A 1 102 ? 2.190   -4.237  -7.348  1.00 13.76  ? 108 ILE B CD1 1 
ATOM   895  N N   . TRP A 1 103 ? 5.342   -5.300  -4.002  1.00 12.85  ? 109 TRP B N   1 
ATOM   896  C CA  . TRP A 1 103 ? 6.469   -4.406  -3.651  1.00 13.11  ? 109 TRP B CA  1 
ATOM   897  C C   . TRP A 1 103 ? 7.524   -4.380  -4.721  1.00 13.10  ? 109 TRP B C   1 
ATOM   898  O O   . TRP A 1 103 ? 7.654   -5.245  -5.566  1.00 13.54  ? 109 TRP B O   1 
ATOM   899  C CB  . TRP A 1 103 ? 7.075   -4.760  -2.316  1.00 14.39  ? 109 TRP B CB  1 
ATOM   900  C CG  . TRP A 1 103 ? 7.734   -6.088  -2.217  1.00 16.37  ? 109 TRP B CG  1 
ATOM   901  C CD1 . TRP A 1 103 ? 8.956   -6.432  -2.736  1.00 17.81  ? 109 TRP B CD1 1 
ATOM   902  C CD2 . TRP A 1 103 ? 7.312   -7.176  -1.407  1.00 17.78  ? 109 TRP B CD2 1 
ATOM   903  N NE1 . TRP A 1 103 ? 9.303   -7.682  -2.328  1.00 20.52  ? 109 TRP B NE1 1 
ATOM   904  C CE2 . TRP A 1 103 ? 8.324   -8.150  -1.495  1.00 17.80  ? 109 TRP B CE2 1 
ATOM   905  C CE3 . TRP A 1 103 ? 6.195   -7.395  -0.588  1.00 19.23  ? 109 TRP B CE3 1 
ATOM   906  C CZ2 . TRP A 1 103 ? 8.210   -9.369  -0.843  1.00 22.41  ? 109 TRP B CZ2 1 
ATOM   907  C CZ3 . TRP A 1 103 ? 6.103   -8.591  0.070   1.00 21.45  ? 109 TRP B CZ3 1 
ATOM   908  C CH2 . TRP A 1 103 ? 7.100   -9.548  -0.053  1.00 20.90  ? 109 TRP B CH2 1 
ATOM   909  N N   . LEU A 1 104 ? 8.342   -3.317  -4.608  1.00 13.10  ? 110 LEU B N   1 
ATOM   910  C CA  . LEU A 1 104 ? 9.614   -3.135  -5.305  1.00 13.83  ? 110 LEU B CA  1 
ATOM   911  C C   . LEU A 1 104 ? 10.745  -3.180  -4.278  1.00 12.95  ? 110 LEU B C   1 
ATOM   912  O O   . LEU A 1 104 ? 10.675  -2.515  -3.252  1.00 14.12  ? 110 LEU B O   1 
ATOM   913  C CB  . LEU A 1 104 ? 9.651   -1.798  -6.016  1.00 13.59  ? 110 LEU B CB  1 
ATOM   914  C CG  . LEU A 1 104 ? 10.988  -1.387  -6.637  1.00 14.15  ? 110 LEU B CG  1 
ATOM   915  C CD1 . LEU A 1 104 ? 11.468  -2.350  -7.711  1.00 15.34  ? 110 LEU B CD1 1 
ATOM   916  C CD2 . LEU A 1 104 ? 10.965  0.038   -7.155  1.00 16.43  ? 110 LEU B CD2 1 
ATOM   917  N N   . TRP A 1 105 ? 11.764  -3.989  -4.566  1.00 13.89  ? 111 TRP B N   1 
ATOM   918  C CA  . TRP A 1 105 ? 12.936  -4.107  -3.694  1.00 16.06  ? 111 TRP B CA  1 
ATOM   919  C C   . TRP A 1 105 ? 14.123  -4.521  -4.570  1.00 16.47  ? 111 TRP B C   1 
ATOM   920  O O   . TRP A 1 105 ? 14.028  -5.570  -5.248  1.00 17.98  ? 111 TRP B O   1 
ATOM   921  C CB  . TRP A 1 105 ? 12.638  -5.159  -2.629  1.00 20.61  ? 111 TRP B CB  1 
ATOM   922  C CG  . TRP A 1 105 ? 13.810  -5.561  -1.840  1.00 25.95  ? 111 TRP B CG  1 
ATOM   923  C CD1 . TRP A 1 105 ? 14.514  -6.742  -1.864  1.00 26.98  ? 111 TRP B CD1 1 
ATOM   924  C CD2 . TRP A 1 105 ? 14.379  -4.749  -0.826  1.00 27.49  ? 111 TRP B CD2 1 
ATOM   925  N NE1 . TRP A 1 105 ? 15.502  -6.693  -0.923  1.00 26.94  ? 111 TRP B NE1 1 
ATOM   926  C CE2 . TRP A 1 105 ? 15.440  -5.488  -0.277  1.00 25.86  ? 111 TRP B CE2 1 
ATOM   927  C CE3 . TRP A 1 105 ? 14.099  -3.473  -0.348  1.00 28.98  ? 111 TRP B CE3 1 
ATOM   928  C CZ2 . TRP A 1 105 ? 16.234  -4.979  0.739   1.00 32.02  ? 111 TRP B CZ2 1 
ATOM   929  C CZ3 . TRP A 1 105 ? 14.896  -2.964  0.648   1.00 33.13  ? 111 TRP B CZ3 1 
ATOM   930  C CH2 . TRP A 1 105 ? 15.962  -3.700  1.163   1.00 35.06  ? 111 TRP B CH2 1 
ATOM   931  N N   . GLN A 1 106 ? 15.210  -3.725  -4.557  1.00 16.97  ? 112 GLN B N   1 
ATOM   932  C CA  . GLN A 1 106 ? 16.464  -4.140  -5.254  1.00 17.18  ? 112 GLN B CA  1 
ATOM   933  C C   . GLN A 1 106 ? 16.157  -4.528  -6.680  1.00 18.53  ? 112 GLN B C   1 
ATOM   934  O O   . GLN A 1 106 ? 16.651  -5.610  -7.180  1.00 19.66  ? 112 GLN B O   1 
ATOM   935  C CB  . GLN A 1 106 ? 17.168  -5.235  -4.456  1.00 20.77  ? 112 GLN B CB  1 
ATOM   936  C CG  . GLN A 1 106 ? 17.560  -4.812  -3.056  1.00 21.39  ? 112 GLN B CG  1 
ATOM   937  C CD  . GLN A 1 106 ? 18.538  -5.715  -2.338  1.00 25.05  ? 112 GLN B CD  1 
ATOM   938  O OE1 . GLN A 1 106 ? 19.119  -5.311  -1.316  1.00 30.24  ? 112 GLN B OE1 1 
ATOM   939  N NE2 . GLN A 1 106 ? 18.685  -6.939  -2.821  1.00 21.08  ? 112 GLN B NE2 1 
ATOM   940  N N   . ASP A 1 107 ? 15.455  -3.662  -7.393  1.00 19.13  ? 113 ASP B N   1 
ATOM   941  C CA  . ASP A 1 107 ? 15.239  -3.798  -8.843  1.00 24.88  ? 113 ASP B CA  1 
ATOM   942  C C   . ASP A 1 107 ? 14.339  -4.981  -9.208  1.00 23.02  ? 113 ASP B C   1 
ATOM   943  O O   . ASP A 1 107 ? 14.182  -5.183  -10.437 1.00 29.76  ? 113 ASP B O   1 
ATOM   944  C CB  . ASP A 1 107 ? 16.556  -4.102  -9.558  1.00 30.66  ? 113 ASP B CB  1 
ATOM   945  C CG  . ASP A 1 107 ? 17.066  -2.947  -10.355 1.00 41.71  ? 113 ASP B CG  1 
ATOM   946  O OD1 . ASP A 1 107 ? 16.218  -2.244  -10.962 1.00 50.14  ? 113 ASP B OD1 1 
ATOM   947  O OD2 . ASP A 1 107 ? 18.318  -2.805  -10.410 1.00 54.67  ? 113 ASP B OD2 1 
ATOM   948  N N   . SER A 1 108 ? 13.725  -5.658  -8.245  1.00 20.34  ? 114 SER B N   1 
ATOM   949  C CA  . SER A 1 108 ? 12.734  -6.739  -8.517  1.00 20.31  ? 114 SER B CA  1 
ATOM   950  C C   . SER A 1 108 ? 11.346  -6.384  -7.954  1.00 17.60  ? 114 SER B C   1 
ATOM   951  O O   . SER A 1 108 ? 11.233  -5.854  -6.829  1.00 17.32  ? 114 SER B O   1 
ATOM   952  C CB  . SER A 1 108 ? 13.232  -8.071  -8.080  1.00 27.44  ? 114 SER B CB  1 
ATOM   953  O OG  . SER A 1 108 ? 13.242  -8.191  -6.693  1.00 35.50  ? 114 SER B OG  1 
ATOM   954  N N   . TYR A 1 109 ? 10.312  -6.710  -8.707  1.00 15.64  ? 115 TYR B N   1 
ATOM   955  C CA  . TYR A 1 109 ? 8.909   -6.556  -8.235  1.00 14.67  ? 115 TYR B CA  1 
ATOM   956  C C   . TYR A 1 109 ? 8.426   -7.923  -7.795  1.00 13.89  ? 115 TYR B C   1 
ATOM   957  O O   . TYR A 1 109 ? 8.650   -8.924  -8.491  1.00 14.96  ? 115 TYR B O   1 
ATOM   958  C CB  . TYR A 1 109 ? 8.017   -5.987  -9.334  1.00 14.43  ? 115 TYR B CB  1 
ATOM   959  C CG  . TYR A 1 109 ? 8.415   -4.597  -9.807  1.00 15.55  ? 115 TYR B CG  1 
ATOM   960  C CD1 . TYR A 1 109 ? 9.266   -4.439  -10.886 1.00 17.80  ? 115 TYR B CD1 1 
ATOM   961  C CD2 . TYR A 1 109 ? 7.906   -3.451  -9.212  1.00 14.62  ? 115 TYR B CD2 1 
ATOM   962  C CE1 . TYR A 1 109 ? 9.636   -3.176  -11.343 1.00 18.35  ? 115 TYR B CE1 1 
ATOM   963  C CE2 . TYR A 1 109 ? 8.267   -2.197  -9.659  1.00 14.75  ? 115 TYR B CE2 1 
ATOM   964  C CZ  . TYR A 1 109 ? 9.128   -2.052  -10.729 1.00 16.27  ? 115 TYR B CZ  1 
ATOM   965  O OH  . TYR A 1 109 ? 9.465   -0.778  -11.144 1.00 18.15  ? 115 TYR B OH  1 
ATOM   966  N N   A GLU A 1 110 ? 7.773   -8.001  -6.631  0.25 13.77  ? 116 GLU B N   1 
ATOM   967  N N   B GLU A 1 110 ? 7.773   -7.978  -6.630  0.25 13.76  ? 116 GLU B N   1 
ATOM   968  C CA  A GLU A 1 110 ? 7.296   -9.292  -6.070  0.25 14.82  ? 116 GLU B CA  1 
ATOM   969  C CA  B GLU A 1 110 ? 7.301   -9.241  -6.008  0.25 14.79  ? 116 GLU B CA  1 
ATOM   970  C C   A GLU A 1 110 ? 5.926   -9.108  -5.415  0.25 13.53  ? 116 GLU B C   1 
ATOM   971  C C   B GLU A 1 110 ? 5.861   -9.056  -5.518  0.25 13.50  ? 116 GLU B C   1 
ATOM   972  O O   A GLU A 1 110 ? 5.648   -8.035  -4.864  0.25 12.88  ? 116 GLU B O   1 
ATOM   973  O O   B GLU A 1 110 ? 5.454   -7.924  -5.216  0.25 12.58  ? 116 GLU B O   1 
ATOM   974  C CB  A GLU A 1 110 ? 8.298   -9.866  -5.071  0.25 16.56  ? 116 GLU B CB  1 
ATOM   975  C CB  B GLU A 1 110 ? 8.206   -9.650  -4.845  0.25 16.39  ? 116 GLU B CB  1 
ATOM   976  C CG  A GLU A 1 110 ? 9.639   -10.206 -5.706  0.25 17.75  ? 116 GLU B CG  1 
ATOM   977  C CG  B GLU A 1 110 ? 9.675   -9.812  -5.228  0.25 17.86  ? 116 GLU B CG  1 
ATOM   978  C CD  A GLU A 1 110 ? 10.742  -10.595 -4.735  0.25 19.89  ? 116 GLU B CD  1 
ATOM   979  C CD  B GLU A 1 110 ? 10.067  -11.155 -5.827  0.25 19.95  ? 116 GLU B CD  1 
ATOM   980  O OE1 A GLU A 1 110 ? 10.846  -9.967  -3.663  0.25 21.02  ? 116 GLU B OE1 1 
ATOM   981  O OE1 B GLU A 1 110 ? 9.295   -12.125 -5.700  0.25 21.67  ? 116 GLU B OE1 1 
ATOM   982  O OE2 A GLU A 1 110 ? 11.505  -11.524 -5.060  0.25 20.09  ? 116 GLU B OE2 1 
ATOM   983  O OE2 B GLU A 1 110 ? 11.190  -11.238 -6.357  0.25 23.28  ? 116 GLU B OE2 1 
ATOM   984  N N   . ALA A 1 111 ? 5.087   -10.143 -5.502  1.00 13.54  ? 117 ALA B N   1 
ATOM   985  C CA  . ALA A 1 111 ? 3.829   -10.175 -4.737  1.00 13.04  ? 117 ALA B CA  1 
ATOM   986  C C   . ALA A 1 111 ? 4.100   -10.748 -3.350  1.00 13.94  ? 117 ALA B C   1 
ATOM   987  O O   . ALA A 1 111 ? 4.865   -11.740 -3.189  1.00 13.76  ? 117 ALA B O   1 
ATOM   988  C CB  . ALA A 1 111 ? 2.753   -10.954 -5.457  1.00 14.10  ? 117 ALA B CB  1 
ATOM   989  N N   . GLY A 1 112 ? 3.427   -10.174 -2.343  1.00 13.59  ? 118 GLY B N   1 
ATOM   990  C CA  . GLY A 1 112 ? 3.535   -10.559 -0.921  1.00 15.68  ? 118 GLY B CA  1 
ATOM   991  C C   . GLY A 1 112 ? 2.817   -11.846 -0.559  1.00 17.25  ? 118 GLY B C   1 
ATOM   992  O O   . GLY A 1 112 ? 1.995   -11.850 0.314   1.00 18.18  ? 118 GLY B O   1 
ATOM   993  N N   . THR A 1 113 ? 3.039   -12.911 -1.281  1.00 18.64  ? 119 THR B N   1 
ATOM   994  C CA  . THR A 1 113 ? 2.667   -14.265 -0.859  1.00 18.13  ? 119 THR B CA  1 
ATOM   995  C C   . THR A 1 113 ? 3.764   -14.800 0.069   1.00 17.86  ? 119 THR B C   1 
ATOM   996  O O   . THR A 1 113 ? 4.810   -14.170 0.208   1.00 22.53  ? 119 THR B O   1 
ATOM   997  C CB  . THR A 1 113 ? 2.467   -15.101 -2.111  1.00 16.14  ? 119 THR B CB  1 
ATOM   998  O OG1 . THR A 1 113 ? 3.643   -15.015 -2.921  1.00 16.90  ? 119 THR B OG1 1 
ATOM   999  C CG2 . THR A 1 113 ? 1.300   -14.722 -2.978  1.00 17.60  ? 119 THR B CG2 1 
ATOM   1000 N N   . SER A 1 114 ? 3.527   -15.963 0.695   1.00 21.05  ? 120 SER B N   1 
ATOM   1001 C CA  . SER A 1 114 ? 4.515   -16.640 1.554   1.00 23.93  ? 120 SER B CA  1 
ATOM   1002 C C   . SER A 1 114 ? 4.789   -18.037 1.002   1.00 25.52  ? 120 SER B C   1 
ATOM   1003 O O   . SER A 1 114 ? 3.914   -18.898 1.041   1.00 29.29  ? 120 SER B O   1 
ATOM   1004 C CB  . SER A 1 114 ? 4.018   -16.705 2.992   1.00 29.00  ? 120 SER B CB  1 
ATOM   1005 O OG  . SER A 1 114 ? 5.031   -17.292 3.783   1.00 34.90  ? 120 SER B OG  1 
ATOM   1006 N N   . PRO A 1 115 ? 5.934   -18.284 0.344   1.00 24.12  ? 121 PRO B N   1 
ATOM   1007 C CA  . PRO A 1 115 ? 6.963   -17.272 0.083   1.00 24.24  ? 121 PRO B CA  1 
ATOM   1008 C C   . PRO A 1 115 ? 6.574   -16.329 -1.067  1.00 20.37  ? 121 PRO B C   1 
ATOM   1009 O O   . PRO A 1 115 ? 5.586   -16.586 -1.783  1.00 20.32  ? 121 PRO B O   1 
ATOM   1010 C CB  . PRO A 1 115 ? 8.170   -18.080 -0.372  1.00 26.14  ? 121 PRO B CB  1 
ATOM   1011 C CG  . PRO A 1 115 ? 7.560   -19.340 -0.978  1.00 27.79  ? 121 PRO B CG  1 
ATOM   1012 C CD  . PRO A 1 115 ? 6.240   -19.590 -0.277  1.00 27.62  ? 121 PRO B CD  1 
ATOM   1013 N N   . GLN A 1 116 ? 7.377   -15.291 -1.270  1.00 21.01  ? 122 GLN B N   1 
ATOM   1014 C CA  . GLN A 1 116 ? 7.038   -14.206 -2.213  1.00 19.35  ? 122 GLN B CA  1 
ATOM   1015 C C   . GLN A 1 116 ? 7.064   -14.737 -3.646  1.00 17.34  ? 122 GLN B C   1 
ATOM   1016 O O   . GLN A 1 116 ? 7.787   -15.693 -3.938  1.00 18.89  ? 122 GLN B O   1 
ATOM   1017 C CB  . GLN A 1 116 ? 7.924   -12.967 -2.035  1.00 23.36  ? 122 GLN B CB  1 
ATOM   1018 C CG  . GLN A 1 116 ? 9.336   -13.097 -2.560  1.00 28.62  ? 122 GLN B CG  1 
ATOM   1019 C CD  . GLN A 1 116 ? 10.320  -13.526 -1.501  1.00 42.92  ? 122 GLN B CD  1 
ATOM   1020 O OE1 . GLN A 1 116 ? 10.004  -14.297 -0.586  1.00 44.77  ? 122 GLN B OE1 1 
ATOM   1021 N NE2 . GLN A 1 116 ? 11.552  -13.063 -1.659  1.00 45.38  ? 122 GLN B NE2 1 
ATOM   1022 N N   . THR A 1 117 ? 6.262   -14.133 -4.503  1.00 14.88  ? 123 THR B N   1 
ATOM   1023 C CA  . THR A 1 117 ? 6.127   -14.519 -5.929  1.00 13.91  ? 123 THR B CA  1 
ATOM   1024 C C   . THR A 1 117 ? 6.766   -13.475 -6.841  1.00 15.05  ? 123 THR B C   1 
ATOM   1025 O O   . THR A 1 117 ? 6.403   -12.286 -6.774  1.00 14.70  ? 123 THR B O   1 
ATOM   1026 C CB  . THR A 1 117 ? 4.643   -14.693 -6.278  1.00 14.46  ? 123 THR B CB  1 
ATOM   1027 O OG1 . THR A 1 117 ? 4.109   -15.703 -5.430  1.00 15.88  ? 123 THR B OG1 1 
ATOM   1028 C CG2 . THR A 1 117 ? 4.417   -15.048 -7.733  1.00 15.04  ? 123 THR B CG2 1 
ATOM   1029 N N   . THR A 1 118 ? 7.619   -13.903 -7.785  1.00 15.27  ? 124 THR B N   1 
ATOM   1030 C CA  . THR A 1 118 ? 8.232   -13.021 -8.781  1.00 15.63  ? 124 THR B CA  1 
ATOM   1031 C C   . THR A 1 118 ? 7.180   -12.445 -9.719  1.00 15.32  ? 124 THR B C   1 
ATOM   1032 O O   . THR A 1 118 ? 6.371   -13.234 -10.287 1.00 17.49  ? 124 THR B O   1 
ATOM   1033 C CB  . THR A 1 118 ? 9.239   -13.857 -9.588  1.00 17.50  ? 124 THR B CB  1 
ATOM   1034 O OG1 . THR A 1 118 ? 10.246  -14.290 -8.690  1.00 20.11  ? 124 THR B OG1 1 
ATOM   1035 C CG2 . THR A 1 118 ? 9.843   -13.086 -10.737 1.00 21.54  ? 124 THR B CG2 1 
ATOM   1036 N N   . LEU A 1 119 ? 7.179   -11.141 -9.974  1.00 14.22  ? 125 LEU B N   1 
ATOM   1037 C CA  . LEU A 1 119 ? 6.285   -10.482 -10.951 1.00 14.99  ? 125 LEU B CA  1 
ATOM   1038 C C   . LEU A 1 119 ? 7.068   -10.303 -12.248 1.00 18.34  ? 125 LEU B C   1 
ATOM   1039 O O   . LEU A 1 119 ? 8.313   -10.332 -12.223 1.00 22.02  ? 125 LEU B O   1 
ATOM   1040 C CB  . LEU A 1 119 ? 5.766   -9.138  -10.436 1.00 15.45  ? 125 LEU B CB  1 
ATOM   1041 C CG  . LEU A 1 119 ? 5.010   -9.264  -9.119  1.00 15.58  ? 125 LEU B CG  1 
ATOM   1042 C CD1 . LEU A 1 119 ? 4.612   -7.914  -8.560  1.00 15.44  ? 125 LEU B CD1 1 
ATOM   1043 C CD2 . LEU A 1 119 ? 3.772   -10.141 -9.306  1.00 17.44  ? 125 LEU B CD2 1 
ATOM   1044 N N   . HIS A 1 120 ? 6.352   -10.207 -13.350 1.00 19.19  ? 126 HIS B N   1 
ATOM   1045 C CA  . HIS A 1 120 ? 6.942   -10.036 -14.702 1.00 20.82  ? 126 HIS B CA  1 
ATOM   1046 C C   . HIS A 1 120 ? 6.371   -8.732  -15.227 1.00 21.32  ? 126 HIS B C   1 
ATOM   1047 O O   . HIS A 1 120 ? 5.219   -8.732  -15.658 1.00 28.77  ? 126 HIS B O   1 
ATOM   1048 C CB  . HIS A 1 120 ? 6.586   -11.248 -15.582 1.00 24.00  ? 126 HIS B CB  1 
ATOM   1049 C CG  . HIS A 1 120 ? 7.102   -12.547 -15.035 1.00 26.61  ? 126 HIS B CG  1 
ATOM   1050 N ND1 . HIS A 1 120 ? 6.317   -13.402 -14.245 1.00 33.39  ? 126 HIS B ND1 1 
ATOM   1051 C CD2 . HIS A 1 120 ? 8.337   -13.093 -15.075 1.00 31.26  ? 126 HIS B CD2 1 
ATOM   1052 C CE1 . HIS A 1 120 ? 7.071   -14.415 -13.827 1.00 30.65  ? 126 HIS B CE1 1 
ATOM   1053 N NE2 . HIS A 1 120 ? 8.293   -14.269 -14.375 1.00 30.71  ? 126 HIS B NE2 1 
ATOM   1054 N N   . ILE A 1 121 ? 7.103   -7.656  -15.147 1.00 21.41  ? 127 ILE B N   1 
ATOM   1055 C CA  . ILE A 1 121 ? 6.599   -6.329  -15.597 1.00 22.57  ? 127 ILE B CA  1 
ATOM   1056 C C   . ILE A 1 121 ? 7.572   -5.829  -16.682 1.00 27.40  ? 127 ILE B C   1 
ATOM   1057 O O   . ILE A 1 121 ? 8.708   -5.650  -16.380 1.00 28.63  ? 127 ILE B O   1 
ATOM   1058 C CB  . ILE A 1 121 ? 6.445   -5.329  -14.427 1.00 25.22  ? 127 ILE B CB  1 
ATOM   1059 C CG1 . ILE A 1 121 ? 5.725   -5.915  -13.204 1.00 23.60  ? 127 ILE B CG1 1 
ATOM   1060 C CG2 . ILE A 1 121 ? 5.724   -4.086  -14.934 1.00 26.73  ? 127 ILE B CG2 1 
ATOM   1061 C CD1 . ILE A 1 121 ? 5.460   -4.923  -12.084 1.00 23.21  ? 127 ILE B CD1 1 
ATOM   1062 N N   . GLN A 1 122 ? 7.097   -5.594  -17.898 1.00 30.20  ? 128 GLN B N   1 
ATOM   1063 C CA  . GLN A 1 122 ? 8.004   -5.155  -19.008 1.00 36.98  ? 128 GLN B CA  1 
ATOM   1064 C C   . GLN A 1 122 ? 8.317   -3.652  -18.916 1.00 31.40  ? 128 GLN B C   1 
ATOM   1065 O O   . GLN A 1 122 ? 9.442   -3.262  -19.278 1.00 33.41  ? 128 GLN B O   1 
ATOM   1066 C CB  . GLN A 1 122 ? 7.367   -5.524  -20.342 1.00 42.58  ? 128 GLN B CB  1 
ATOM   1067 C CG  . GLN A 1 122 ? 8.285   -5.272  -21.537 1.00 58.13  ? 128 GLN B CG  1 
ATOM   1068 C CD  . GLN A 1 122 ? 9.512   -6.163  -21.552 1.00 68.82  ? 128 GLN B CD  1 
ATOM   1069 O OE1 . GLN A 1 122 ? 9.484   -7.307  -21.090 1.00 81.57  ? 128 GLN B OE1 1 
ATOM   1070 N NE2 . GLN A 1 122 ? 10.596  -5.656  -22.119 1.00 68.54  ? 128 GLN B NE2 1 
ATOM   1071 N N   . VAL A 1 123 ? 7.375   -2.849  -18.424 1.00 26.78  ? 129 VAL B N   1 
ATOM   1072 C CA  . VAL A 1 123 ? 7.462   -1.350  -18.342 1.00 24.34  ? 129 VAL B CA  1 
ATOM   1073 C C   . VAL A 1 123 ? 7.431   -0.949  -16.867 1.00 24.67  ? 129 VAL B C   1 
ATOM   1074 O O   . VAL A 1 123 ? 6.373   -1.084  -16.229 1.00 22.96  ? 129 VAL B O   1 
ATOM   1075 C CB  . VAL A 1 123 ? 6.298   -0.715  -19.120 1.00 26.98  ? 129 VAL B CB  1 
ATOM   1076 C CG1 . VAL A 1 123 ? 6.243   0.808   -18.978 1.00 26.51  ? 129 VAL B CG1 1 
ATOM   1077 C CG2 . VAL A 1 123 ? 6.289   -1.118  -20.596 1.00 30.19  ? 129 VAL B CG2 1 
ATOM   1078 N N   . PRO A 1 124 ? 8.577   -0.595  -16.240 1.00 23.60  ? 130 PRO B N   1 
ATOM   1079 C CA  . PRO A 1 124 ? 8.585   -0.240  -14.820 1.00 23.33  ? 130 PRO B CA  1 
ATOM   1080 C C   . PRO A 1 124 ? 7.516   0.814   -14.550 1.00 22.28  ? 130 PRO B C   1 
ATOM   1081 O O   . PRO A 1 124 ? 7.457   1.855   -15.189 1.00 23.59  ? 130 PRO B O   1 
ATOM   1082 C CB  . PRO A 1 124 ? 10.005  0.283   -14.583 1.00 27.92  ? 130 PRO B CB  1 
ATOM   1083 C CG  . PRO A 1 124 ? 10.838  -0.399  -15.645 1.00 27.20  ? 130 PRO B CG  1 
ATOM   1084 C CD  . PRO A 1 124 ? 9.935   -0.601  -16.824 1.00 28.24  ? 130 PRO B CD  1 
ATOM   1085 N N   . PRO A 1 125 ? 6.594   0.580   -13.595 1.00 19.81  ? 131 PRO B N   1 
ATOM   1086 C CA  . PRO A 1 125 ? 5.479   1.496   -13.415 1.00 19.22  ? 131 PRO B CA  1 
ATOM   1087 C C   . PRO A 1 125 ? 5.825   2.791   -12.678 1.00 17.94  ? 131 PRO B C   1 
ATOM   1088 O O   . PRO A 1 125 ? 6.626   2.729   -11.757 1.00 19.90  ? 131 PRO B O   1 
ATOM   1089 C CB  . PRO A 1 125 ? 4.474   0.678   -12.586 1.00 19.81  ? 131 PRO B CB  1 
ATOM   1090 C CG  . PRO A 1 125 ? 5.227   -0.487  -12.055 1.00 22.92  ? 131 PRO B CG  1 
ATOM   1091 C CD  . PRO A 1 125 ? 6.444   -0.699  -12.913 1.00 20.24  ? 131 PRO B CD  1 
ATOM   1092 N N   . CYS A 1 126 ? 5.278   3.921   -13.114 1.00 19.56  ? 132 CYS B N   1 
ATOM   1093 C CA  . CYS A 1 126 ? 5.326   5.174   -12.341 1.00 21.11  ? 132 CYS B CA  1 
ATOM   1094 C C   . CYS A 1 126 ? 4.034   5.355   -11.539 1.00 17.74  ? 132 CYS B C   1 
ATOM   1095 O O   . CYS A 1 126 ? 4.019   6.135   -10.604 1.00 17.46  ? 132 CYS B O   1 
ATOM   1096 C CB  . CYS A 1 126 ? 5.537   6.395   -13.228 1.00 25.06  ? 132 CYS B CB  1 
ATOM   1097 S SG  . CYS A 1 126 ? 7.010   6.219   -14.273 1.00 33.95  ? 132 CYS B SG  1 
ATOM   1098 N N   A GLN A 1 127 ? 2.937   4.695   -11.929 0.25 17.71  ? 133 GLN B N   1 
ATOM   1099 N N   B GLN A 1 127 ? 2.986   4.613   -11.909 0.25 17.78  ? 133 GLN B N   1 
ATOM   1100 C CA  A GLN A 1 127 ? 1.653   4.739   -11.172 0.25 18.41  ? 133 GLN B CA  1 
ATOM   1101 C CA  B GLN A 1 127 ? 1.632   4.699   -11.304 0.25 18.85  ? 133 GLN B CA  1 
ATOM   1102 C C   A GLN A 1 127 ? 1.006   3.347   -11.205 0.25 17.64  ? 133 GLN B C   1 
ATOM   1103 C C   B GLN A 1 127 ? 1.069   3.275   -11.196 0.25 17.83  ? 133 GLN B C   1 
ATOM   1104 O O   A GLN A 1 127 ? 0.994   2.695   -12.285 0.25 15.96  ? 133 GLN B O   1 
ATOM   1105 O O   B GLN A 1 127 ? 1.209   2.496   -12.176 0.25 16.13  ? 133 GLN B O   1 
ATOM   1106 C CB  A GLN A 1 127 ? 0.663   5.794   -11.688 0.25 21.02  ? 133 GLN B CB  1 
ATOM   1107 C CB  B GLN A 1 127 ? 0.706   5.579   -12.149 0.25 21.99  ? 133 GLN B CB  1 
ATOM   1108 C CG  A GLN A 1 127 ? 1.117   7.239   -11.545 0.25 24.25  ? 133 GLN B CG  1 
ATOM   1109 C CG  B GLN A 1 127 ? 1.155   7.017   -12.296 0.25 24.90  ? 133 GLN B CG  1 
ATOM   1110 C CD  A GLN A 1 127 ? 1.706   7.732   -12.845 0.25 26.26  ? 133 GLN B CD  1 
ATOM   1111 C CD  B GLN A 1 127 ? -0.011  7.975   -12.373 0.25 25.40  ? 133 GLN B CD  1 
ATOM   1112 O OE1 A GLN A 1 127 ? 1.366   7.229   -13.915 0.25 26.70  ? 133 GLN B OE1 1 
ATOM   1113 O OE1 B GLN A 1 127 ? -1.180  7.586   -12.397 0.25 30.39  ? 133 GLN B OE1 1 
ATOM   1114 N NE2 A GLN A 1 127 ? 2.607   8.703   -12.760 0.25 26.46  ? 133 GLN B NE2 1 
ATOM   1115 N NE2 B GLN A 1 127 ? 0.308   9.251   -12.395 0.25 27.63  ? 133 GLN B NE2 1 
ATOM   1116 N N   . ILE A 1 128 ? 0.460   2.954   -10.046 1.00 16.33  ? 134 ILE B N   1 
ATOM   1117 C CA  . ILE A 1 128 ? -0.093  1.597   -9.751  1.00 16.03  ? 134 ILE B CA  1 
ATOM   1118 C C   . ILE A 1 128 ? -1.588  1.819   -9.464  1.00 15.67  ? 134 ILE B C   1 
ATOM   1119 O O   . ILE A 1 128 ? -1.943  2.641   -8.607  1.00 15.74  ? 134 ILE B O   1 
ATOM   1120 C CB  . ILE A 1 128 ? 0.600   0.938   -8.553  1.00 17.43  ? 134 ILE B CB  1 
ATOM   1121 C CG1 . ILE A 1 128 ? 2.113   0.743   -8.701  1.00 21.58  ? 134 ILE B CG1 1 
ATOM   1122 C CG2 . ILE A 1 128 ? -0.077  -0.408  -8.258  1.00 16.89  ? 134 ILE B CG2 1 
ATOM   1123 C CD1 . ILE A 1 128 ? 2.458   -0.238  -9.713  1.00 21.10  ? 134 ILE B CD1 1 
ATOM   1124 N N   . GLY A 1 129 ? -2.449  1.021   -10.076 1.00 15.53  ? 135 GLY B N   1 
ATOM   1125 C CA  . GLY A 1 129 ? -3.867  0.941   -9.725  1.00 15.23  ? 135 GLY B CA  1 
ATOM   1126 C C   . GLY A 1 129 ? -4.150  -0.282  -8.893  1.00 14.46  ? 135 GLY B C   1 
ATOM   1127 O O   . GLY A 1 129 ? -3.592  -1.350  -9.121  1.00 14.75  ? 135 GLY B O   1 
ATOM   1128 N N   . ILE A 1 130 ? -4.908  -0.103  -7.807  1.00 15.03  ? 136 ILE B N   1 
ATOM   1129 C CA  . ILE A 1 130 ? -5.272  -1.171  -6.827  1.00 14.00  ? 136 ILE B CA  1 
ATOM   1130 C C   . ILE A 1 130 ? -6.787  -1.313  -6.838  1.00 15.47  ? 136 ILE B C   1 
ATOM   1131 O O   . ILE A 1 130 ? -7.504  -0.318  -6.626  1.00 16.09  ? 136 ILE B O   1 
ATOM   1132 C CB  . ILE A 1 130 ? -4.761  -0.827  -5.419  1.00 15.39  ? 136 ILE B CB  1 
ATOM   1133 C CG1 . ILE A 1 130 ? -3.237  -0.659  -5.394  1.00 17.48  ? 136 ILE B CG1 1 
ATOM   1134 C CG2 . ILE A 1 130 ? -5.197  -1.879  -4.423  1.00 16.48  ? 136 ILE B CG2 1 
ATOM   1135 C CD1 . ILE A 1 130 ? -2.752  0.570   -4.747  1.00 25.66  ? 136 ILE B CD1 1 
ATOM   1136 N N   . PHE A 1 131 ? -7.241  -2.507  -7.127  1.00 14.91  ? 137 PHE B N   1 
ATOM   1137 C CA  . PHE A 1 131 ? -8.690  -2.822  -7.253  1.00 15.71  ? 137 PHE B CA  1 
ATOM   1138 C C   . PHE A 1 131 ? -9.009  -3.890  -6.216  1.00 13.99  ? 137 PHE B C   1 
ATOM   1139 O O   . PHE A 1 131 ? -8.336  -4.930  -6.136  1.00 14.92  ? 137 PHE B O   1 
ATOM   1140 C CB  . PHE A 1 131 ? -9.034  -3.366  -8.635  1.00 16.49  ? 137 PHE B CB  1 
ATOM   1141 C CG  . PHE A 1 131 ? -10.456 -3.877  -8.791  1.00 16.87  ? 137 PHE B CG  1 
ATOM   1142 C CD1 . PHE A 1 131 ? -11.511 -2.992  -8.757  1.00 20.13  ? 137 PHE B CD1 1 
ATOM   1143 C CD2 . PHE A 1 131 ? -10.721 -5.222  -8.951  1.00 18.96  ? 137 PHE B CD2 1 
ATOM   1144 C CE1 . PHE A 1 131 ? -12.812 -3.445  -8.954  1.00 21.96  ? 137 PHE B CE1 1 
ATOM   1145 C CE2 . PHE A 1 131 ? -12.026 -5.678  -9.122  1.00 20.36  ? 137 PHE B CE2 1 
ATOM   1146 C CZ  . PHE A 1 131 ? -13.061 -4.780  -9.120  1.00 19.21  ? 137 PHE B CZ  1 
ATOM   1147 N N   . VAL A 1 132 ? -10.052 -3.634  -5.422  1.00 14.44  ? 138 VAL B N   1 
ATOM   1148 C CA  . VAL A 1 132 ? -10.554 -4.626  -4.431  1.00 15.18  ? 138 VAL B CA  1 
ATOM   1149 C C   . VAL A 1 132 ? -12.026 -4.931  -4.741  1.00 13.97  ? 138 VAL B C   1 
ATOM   1150 O O   . VAL A 1 132 ? -12.813 -4.003  -4.820  1.00 17.28  ? 138 VAL B O   1 
ATOM   1151 C CB  . VAL A 1 132 ? -10.424 -4.123  -2.996  1.00 15.05  ? 138 VAL B CB  1 
ATOM   1152 C CG1 . VAL A 1 132 ? -10.967 -5.187  -2.055  1.00 16.22  ? 138 VAL B CG1 1 
ATOM   1153 C CG2 . VAL A 1 132 ? -8.970  -3.770  -2.676  1.00 16.15  ? 138 VAL B CG2 1 
ATOM   1154 N N   . ASP A 1 133 ? -12.340 -6.207  -4.881  1.00 14.72  ? 139 ASP B N   1 
ATOM   1155 C CA  . ASP A 1 133 ? -13.755 -6.692  -4.938  1.00 16.84  ? 139 ASP B CA  1 
ATOM   1156 C C   . ASP A 1 133 ? -13.990 -7.521  -3.686  1.00 14.12  ? 139 ASP B C   1 
ATOM   1157 O O   . ASP A 1 133 ? -13.507 -8.673  -3.583  1.00 14.95  ? 139 ASP B O   1 
ATOM   1158 C CB  . ASP A 1 133 ? -14.034 -7.428  -6.230  1.00 16.50  ? 139 ASP B CB  1 
ATOM   1159 C CG  . ASP A 1 133 ? -15.487 -7.839  -6.408  1.00 21.24  ? 139 ASP B CG  1 
ATOM   1160 O OD1 . ASP A 1 133 ? -16.196 -8.000  -5.375  1.00 20.41  ? 139 ASP B OD1 1 
ATOM   1161 O OD2 . ASP A 1 133 ? -15.854 -8.099  -7.596  1.00 24.70  ? 139 ASP B OD2 1 
ATOM   1162 N N   . TYR A 1 134 ? -14.660 -6.888  -2.704  1.00 16.63  ? 140 TYR B N   1 
ATOM   1163 C CA  . TYR A 1 134 ? -14.835 -7.535  -1.386  1.00 15.67  ? 140 TYR B CA  1 
ATOM   1164 C C   . TYR A 1 134 ? -15.613 -8.845  -1.494  1.00 16.74  ? 140 TYR B C   1 
ATOM   1165 O O   . TYR A 1 134 ? -15.160 -9.870  -1.020  1.00 18.73  ? 140 TYR B O   1 
ATOM   1166 C CB  . TYR A 1 134 ? -15.498 -6.580  -0.389  1.00 16.11  ? 140 TYR B CB  1 
ATOM   1167 C CG  . TYR A 1 134 ? -15.267 -7.026  1.028   1.00 16.15  ? 140 TYR B CG  1 
ATOM   1168 C CD1 . TYR A 1 134 ? -15.918 -8.131  1.544   1.00 16.72  ? 140 TYR B CD1 1 
ATOM   1169 C CD2 . TYR A 1 134 ? -14.305 -6.435  1.838   1.00 16.69  ? 140 TYR B CD2 1 
ATOM   1170 C CE1 . TYR A 1 134 ? -15.652 -8.615  2.808   1.00 16.09  ? 140 TYR B CE1 1 
ATOM   1171 C CE2 . TYR A 1 134 ? -14.017 -6.927  3.102   1.00 14.78  ? 140 TYR B CE2 1 
ATOM   1172 C CZ  . TYR A 1 134 ? -14.702 -8.014  3.619   1.00 15.99  ? 140 TYR B CZ  1 
ATOM   1173 O OH  . TYR A 1 134 ? -14.424 -8.517  4.877   1.00 15.97  ? 140 TYR B OH  1 
ATOM   1174 N N   . GLU A 1 135 ? -16.756 -8.798  -2.183  1.00 20.07  ? 141 GLU B N   1 
ATOM   1175 C CA  . GLU A 1 135 ? -17.616 -10.009 -2.286  1.00 20.89  ? 141 GLU B CA  1 
ATOM   1176 C C   . GLU A 1 135 ? -16.911 -11.126 -3.050  1.00 19.65  ? 141 GLU B C   1 
ATOM   1177 O O   . GLU A 1 135 ? -17.038 -12.266 -2.649  1.00 22.76  ? 141 GLU B O   1 
ATOM   1178 C CB  . GLU A 1 135 ? -18.957 -9.630  -2.881  1.00 21.77  ? 141 GLU B CB  1 
ATOM   1179 C CG  . GLU A 1 135 ? -19.893 -9.107  -1.777  1.00 27.41  ? 141 GLU B CG  1 
ATOM   1180 C CD  . GLU A 1 135 ? -19.520 -7.734  -1.301  1.00 33.12  ? 141 GLU B CD  1 
ATOM   1181 O OE1 . GLU A 1 135 ? -19.803 -7.443  -0.172  1.00 29.57  ? 141 GLU B OE1 1 
ATOM   1182 O OE2 . GLU A 1 135 ? -18.950 -6.941  -2.115  1.00 37.42  ? 141 GLU B OE2 1 
ATOM   1183 N N   . ALA A 1 136 ? -16.183 -10.824 -4.121  1.00 18.77  ? 142 ALA B N   1 
ATOM   1184 C CA  . ALA A 1 136 ? -15.484 -11.815 -4.947  1.00 20.32  ? 142 ALA B CA  1 
ATOM   1185 C C   . ALA A 1 136 ? -14.222 -12.351 -4.258  1.00 18.66  ? 142 ALA B C   1 
ATOM   1186 O O   . ALA A 1 136 ? -13.724 -13.441 -4.648  1.00 22.08  ? 142 ALA B O   1 
ATOM   1187 C CB  . ALA A 1 136 ? -15.137 -11.194 -6.273  1.00 20.97  ? 142 ALA B CB  1 
ATOM   1188 N N   . GLY A 1 137 ? -13.682 -11.639 -3.266  1.00 17.21  ? 143 GLY B N   1 
ATOM   1189 C CA  . GLY A 1 137 ? -12.439 -12.052 -2.620  1.00 15.82  ? 143 GLY B CA  1 
ATOM   1190 C C   . GLY A 1 137 ? -11.227 -11.789 -3.531  1.00 15.40  ? 143 GLY B C   1 
ATOM   1191 O O   . GLY A 1 137 ? -10.389 -12.693 -3.623  1.00 17.10  ? 143 GLY B O   1 
ATOM   1192 N N   . VAL A 1 138 ? -11.176 -10.630 -4.157  1.00 15.00  ? 144 VAL B N   1 
ATOM   1193 C CA  . VAL A 1 138 ? -10.138 -10.313 -5.177  1.00 14.59  ? 144 VAL B CA  1 
ATOM   1194 C C   . VAL A 1 138 ? -9.398  -9.025  -4.813  1.00 14.34  ? 144 VAL B C   1 
ATOM   1195 O O   . VAL A 1 138 ? -10.046 -8.002  -4.512  1.00 14.67  ? 144 VAL B O   1 
ATOM   1196 C CB  . VAL A 1 138 ? -10.798 -10.227 -6.569  1.00 16.33  ? 144 VAL B CB  1 
ATOM   1197 C CG1 . VAL A 1 138 ? -9.825  -9.631  -7.590  1.00 17.64  ? 144 VAL B CG1 1 
ATOM   1198 C CG2 . VAL A 1 138 ? -11.258 -11.617 -6.986  1.00 16.72  ? 144 VAL B CG2 1 
ATOM   1199 N N   . VAL A 1 139 ? -8.058  -9.060  -4.944  1.00 13.61  ? 145 VAL B N   1 
ATOM   1200 C CA  . VAL A 1 139 ? -7.231  -7.811  -4.927  1.00 12.79  ? 145 VAL B CA  1 
ATOM   1201 C C   . VAL A 1 139 ? -6.365  -7.856  -6.195  1.00 12.51  ? 145 VAL B C   1 
ATOM   1202 O O   . VAL A 1 139 ? -5.590  -8.828  -6.315  1.00 14.31  ? 145 VAL B O   1 
ATOM   1203 C CB  . VAL A 1 139 ? -6.341  -7.712  -3.683  1.00 13.45  ? 145 VAL B CB  1 
ATOM   1204 C CG1 . VAL A 1 139 ? -5.592  -6.383  -3.691  1.00 13.19  ? 145 VAL B CG1 1 
ATOM   1205 C CG2 . VAL A 1 139 ? -7.162  -7.864  -2.421  1.00 14.42  ? 145 VAL B CG2 1 
ATOM   1206 N N   . SER A 1 140 ? -6.478  -6.861  -7.060  1.00 12.32  ? 146 SER B N   1 
ATOM   1207 C CA  . SER A 1 140 ? -5.705  -6.829  -8.320  1.00 12.96  ? 146 SER B CA  1 
ATOM   1208 C C   . SER A 1 140 ? -4.918  -5.534  -8.423  1.00 13.33  ? 146 SER B C   1 
ATOM   1209 O O   . SER A 1 140 ? -5.352  -4.492  -7.970  1.00 14.86  ? 146 SER B O   1 
ATOM   1210 C CB  . SER A 1 140 ? -6.586  -6.998  -9.529  1.00 14.46  ? 146 SER B CB  1 
ATOM   1211 O OG  . SER A 1 140 ? -7.178  -8.304  -9.549  1.00 15.78  ? 146 SER B OG  1 
ATOM   1212 N N   . PHE A 1 141 ? -3.789  -5.625  -9.112  1.00 12.48  ? 147 PHE B N   1 
ATOM   1213 C CA  . PHE A 1 141 ? -2.833  -4.518  -9.306  1.00 12.36  ? 147 PHE B CA  1 
ATOM   1214 C C   . PHE A 1 141 ? -2.638  -4.295  -10.804 1.00 12.53  ? 147 PHE B C   1 
ATOM   1215 O O   . PHE A 1 141 ? -2.380  -5.297  -11.513 1.00 13.84  ? 147 PHE B O   1 
ATOM   1216 C CB  . PHE A 1 141 ? -1.500  -4.831  -8.599  1.00 12.42  ? 147 PHE B CB  1 
ATOM   1217 C CG  . PHE A 1 141 ? -1.635  -4.973  -7.106  1.00 12.53  ? 147 PHE B CG  1 
ATOM   1218 C CD1 . PHE A 1 141 ? -2.005  -6.195  -6.543  1.00 12.15  ? 147 PHE B CD1 1 
ATOM   1219 C CD2 . PHE A 1 141 ? -1.338  -3.914  -6.255  1.00 13.09  ? 147 PHE B CD2 1 
ATOM   1220 C CE1 . PHE A 1 141 ? -2.195  -6.321  -5.164  1.00 13.46  ? 147 PHE B CE1 1 
ATOM   1221 C CE2 . PHE A 1 141 ? -1.491  -4.052  -4.887  1.00 12.32  ? 147 PHE B CE2 1 
ATOM   1222 C CZ  . PHE A 1 141 ? -1.892  -5.252  -4.329  1.00 11.75  ? 147 PHE B CZ  1 
ATOM   1223 N N   . TYR A 1 142 ? -2.663  -3.030  -11.208 1.00 13.34  ? 148 TYR B N   1 
ATOM   1224 C CA  . TYR A 1 142 ? -2.604  -2.611  -12.634 1.00 15.36  ? 148 TYR B CA  1 
ATOM   1225 C C   . TYR A 1 142 ? -1.460  -1.621  -12.837 1.00 16.64  ? 148 TYR B C   1 
ATOM   1226 O O   . TYR A 1 142 ? -1.202  -0.728  -12.039 1.00 16.33  ? 148 TYR B O   1 
ATOM   1227 C CB  . TYR A 1 142 ? -3.959  -2.066  -13.080 1.00 16.11  ? 148 TYR B CB  1 
ATOM   1228 C CG  . TYR A 1 142 ? -5.053  -3.095  -13.033 1.00 15.63  ? 148 TYR B CG  1 
ATOM   1229 C CD1 . TYR A 1 142 ? -5.194  -4.042  -14.030 1.00 17.47  ? 148 TYR B CD1 1 
ATOM   1230 C CD2 . TYR A 1 142 ? -5.853  -3.229  -11.917 1.00 17.14  ? 148 TYR B CD2 1 
ATOM   1231 C CE1 . TYR A 1 142 ? -6.175  -5.007  -13.972 1.00 18.32  ? 148 TYR B CE1 1 
ATOM   1232 C CE2 . TYR A 1 142 ? -6.824  -4.212  -11.828 1.00 17.97  ? 148 TYR B CE2 1 
ATOM   1233 C CZ  . TYR A 1 142 ? -7.004  -5.094  -12.870 1.00 17.81  ? 148 TYR B CZ  1 
ATOM   1234 O OH  . TYR A 1 142 ? -7.908  -6.117  -12.766 1.00 21.52  ? 148 TYR B OH  1 
ATOM   1235 N N   . ASN A 1 143 ? -0.810  -1.727  -14.002 1.00 16.44  ? 149 ASN B N   1 
ATOM   1236 C CA  . ASN A 1 143 ? 0.328   -0.858  -14.406 1.00 17.25  ? 149 ASN B CA  1 
ATOM   1237 C C   . ASN A 1 143 ? -0.233  0.312   -15.222 1.00 18.19  ? 149 ASN B C   1 
ATOM   1238 O O   . ASN A 1 143 ? -0.496  0.133   -16.452 1.00 18.38  ? 149 ASN B O   1 
ATOM   1239 C CB  . ASN A 1 143 ? 1.343   -1.672  -15.213 1.00 17.11  ? 149 ASN B CB  1 
ATOM   1240 C CG  . ASN A 1 143 ? 2.592   -0.893  -15.571 1.00 17.56  ? 149 ASN B CG  1 
ATOM   1241 O OD1 . ASN A 1 143 ? 2.568   0.339   -15.498 1.00 18.17  ? 149 ASN B OD1 1 
ATOM   1242 N ND2 . ASN A 1 143 ? 3.647   -1.607  -15.894 1.00 18.37  ? 149 ASN B ND2 1 
ATOM   1243 N N   . ILE A 1 144 ? -0.436  1.473   -14.619 1.00 18.09  ? 150 ILE B N   1 
ATOM   1244 C CA  . ILE A 1 144 ? -1.137  2.623   -15.252 1.00 19.56  ? 150 ILE B CA  1 
ATOM   1245 C C   . ILE A 1 144 ? -0.209  3.151   -16.364 1.00 20.48  ? 150 ILE B C   1 
ATOM   1246 O O   . ILE A 1 144 ? -0.707  3.583   -17.423 1.00 23.49  ? 150 ILE B O   1 
ATOM   1247 C CB  . ILE A 1 144 ? -1.526  3.690   -14.213 1.00 20.98  ? 150 ILE B CB  1 
ATOM   1248 C CG1 . ILE A 1 144 ? -2.401  3.115   -13.083 1.00 20.49  ? 150 ILE B CG1 1 
ATOM   1249 C CG2 . ILE A 1 144 ? -2.194  4.891   -14.887 1.00 22.12  ? 150 ILE B CG2 1 
ATOM   1250 C CD1 . ILE A 1 144 ? -3.517  2.219   -13.589 1.00 22.70  ? 150 ILE B CD1 1 
ATOM   1251 N N   . THR A 1 145 ? 1.096   3.046   -16.159 1.00 19.69  ? 151 THR B N   1 
ATOM   1252 C CA  . THR A 1 145 ? 2.133   3.526   -17.132 1.00 20.72  ? 151 THR B CA  1 
ATOM   1253 C C   . THR A 1 145 ? 2.048   2.687   -18.412 1.00 24.24  ? 151 THR B C   1 
ATOM   1254 O O   . THR A 1 145 ? 2.316   3.261   -19.502 1.00 27.06  ? 151 THR B O   1 
ATOM   1255 C CB  . THR A 1 145 ? 3.521   3.446   -16.476 1.00 20.60  ? 151 THR B CB  1 
ATOM   1256 O OG1 . THR A 1 145 ? 3.456   4.148   -15.237 1.00 20.64  ? 151 THR B OG1 1 
ATOM   1257 C CG2 . THR A 1 145 ? 4.607   3.992   -17.380 1.00 23.28  ? 151 THR B CG2 1 
ATOM   1258 N N   . ASP A 1 146 ? 1.625   1.423   -18.332 1.00 23.50  ? 152 ASP B N   1 
ATOM   1259 C CA  . ASP A 1 146 ? 1.534   0.486   -19.482 1.00 24.41  ? 152 ASP B CA  1 
ATOM   1260 C C   . ASP A 1 146 ? 0.072   0.193   -19.842 1.00 22.58  ? 152 ASP B C   1 
ATOM   1261 O O   . ASP A 1 146 ? -0.292  -0.999  -19.850 1.00 23.82  ? 152 ASP B O   1 
ATOM   1262 C CB  . ASP A 1 146 ? 2.369   -0.737  -19.197 1.00 23.71  ? 152 ASP B CB  1 
ATOM   1263 C CG  . ASP A 1 146 ? 2.365   -1.704  -20.357 1.00 30.76  ? 152 ASP B CG  1 
ATOM   1264 O OD1 . ASP A 1 146 ? 2.504   -1.219  -21.508 1.00 28.25  ? 152 ASP B OD1 1 
ATOM   1265 O OD2 . ASP A 1 146 ? 2.184   -2.913  -20.109 1.00 30.08  ? 152 ASP B OD2 1 
ATOM   1266 N N   . HIS A 1 147 ? -0.733  1.244   -20.051 1.00 25.66  ? 153 HIS B N   1 
ATOM   1267 C CA  . HIS A 1 147 ? -2.143  1.138   -20.520 1.00 29.34  ? 153 HIS B CA  1 
ATOM   1268 C C   . HIS A 1 147 ? -2.982  0.291   -19.557 1.00 28.40  ? 153 HIS B C   1 
ATOM   1269 O O   . HIS A 1 147 ? -3.972  -0.315  -19.979 1.00 28.29  ? 153 HIS B O   1 
ATOM   1270 C CB  . HIS A 1 147 ? -2.224  0.484   -21.907 1.00 36.06  ? 153 HIS B CB  1 
ATOM   1271 C CG  . HIS A 1 147 ? -1.325  1.054   -22.960 1.00 41.92  ? 153 HIS B CG  1 
ATOM   1272 N ND1 . HIS A 1 147 ? -1.581  2.278   -23.572 1.00 44.78  ? 153 HIS B ND1 1 
ATOM   1273 C CD2 . HIS A 1 147 ? -0.207  0.561   -23.541 1.00 45.62  ? 153 HIS B CD2 1 
ATOM   1274 C CE1 . HIS A 1 147 ? -0.643  2.525   -24.469 1.00 48.86  ? 153 HIS B CE1 1 
ATOM   1275 N NE2 . HIS A 1 147 ? 0.216   1.482   -24.472 1.00 50.17  ? 153 HIS B NE2 1 
ATOM   1276 N N   . GLY A 1 148 ? -2.651  0.248   -18.273 1.00 24.30  ? 154 GLY B N   1 
ATOM   1277 C CA  . GLY A 1 148 ? -3.536  -0.451  -17.328 1.00 20.78  ? 154 GLY B CA  1 
ATOM   1278 C C   . GLY A 1 148 ? -3.298  -1.954  -17.293 1.00 19.91  ? 154 GLY B C   1 
ATOM   1279 O O   . GLY A 1 148 ? -4.216  -2.665  -16.882 1.00 19.55  ? 154 GLY B O   1 
ATOM   1280 N N   . SER A 1 149 ? -2.172  -2.442  -17.803 1.00 17.60  ? 155 SER B N   1 
ATOM   1281 C CA  . SER A 1 149 ? -1.881  -3.889  -17.905 1.00 17.35  ? 155 SER B CA  1 
ATOM   1282 C C   . SER A 1 149 ? -1.872  -4.592  -16.530 1.00 17.58  ? 155 SER B C   1 
ATOM   1283 O O   . SER A 1 149 ? -1.420  -4.010  -15.518 1.00 16.90  ? 155 SER B O   1 
ATOM   1284 C CB  . SER A 1 149 ? -0.630  -4.180  -18.676 1.00 18.16  ? 155 SER B CB  1 
ATOM   1285 O OG  . SER A 1 149 ? 0.526   -3.651  -18.068 1.00 20.05  ? 155 SER B OG  1 
ATOM   1286 N N   . LEU A 1 150 ? -2.403  -5.802  -16.453 1.00 17.11  ? 156 LEU B N   1 
ATOM   1287 C CA  . LEU A 1 150 ? -2.424  -6.532  -15.146 1.00 15.61  ? 156 LEU B CA  1 
ATOM   1288 C C   . LEU A 1 150 ? -1.005  -6.832  -14.666 1.00 14.82  ? 156 LEU B C   1 
ATOM   1289 O O   . LEU A 1 150 ? -0.150  -7.339  -15.445 1.00 15.78  ? 156 LEU B O   1 
ATOM   1290 C CB  . LEU A 1 150 ? -3.184  -7.844  -15.315 1.00 16.50  ? 156 LEU B CB  1 
ATOM   1291 C CG  . LEU A 1 150 ? -3.390  -8.689  -14.072 1.00 16.78  ? 156 LEU B CG  1 
ATOM   1292 C CD1 . LEU A 1 150 ? -4.243  -8.024  -13.011 1.00 16.82  ? 156 LEU B CD1 1 
ATOM   1293 C CD2 . LEU A 1 150 ? -3.971  -10.051 -14.493 1.00 17.46  ? 156 LEU B CD2 1 
ATOM   1294 N N   . ILE A 1 151 ? -0.782  -6.618  -13.378 1.00 13.69  ? 157 ILE B N   1 
ATOM   1295 C CA  . ILE A 1 151 ? 0.446   -6.986  -12.675 1.00 13.87  ? 157 ILE B CA  1 
ATOM   1296 C C   . ILE A 1 151 ? 0.246   -8.285  -11.898 1.00 12.61  ? 157 ILE B C   1 
ATOM   1297 O O   . ILE A 1 151 ? 1.065   -9.191  -11.959 1.00 13.71  ? 157 ILE B O   1 
ATOM   1298 C CB  . ILE A 1 151 ? 0.943   -5.832  -11.785 1.00 13.77  ? 157 ILE B CB  1 
ATOM   1299 C CG1 . ILE A 1 151 ? 1.330   -4.584  -12.576 1.00 15.25  ? 157 ILE B CG1 1 
ATOM   1300 C CG2 . ILE A 1 151 ? 2.120   -6.295  -10.941 1.00 14.53  ? 157 ILE B CG2 1 
ATOM   1301 C CD1 . ILE A 1 151 ? 1.574   -3.351  -11.709 1.00 15.62  ? 157 ILE B CD1 1 
ATOM   1302 N N   . TYR A 1 152 ? -0.802  -8.335  -11.060 1.00 12.44  ? 158 TYR B N   1 
ATOM   1303 C CA  . TYR A 1 152 ? -1.011  -9.498  -10.193 1.00 11.15  ? 158 TYR B CA  1 
ATOM   1304 C C   . TYR A 1 152 ? -2.460  -9.481  -9.668  1.00 13.16  ? 158 TYR B C   1 
ATOM   1305 O O   . TYR A 1 152 ? -2.989  -8.379  -9.420  1.00 13.76  ? 158 TYR B O   1 
ATOM   1306 C CB  . TYR A 1 152 ? -0.085  -9.407  -8.946  1.00 12.33  ? 158 TYR B CB  1 
ATOM   1307 C CG  . TYR A 1 152 ? -0.023  -10.667 -8.138  1.00 12.17  ? 158 TYR B CG  1 
ATOM   1308 C CD1 . TYR A 1 152 ? 0.767   -11.737 -8.519  1.00 13.55  ? 158 TYR B CD1 1 
ATOM   1309 C CD2 . TYR A 1 152 ? -0.818  -10.849 -7.002  1.00 12.34  ? 158 TYR B CD2 1 
ATOM   1310 C CE1 . TYR A 1 152 ? 0.772   -12.938 -7.809  1.00 14.85  ? 158 TYR B CE1 1 
ATOM   1311 C CE2 . TYR A 1 152 ? -0.828  -12.039 -6.299  1.00 13.25  ? 158 TYR B CE2 1 
ATOM   1312 C CZ  . TYR A 1 152 ? -0.033  -13.084 -6.693  1.00 14.63  ? 158 TYR B CZ  1 
ATOM   1313 O OH  . TYR A 1 152 ? -0.067  -14.275 -6.044  1.00 17.34  ? 158 TYR B OH  1 
ATOM   1314 N N   . THR A 1 153 ? -2.999  -10.667 -9.455  1.00 13.19  ? 159 THR B N   1 
ATOM   1315 C CA  . THR A 1 153 ? -4.347  -10.894 -8.848  1.00 13.84  ? 159 THR B CA  1 
ATOM   1316 C C   . THR A 1 153 ? -4.210  -11.899 -7.718  1.00 12.90  ? 159 THR B C   1 
ATOM   1317 O O   . THR A 1 153 ? -3.810  -13.035 -7.918  1.00 13.69  ? 159 THR B O   1 
ATOM   1318 C CB  . THR A 1 153 ? -5.371  -11.375 -9.885  1.00 14.05  ? 159 THR B CB  1 
ATOM   1319 O OG1 . THR A 1 153 ? -5.624  -10.282 -10.765 1.00 15.30  ? 159 THR B OG1 1 
ATOM   1320 C CG2 . THR A 1 153 ? -6.680  -11.802 -9.244  1.00 17.57  ? 159 THR B CG2 1 
ATOM   1321 N N   . PHE A 1 154 ? -4.587  -11.461 -6.494  1.00 13.37  ? 160 PHE B N   1 
ATOM   1322 C CA  . PHE A 1 154 ? -4.873  -12.354 -5.354  1.00 13.62  ? 160 PHE B CA  1 
ATOM   1323 C C   . PHE A 1 154 ? -6.357  -12.727 -5.454  1.00 14.58  ? 160 PHE B C   1 
ATOM   1324 O O   . PHE A 1 154 ? -7.181  -11.851 -5.548  1.00 14.63  ? 160 PHE B O   1 
ATOM   1325 C CB  . PHE A 1 154 ? -4.668  -11.675 -3.999  1.00 14.48  ? 160 PHE B CB  1 
ATOM   1326 C CG  . PHE A 1 154 ? -3.258  -11.302 -3.621  1.00 12.41  ? 160 PHE B CG  1 
ATOM   1327 C CD1 . PHE A 1 154 ? -2.751  -10.060 -3.987  1.00 11.27  ? 160 PHE B CD1 1 
ATOM   1328 C CD2 . PHE A 1 154 ? -2.502  -12.141 -2.837  1.00 12.46  ? 160 PHE B CD2 1 
ATOM   1329 C CE1 . PHE A 1 154 ? -1.468  -9.729  -3.578  1.00 12.21  ? 160 PHE B CE1 1 
ATOM   1330 C CE2 . PHE A 1 154 ? -1.200  -11.811 -2.444  1.00 12.04  ? 160 PHE B CE2 1 
ATOM   1331 C CZ  . PHE A 1 154 ? -0.701  -10.593 -2.823  1.00 11.71  ? 160 PHE B CZ  1 
ATOM   1332 N N   . SER A 1 155 ? -6.622  -14.039 -5.436  1.00 17.20  ? 161 SER B N   1 
ATOM   1333 C CA  . SER A 1 155 ? -8.027  -14.506 -5.449  1.00 19.03  ? 161 SER B CA  1 
ATOM   1334 C C   . SER A 1 155 ? -8.282  -15.455 -4.274  1.00 20.13  ? 161 SER B C   1 
ATOM   1335 O O   . SER A 1 155 ? -7.356  -15.832 -3.528  1.00 21.02  ? 161 SER B O   1 
ATOM   1336 C CB  . SER A 1 155 ? -8.364  -15.116 -6.781  1.00 21.45  ? 161 SER B CB  1 
ATOM   1337 O OG  . SER A 1 155 ? -7.668  -16.319 -6.967  1.00 24.24  ? 161 SER B OG  1 
ATOM   1338 N N   . GLU A 1 156 ? -9.568  -15.727 -4.036  1.00 22.88  ? 162 GLU B N   1 
ATOM   1339 C CA  . GLU A 1 156 ? -10.003 -16.499 -2.837  1.00 24.35  ? 162 GLU B CA  1 
ATOM   1340 C C   . GLU A 1 156 ? -9.461  -15.866 -1.548  1.00 23.09  ? 162 GLU B C   1 
ATOM   1341 O O   . GLU A 1 156 ? -9.067  -16.615 -0.615  1.00 24.72  ? 162 GLU B O   1 
ATOM   1342 C CB  . GLU A 1 156 ? -9.596  -17.960 -2.976  1.00 30.03  ? 162 GLU B CB  1 
ATOM   1343 C CG  . GLU A 1 156 ? -10.439 -18.678 -4.000  1.00 38.68  ? 162 GLU B CG  1 
ATOM   1344 C CD  . GLU A 1 156 ? -9.846  -19.984 -4.495  1.00 50.56  ? 162 GLU B CD  1 
ATOM   1345 O OE1 . GLU A 1 156 ? -8.911  -20.513 -3.828  1.00 53.12  ? 162 GLU B OE1 1 
ATOM   1346 O OE2 . GLU A 1 156 ? -10.313 -20.463 -5.557  1.00 59.94  ? 162 GLU B OE2 1 
ATOM   1347 N N   . CYS A 1 157 ? -9.406  -14.533 -1.480  1.00 19.66  ? 163 CYS B N   1 
ATOM   1348 C CA  . CYS A 1 157 ? -8.842  -13.828 -0.310  1.00 18.06  ? 163 CYS B CA  1 
ATOM   1349 C C   . CYS A 1 157 ? -9.735  -14.046 0.921   1.00 19.98  ? 163 CYS B C   1 
ATOM   1350 O O   . CYS A 1 157 ? -10.990 -13.900 0.767   1.00 23.74  ? 163 CYS B O   1 
ATOM   1351 C CB  . CYS A 1 157 ? -8.715  -12.331 -0.528  1.00 16.07  ? 163 CYS B CB  1 
ATOM   1352 S SG  . CYS A 1 157 ? -7.566  -11.926 -1.896  1.00 17.42  ? 163 CYS B SG  1 
ATOM   1353 N N   . VAL A 1 158 ? -9.122  -14.257 2.082   1.00 18.83  ? 164 VAL B N   1 
ATOM   1354 C CA  . VAL A 1 158 ? -9.845  -14.326 3.387   1.00 20.71  ? 164 VAL B CA  1 
ATOM   1355 C C   . VAL A 1 158 ? -9.646  -13.017 4.096   1.00 18.64  ? 164 VAL B C   1 
ATOM   1356 O O   . VAL A 1 158 ? -8.767  -12.868 5.016   1.00 20.37  ? 164 VAL B O   1 
ATOM   1357 C CB  . VAL A 1 158 ? -9.358  -15.538 4.206   1.00 25.48  ? 164 VAL B CB  1 
ATOM   1358 C CG1 . VAL A 1 158 ? -10.178 -15.705 5.493   1.00 26.33  ? 164 VAL B CG1 1 
ATOM   1359 C CG2 . VAL A 1 158 ? -9.422  -16.804 3.400   1.00 26.92  ? 164 VAL B CG2 1 
ATOM   1360 N N   . PHE A 1 159 ? -10.450 -12.037 3.736   1.00 16.71  ? 165 PHE B N   1 
ATOM   1361 C CA  . PHE A 1 159 ? -10.313 -10.694 4.309   1.00 15.75  ? 165 PHE B CA  1 
ATOM   1362 C C   . PHE A 1 159 ? -10.570 -10.784 5.815   1.00 21.73  ? 165 PHE B C   1 
ATOM   1363 O O   . PHE A 1 159 ? -9.839  -10.161 6.577   1.00 21.20  ? 165 PHE B O   1 
ATOM   1364 C CB  . PHE A 1 159 ? -11.189 -9.698  3.574   1.00 15.95  ? 165 PHE B CB  1 
ATOM   1365 C CG  . PHE A 1 159 ? -10.855 -9.530  2.115   1.00 15.13  ? 165 PHE B CG  1 
ATOM   1366 C CD1 . PHE A 1 159 ? -9.527  -9.362  1.702   1.00 15.28  ? 165 PHE B CD1 1 
ATOM   1367 C CD2 . PHE A 1 159 ? -11.871 -9.471  1.168   1.00 16.62  ? 165 PHE B CD2 1 
ATOM   1368 C CE1 . PHE A 1 159 ? -9.242  -9.154  0.356   1.00 14.50  ? 165 PHE B CE1 1 
ATOM   1369 C CE2 . PHE A 1 159 ? -11.575 -9.288  -0.180  1.00 16.41  ? 165 PHE B CE2 1 
ATOM   1370 C CZ  . PHE A 1 159 ? -10.261 -9.138  -0.567  1.00 15.65  ? 165 PHE B CZ  1 
ATOM   1371 N N   . ALA A 1 160 ? -11.576 -11.555 6.217   1.00 17.06  ? 166 ALA B N   1 
ATOM   1372 C CA  . ALA A 1 160 ? -11.862 -11.817 7.641   1.00 18.35  ? 166 ALA B CA  1 
ATOM   1373 C C   . ALA A 1 160 ? -12.123 -10.543 8.435   1.00 18.42  ? 166 ALA B C   1 
ATOM   1374 O O   . ALA A 1 160 ? -11.967 -10.565 9.729   1.00 19.12  ? 166 ALA B O   1 
ATOM   1375 C CB  . ALA A 1 160 ? -10.770 -12.671 8.206   1.00 17.63  ? 166 ALA B CB  1 
ATOM   1376 N N   . GLY A 1 161 ? -12.615 -9.473  7.825   1.00 19.42  ? 167 GLY B N   1 
ATOM   1377 C CA  . GLY A 1 161 ? -12.954 -8.219  8.526   1.00 20.23  ? 167 GLY B CA  1 
ATOM   1378 C C   . GLY A 1 161 ? -12.804 -7.030  7.618   1.00 17.37  ? 167 GLY B C   1 
ATOM   1379 O O   . GLY A 1 161 ? -12.610 -7.180  6.392   1.00 16.88  ? 167 GLY B O   1 
ATOM   1380 N N   . PRO A 1 162 ? -12.940 -5.833  8.171   1.00 16.23  ? 168 PRO B N   1 
ATOM   1381 C CA  . PRO A 1 162 ? -12.843 -4.627  7.384   1.00 16.26  ? 168 PRO B CA  1 
ATOM   1382 C C   . PRO A 1 162 ? -11.405 -4.490  6.846   1.00 15.67  ? 168 PRO B C   1 
ATOM   1383 O O   . PRO A 1 162 ? -10.459 -4.928  7.471   1.00 15.13  ? 168 PRO B O   1 
ATOM   1384 C CB  . PRO A 1 162 ? -13.162 -3.501  8.342   1.00 17.60  ? 168 PRO B CB  1 
ATOM   1385 C CG  . PRO A 1 162 ? -13.796 -4.188  9.547   1.00 17.68  ? 168 PRO B CG  1 
ATOM   1386 C CD  . PRO A 1 162 ? -13.244 -5.580  9.596   1.00 16.35  ? 168 PRO B CD  1 
ATOM   1387 N N   . LEU A 1 163 ? -11.329 -3.875  5.670   1.00 15.96  ? 169 LEU B N   1 
ATOM   1388 C CA  . LEU A 1 163 ? -10.033 -3.655  4.973   1.00 15.42  ? 169 LEU B CA  1 
ATOM   1389 C C   . LEU A 1 163 ? -9.672  -2.171  4.971   1.00 15.77  ? 169 LEU B C   1 
ATOM   1390 O O   . LEU A 1 163 ? -10.531 -1.261  4.936   1.00 16.61  ? 169 LEU B O   1 
ATOM   1391 C CB  . LEU A 1 163 ? -10.134 -4.125  3.522   1.00 14.68  ? 169 LEU B CB  1 
ATOM   1392 C CG  . LEU A 1 163 ? -10.225 -5.627  3.271   1.00 14.86  ? 169 LEU B CG  1 
ATOM   1393 C CD1 . LEU A 1 163 ? -10.417 -5.875  1.802   1.00 14.92  ? 169 LEU B CD1 1 
ATOM   1394 C CD2 . LEU A 1 163 ? -8.992  -6.356  3.819   1.00 16.69  ? 169 LEU B CD2 1 
ATOM   1395 N N   . ARG A 1 164 ? -8.351  -1.907  5.001   1.00 13.60  ? 170 ARG B N   1 
ATOM   1396 C CA  . ARG A 1 164 ? -7.823  -0.532  4.895   1.00 14.36  ? 170 ARG B CA  1 
ATOM   1397 C C   . ARG A 1 164 ? -6.767  -0.469  3.796   1.00 13.31  ? 170 ARG B C   1 
ATOM   1398 O O   . ARG A 1 164 ? -5.998  -1.405  3.671   1.00 14.11  ? 170 ARG B O   1 
ATOM   1399 C CB  . ARG A 1 164 ? -7.208  -0.116  6.223   1.00 16.77  ? 170 ARG B CB  1 
ATOM   1400 C CG  . ARG A 1 164 ? -8.329  -0.142  7.259   1.00 21.08  ? 170 ARG B CG  1 
ATOM   1401 C CD  . ARG A 1 164 ? -8.083  0.460   8.560   1.00 27.50  ? 170 ARG B CD  1 
ATOM   1402 N NE  . ARG A 1 164 ? -7.810  1.858   8.426   1.00 24.25  ? 170 ARG B NE  1 
ATOM   1403 C CZ  . ARG A 1 164 ? -7.465  2.560   9.466   1.00 25.46  ? 170 ARG B CZ  1 
ATOM   1404 N NH1 . ARG A 1 164 ? -7.467  1.965   10.645  1.00 23.93  ? 170 ARG B NH1 1 
ATOM   1405 N NH2 . ARG A 1 164 ? -7.116  3.826   9.336   1.00 21.33  ? 170 ARG B NH2 1 
ATOM   1406 N N   . PRO A 1 165 ? -6.713  0.618   3.009   1.00 12.50  ? 171 PRO B N   1 
ATOM   1407 C CA  . PRO A 1 165 ? -5.599  0.818   2.068   1.00 12.64  ? 171 PRO B CA  1 
ATOM   1408 C C   . PRO A 1 165 ? -4.292  0.794   2.871   1.00 12.82  ? 171 PRO B C   1 
ATOM   1409 O O   . PRO A 1 165 ? -4.245  1.306   4.007   1.00 12.18  ? 171 PRO B O   1 
ATOM   1410 C CB  . PRO A 1 165 ? -5.871  2.219   1.475   1.00 12.87  ? 171 PRO B CB  1 
ATOM   1411 C CG  . PRO A 1 165 ? -7.388  2.365   1.616   1.00 14.54  ? 171 PRO B CG  1 
ATOM   1412 C CD  . PRO A 1 165 ? -7.649  1.766   2.977   1.00 15.01  ? 171 PRO B CD  1 
ATOM   1413 N N   . PHE A 1 166 ? -3.250  0.185   2.325   1.00 12.05  ? 172 PHE B N   1 
ATOM   1414 C CA  . PHE A 1 166 ? -1.962  -0.017  3.020   1.00 12.50  ? 172 PHE B CA  1 
ATOM   1415 C C   . PHE A 1 166 ? -0.816  0.570   2.181   1.00 11.27  ? 172 PHE B C   1 
ATOM   1416 O O   . PHE A 1 166 ? -0.735  0.341   0.959   1.00 11.77  ? 172 PHE B O   1 
ATOM   1417 C CB  . PHE A 1 166 ? -1.732  -1.514  3.251   1.00 13.11  ? 172 PHE B CB  1 
ATOM   1418 C CG  . PHE A 1 166 ? -0.358  -1.837  3.797   1.00 13.20  ? 172 PHE B CG  1 
ATOM   1419 C CD1 . PHE A 1 166 ? -0.087  -1.666  5.154   1.00 12.82  ? 172 PHE B CD1 1 
ATOM   1420 C CD2 . PHE A 1 166 ? 0.659   -2.246  2.975   1.00 14.08  ? 172 PHE B CD2 1 
ATOM   1421 C CE1 . PHE A 1 166 ? 1.170   -1.953  5.658   1.00 14.29  ? 172 PHE B CE1 1 
ATOM   1422 C CE2 . PHE A 1 166 ? 1.929   -2.518  3.484   1.00 13.57  ? 172 PHE B CE2 1 
ATOM   1423 C CZ  . PHE A 1 166 ? 2.182   -2.362  4.820   1.00 13.91  ? 172 PHE B CZ  1 
ATOM   1424 N N   . PHE A 1 167 ? 0.167   1.222   2.841   1.00 11.90  ? 173 PHE B N   1 
ATOM   1425 C CA  . PHE A 1 167 ? 1.316   1.895   2.197   1.00 11.50  ? 173 PHE B CA  1 
ATOM   1426 C C   . PHE A 1 167 ? 2.578   1.664   3.014   1.00 12.83  ? 173 PHE B C   1 
ATOM   1427 O O   . PHE A 1 167 ? 2.523   1.833   4.241   1.00 12.75  ? 173 PHE B O   1 
ATOM   1428 C CB  . PHE A 1 167 ? 1.064   3.415   2.099   1.00 12.05  ? 173 PHE B CB  1 
ATOM   1429 C CG  . PHE A 1 167 ? -0.268  3.779   1.468   1.00 12.09  ? 173 PHE B CG  1 
ATOM   1430 C CD1 . PHE A 1 167 ? -1.410  3.862   2.254   1.00 11.74  ? 173 PHE B CD1 1 
ATOM   1431 C CD2 . PHE A 1 167 ? -0.379  4.018   0.099   1.00 13.04  ? 173 PHE B CD2 1 
ATOM   1432 C CE1 . PHE A 1 167 ? -2.650  4.145   1.700   1.00 13.23  ? 173 PHE B CE1 1 
ATOM   1433 C CE2 . PHE A 1 167 ? -1.610  4.366   -0.445  1.00 13.73  ? 173 PHE B CE2 1 
ATOM   1434 C CZ  . PHE A 1 167 ? -2.742  4.415   0.359   1.00 13.14  ? 173 PHE B CZ  1 
ATOM   1435 N N   . ASN A 1 168 ? 3.687   1.438   2.337   1.00 12.40  ? 174 ASN B N   1 
ATOM   1436 C CA  . ASN A 1 168 ? 5.054   1.437   2.917   1.00 11.97  ? 174 ASN B CA  1 
ATOM   1437 C C   . ASN A 1 168 ? 5.920   2.284   1.991   1.00 12.56  ? 174 ASN B C   1 
ATOM   1438 O O   . ASN A 1 168 ? 6.101   1.892   0.818   1.00 12.76  ? 174 ASN B O   1 
ATOM   1439 C CB  . ASN A 1 168 ? 5.592   0.019   3.096   1.00 11.86  ? 174 ASN B CB  1 
ATOM   1440 C CG  . ASN A 1 168 ? 6.917   0.018   3.830   1.00 14.57  ? 174 ASN B CG  1 
ATOM   1441 O OD1 . ASN A 1 168 ? 7.503   1.042   4.110   1.00 15.44  ? 174 ASN B OD1 1 
ATOM   1442 N ND2 . ASN A 1 168 ? 7.390   -1.158  4.157   1.00 17.06  ? 174 ASN B ND2 1 
ATOM   1443 N N   . VAL A 1 169 ? 6.436   3.433   2.473   1.00 13.10  ? 175 VAL B N   1 
ATOM   1444 C CA  . VAL A 1 169 ? 7.298   4.330   1.641   1.00 12.99  ? 175 VAL B CA  1 
ATOM   1445 C C   . VAL A 1 169 ? 8.711   3.729   1.516   1.00 14.03  ? 175 VAL B C   1 
ATOM   1446 O O   . VAL A 1 169 ? 9.484   4.236   0.709   1.00 14.70  ? 175 VAL B O   1 
ATOM   1447 C CB  . VAL A 1 169 ? 7.338   5.784   2.153   1.00 15.46  ? 175 VAL B CB  1 
ATOM   1448 C CG1 . VAL A 1 169 ? 5.967   6.419   2.134   1.00 16.21  ? 175 VAL B CG1 1 
ATOM   1449 C CG2 . VAL A 1 169 ? 7.925   5.867   3.544   1.00 15.44  ? 175 VAL B CG2 1 
ATOM   1450 N N   . GLY A 1 170 ? 9.036   2.723   2.329   1.00 14.01  ? 176 GLY B N   1 
ATOM   1451 C CA  . GLY A 1 170 ? 10.390  2.138   2.394   1.00 14.99  ? 176 GLY B CA  1 
ATOM   1452 C C   . GLY A 1 170 ? 11.397  2.984   3.140   1.00 14.35  ? 176 GLY B C   1 
ATOM   1453 O O   . GLY A 1 170 ? 11.161  4.182   3.381   1.00 13.81  ? 176 GLY B O   1 
ATOM   1454 N N   . PHE A 1 171 ? 12.484  2.336   3.568   1.00 15.35  ? 177 PHE B N   1 
ATOM   1455 C CA  . PHE A 1 171 ? 13.623  3.031   4.189   1.00 16.17  ? 177 PHE B CA  1 
ATOM   1456 C C   . PHE A 1 171 ? 14.341  3.849   3.125   1.00 14.23  ? 177 PHE B C   1 
ATOM   1457 O O   . PHE A 1 171 ? 14.099  3.712   1.920   1.00 14.96  ? 177 PHE B O   1 
ATOM   1458 C CB  . PHE A 1 171 ? 14.530  2.051   4.937   1.00 16.58  ? 177 PHE B CB  1 
ATOM   1459 C CG  . PHE A 1 171 ? 13.878  1.442   6.142   1.00 16.12  ? 177 PHE B CG  1 
ATOM   1460 C CD1 . PHE A 1 171 ? 13.830  2.128   7.345   1.00 18.23  ? 177 PHE B CD1 1 
ATOM   1461 C CD2 . PHE A 1 171 ? 13.348  0.174   6.086   1.00 17.96  ? 177 PHE B CD2 1 
ATOM   1462 C CE1 . PHE A 1 171 ? 13.221  1.552   8.461   1.00 17.62  ? 177 PHE B CE1 1 
ATOM   1463 C CE2 . PHE A 1 171 ? 12.777  -0.404  7.214   1.00 18.91  ? 177 PHE B CE2 1 
ATOM   1464 C CZ  . PHE A 1 171 ? 12.730  0.285   8.387   1.00 17.05  ? 177 PHE B CZ  1 
ATOM   1465 N N   . ASN A 1 172 ? 15.226  4.707   3.609   1.00 15.97  ? 178 ASN B N   1 
ATOM   1466 C CA  . ASN A 1 172 ? 16.080  5.522   2.717   1.00 14.09  ? 178 ASN B CA  1 
ATOM   1467 C C   . ASN A 1 172 ? 17.531  5.429   3.233   1.00 13.88  ? 178 ASN B C   1 
ATOM   1468 O O   . ASN A 1 172 ? 18.191  6.469   3.358   1.00 17.51  ? 178 ASN B O   1 
ATOM   1469 C CB  . ASN A 1 172 ? 15.601  6.955   2.633   1.00 15.92  ? 178 ASN B CB  1 
ATOM   1470 C CG  . ASN A 1 172 ? 16.310  7.786   1.603   1.00 15.61  ? 178 ASN B CG  1 
ATOM   1471 O OD1 . ASN A 1 172 ? 16.829  7.279   0.617   1.00 16.28  ? 178 ASN B OD1 1 
ATOM   1472 N ND2 . ASN A 1 172 ? 16.342  9.103   1.848   1.00 18.34  ? 178 ASN B ND2 1 
ATOM   1473 N N   . TYR A 1 173 ? 18.057  4.233   3.280   1.00 16.82  ? 179 TYR B N   1 
ATOM   1474 C CA  . TYR A 1 173 ? 19.478  4.061   3.696   1.00 15.29  ? 179 TYR B CA  1 
ATOM   1475 C C   . TYR A 1 173 ? 20.385  4.569   2.577   1.00 18.25  ? 179 TYR B C   1 
ATOM   1476 O O   . TYR A 1 173 ? 21.568  4.963   2.897   1.00 19.87  ? 179 TYR B O   1 
ATOM   1477 C CB  . TYR A 1 173 ? 19.775  2.589   3.980   1.00 15.95  ? 179 TYR B CB  1 
ATOM   1478 C CG  . TYR A 1 173 ? 19.080  1.986   5.179   1.00 18.50  ? 179 TYR B CG  1 
ATOM   1479 C CD1 . TYR A 1 173 ? 19.463  2.285   6.471   1.00 23.94  ? 179 TYR B CD1 1 
ATOM   1480 C CD2 . TYR A 1 173 ? 18.083  1.058   4.978   1.00 20.93  ? 179 TYR B CD2 1 
ATOM   1481 C CE1 . TYR A 1 173 ? 18.786  1.751   7.563   1.00 25.12  ? 179 TYR B CE1 1 
ATOM   1482 C CE2 . TYR A 1 173 ? 17.403  0.511   6.061   1.00 22.65  ? 179 TYR B CE2 1 
ATOM   1483 C CZ  . TYR A 1 173 ? 17.760  0.852   7.343   1.00 25.26  ? 179 TYR B CZ  1 
ATOM   1484 O OH  . TYR A 1 173 ? 17.073  0.204   8.349   1.00 31.10  ? 179 TYR B OH  1 
ATOM   1485 N N   . SER A 1 174 ? 19.973  4.455   1.321   1.00 17.87  ? 180 SER B N   1 
ATOM   1486 C CA  . SER A 1 174 ? 20.800  4.751   0.109   1.00 18.27  ? 180 SER B CA  1 
ATOM   1487 C C   . SER A 1 174 ? 20.842  6.249   -0.196  1.00 18.06  ? 180 SER B C   1 
ATOM   1488 O O   . SER A 1 174 ? 21.701  6.666   -1.036  1.00 18.93  ? 180 SER B O   1 
ATOM   1489 C CB  . SER A 1 174 ? 20.238  4.025   -1.097  1.00 18.58  ? 180 SER B CB  1 
ATOM   1490 O OG  . SER A 1 174 ? 18.881  4.496   -1.375  1.00 19.64  ? 180 SER B OG  1 
ATOM   1491 N N   . GLY A 1 175 ? 19.908  7.037   0.316   1.00 16.34  ? 181 GLY B N   1 
ATOM   1492 C CA  . GLY A 1 175 ? 19.732  8.415   -0.148  1.00 17.32  ? 181 GLY B CA  1 
ATOM   1493 C C   . GLY A 1 175 ? 18.982  8.509   -1.452  1.00 17.97  ? 181 GLY B C   1 
ATOM   1494 O O   . GLY A 1 175 ? 18.784  9.646   -1.890  1.00 23.06  ? 181 GLY B O   1 
ATOM   1495 N N   . GLY A 1 176 ? 18.614  7.385   -2.093  1.00 16.81  ? 182 GLY B N   1 
ATOM   1496 C CA  . GLY A 1 176 ? 17.891  7.385   -3.361  1.00 16.80  ? 182 GLY B CA  1 
ATOM   1497 C C   . GLY A 1 176 ? 16.407  7.049   -3.231  1.00 17.02  ? 182 GLY B C   1 
ATOM   1498 O O   . GLY A 1 176 ? 15.779  6.972   -4.295  1.00 20.25  ? 182 GLY B O   1 
ATOM   1499 N N   . ASN A 1 177 ? 15.860  6.961   -2.018  1.00 14.75  ? 183 ASN B N   1 
ATOM   1500 C CA  . ASN A 1 177 ? 14.419  6.621   -1.878  1.00 14.65  ? 183 ASN B CA  1 
ATOM   1501 C C   . ASN A 1 177 ? 13.643  7.649   -1.049  1.00 15.53  ? 183 ASN B C   1 
ATOM   1502 O O   . ASN A 1 177 ? 12.645  7.286   -0.454  1.00 17.10  ? 183 ASN B O   1 
ATOM   1503 C CB  . ASN A 1 177 ? 14.297  5.255   -1.241  1.00 13.68  ? 183 ASN B CB  1 
ATOM   1504 C CG  . ASN A 1 177 ? 12.918  4.652   -1.454  1.00 13.60  ? 183 ASN B CG  1 
ATOM   1505 O OD1 . ASN A 1 177 ? 12.331  4.777   -2.520  1.00 15.11  ? 183 ASN B OD1 1 
ATOM   1506 N ND2 . ASN A 1 177 ? 12.471  3.927   -0.442  1.00 14.54  ? 183 ASN B ND2 1 
ATOM   1507 N N   . ALA A 1 178 ? 14.010  8.932   -1.120  1.00 15.35  ? 184 ALA B N   1 
ATOM   1508 C CA  . ALA A 1 178 ? 13.317  9.964   -0.333  1.00 16.78  ? 184 ALA B CA  1 
ATOM   1509 C C   . ALA A 1 178 ? 11.973  10.339  -0.937  1.00 15.28  ? 184 ALA B C   1 
ATOM   1510 O O   . ALA A 1 178 ? 11.173  10.890  -0.185  1.00 17.79  ? 184 ALA B O   1 
ATOM   1511 C CB  . ALA A 1 178 ? 14.191  11.196  -0.179  1.00 17.98  ? 184 ALA B CB  1 
ATOM   1512 N N   . ALA A 1 179 ? 11.724  10.051  -2.208  1.00 15.69  ? 185 ALA B N   1 
ATOM   1513 C CA  . ALA A 1 179 ? 10.503  10.551  -2.871  1.00 15.73  ? 185 ALA B CA  1 
ATOM   1514 C C   . ALA A 1 179 ? 9.243   10.034  -2.168  1.00 15.60  ? 185 ALA B C   1 
ATOM   1515 O O   . ALA A 1 179 ? 9.211   8.931   -1.624  1.00 14.80  ? 185 ALA B O   1 
ATOM   1516 C CB  . ALA A 1 179 ? 10.483  10.190  -4.307  1.00 16.17  ? 185 ALA B CB  1 
ATOM   1517 N N   . PRO A 1 180 ? 8.139   10.812  -2.187  1.00 15.40  ? 186 PRO B N   1 
ATOM   1518 C CA  . PRO A 1 180 ? 6.876   10.397  -1.591  1.00 15.38  ? 186 PRO B CA  1 
ATOM   1519 C C   . PRO A 1 180 ? 6.101   9.327   -2.408  1.00 14.37  ? 186 PRO B C   1 
ATOM   1520 O O   . PRO A 1 180 ? 6.360   9.121   -3.605  1.00 15.90  ? 186 PRO B O   1 
ATOM   1521 C CB  . PRO A 1 180 ? 6.078   11.713  -1.578  1.00 16.70  ? 186 PRO B CB  1 
ATOM   1522 C CG  . PRO A 1 180 ? 6.550   12.450  -2.766  1.00 17.10  ? 186 PRO B CG  1 
ATOM   1523 C CD  . PRO A 1 180 ? 8.042   12.140  -2.811  1.00 17.61  ? 186 PRO B CD  1 
ATOM   1524 N N   . LEU A 1 181 ? 5.197   8.632   -1.727  1.00 14.80  ? 187 LEU B N   1 
ATOM   1525 C CA  . LEU A 1 181 ? 4.024   7.996   -2.369  1.00 14.53  ? 187 LEU B CA  1 
ATOM   1526 C C   . LEU A 1 181 ? 2.935   9.069   -2.480  1.00 15.29  ? 187 LEU B C   1 
ATOM   1527 O O   . LEU A 1 181 ? 2.703   9.776   -1.453  1.00 16.10  ? 187 LEU B O   1 
ATOM   1528 C CB  . LEU A 1 181 ? 3.585   6.798   -1.529  1.00 14.78  ? 187 LEU B CB  1 
ATOM   1529 C CG  . LEU A 1 181 ? 4.517   5.572   -1.475  1.00 14.81  ? 187 LEU B CG  1 
ATOM   1530 C CD1 . LEU A 1 181 ? 3.981   4.466   -0.569  1.00 16.63  ? 187 LEU B CD1 1 
ATOM   1531 C CD2 . LEU A 1 181 ? 4.736   4.980   -2.835  1.00 16.87  ? 187 LEU B CD2 1 
ATOM   1532 N N   . LYS A 1 182 ? 2.204   9.130   -3.600  1.00 15.07  ? 188 LYS B N   1 
ATOM   1533 C CA  . LYS A 1 182 ? 1.150   10.156  -3.771  1.00 15.87  ? 188 LYS B CA  1 
ATOM   1534 C C   . LYS A 1 182 ? -0.109  9.476   -4.256  1.00 15.27  ? 188 LYS B C   1 
ATOM   1535 O O   . LYS A 1 182 ? -0.048  8.747   -5.272  1.00 16.96  ? 188 LYS B O   1 
ATOM   1536 C CB  . LYS A 1 182 ? 1.563   11.238  -4.782  1.00 17.27  ? 188 LYS B CB  1 
ATOM   1537 C CG  . LYS A 1 182 ? 2.897   11.900  -4.543  1.00 20.07  ? 188 LYS B CG  1 
ATOM   1538 C CD  . LYS A 1 182 ? 3.048   13.116  -5.440  1.00 25.67  ? 188 LYS B CD  1 
ATOM   1539 C CE  . LYS A 1 182 ? 4.411   13.737  -5.415  1.00 31.30  ? 188 LYS B CE  1 
ATOM   1540 N NZ  . LYS A 1 182 ? 4.520   14.806  -6.438  1.00 34.99  ? 188 LYS B NZ  1 
ATOM   1541 N N   . LEU A 1 183 ? -1.218  9.737   -3.613  1.00 15.66  ? 189 LEU B N   1 
ATOM   1542 C CA  . LEU A 1 183 ? -2.535  9.311   -4.148  1.00 16.90  ? 189 LEU B CA  1 
ATOM   1543 C C   . LEU A 1 183 ? -2.892  10.209  -5.338  1.00 18.45  ? 189 LEU B C   1 
ATOM   1544 O O   . LEU A 1 183 ? -2.892  11.450  -5.183  1.00 22.99  ? 189 LEU B O   1 
ATOM   1545 C CB  . LEU A 1 183 ? -3.551  9.360   -3.014  1.00 17.71  ? 189 LEU B CB  1 
ATOM   1546 C CG  . LEU A 1 183 ? -3.407  8.154   -2.081  1.00 18.17  ? 189 LEU B CG  1 
ATOM   1547 C CD1 . LEU A 1 183 ? -3.878  8.406   -0.674  1.00 23.25  ? 189 LEU B CD1 1 
ATOM   1548 C CD2 . LEU A 1 183 ? -4.047  6.899   -2.655  1.00 16.57  ? 189 LEU B CD2 1 
ATOM   1549 N N   . CYS A 1 184 ? -3.221  9.608   -6.468  1.00 19.99  ? 190 CYS B N   1 
ATOM   1550 C CA  . CYS A 1 184 ? -3.456  10.327  -7.754  1.00 21.83  ? 190 CYS B CA  1 
ATOM   1551 C C   . CYS A 1 184 ? -4.896  10.760  -7.850  1.00 24.76  ? 190 CYS B C   1 
ATOM   1552 O O   . CYS A 1 184 ? -5.787  10.045  -7.437  1.00 23.31  ? 190 CYS B O   1 
ATOM   1553 C CB  . CYS A 1 184 ? -3.271  9.392   -8.925  1.00 24.00  ? 190 CYS B CB  1 
ATOM   1554 S SG  . CYS A 1 184 ? -1.615  8.698   -8.978  1.00 28.29  ? 190 CYS B SG  1 
ATOM   1555 N N   . PRO A 1 185 ? -5.147  11.929  -8.453  1.00 28.50  ? 191 PRO B N   1 
ATOM   1556 C CA  . PRO A 1 185 ? -6.502  12.362  -8.742  1.00 31.99  ? 191 PRO B CA  1 
ATOM   1557 C C   . PRO A 1 185 ? -7.241  11.365  -9.638  1.00 33.01  ? 191 PRO B C   1 
ATOM   1558 O O   . PRO A 1 185 ? -6.613  10.763  -10.528 1.00 33.44  ? 191 PRO B O   1 
ATOM   1559 C CB  . PRO A 1 185 ? -6.276  13.717  -9.447  1.00 31.27  ? 191 PRO B CB  1 
ATOM   1560 C CG  . PRO A 1 185 ? -4.862  13.693  -9.954  1.00 33.88  ? 191 PRO B CG  1 
ATOM   1561 C CD  . PRO A 1 185 ? -4.126  12.884  -8.918  1.00 31.27  ? 191 PRO B CD  1 
ATOM   1562 N N   . LEU A 1 186 ? -8.527  11.212  -9.315  1.00 39.99  ? 192 LEU B N   1 
ATOM   1563 C CA  . LEU A 1 186 ? -9.629  10.586  -10.088 1.00 44.84  ? 192 LEU B CA  1 
ATOM   1564 C C   . LEU A 1 186 ? -9.951  11.425  -11.323 1.00 44.51  ? 192 LEU B C   1 
ATOM   1565 O O   . LEU A 1 186 ? -10.277 10.768  -12.317 1.00 46.12  ? 192 LEU B O   1 
ATOM   1566 C CB  . LEU A 1 186 ? -10.867 10.510  -9.184  1.00 49.12  ? 192 LEU B CB  1 
HETATM 1567 C C1  . EDO B 2 .   ? 16.852  5.080   6.795   1.00 30.20  ? 201 EDO B C1  1 
HETATM 1568 O O1  . EDO B 2 .   ? 15.595  5.502   6.269   1.00 24.74  ? 201 EDO B O1  1 
HETATM 1569 C C2  . EDO B 2 .   ? 16.877  4.716   8.235   1.00 37.82  ? 201 EDO B C2  1 
HETATM 1570 O O2  . EDO B 2 .   ? 16.536  5.803   9.080   1.00 39.96  ? 201 EDO B O2  1 
HETATM 1571 N N1  . UWS C 3 .   ? 12.756  4.121   11.421  0.96 58.20  ? 202 UWS B N1  1 
HETATM 1572 C C4  . UWS C 3 .   ? 14.978  4.697   12.060  0.96 65.70  ? 202 UWS B C4  1 
HETATM 1573 C C5  . UWS C 3 .   ? 11.560  3.666   11.644  0.96 57.26  ? 202 UWS B C5  1 
HETATM 1574 C C6  . UWS C 3 .   ? 10.631  3.632   10.469  0.96 56.67  ? 202 UWS B C6  1 
HETATM 1575 C C7  . UWS C 3 .   ? 11.168  3.230   12.897  0.96 57.20  ? 202 UWS B C7  1 
HETATM 1576 C C8  . UWS C 3 .   ? 12.066  3.278   13.943  0.96 60.39  ? 202 UWS B C8  1 
HETATM 1577 N N   . UWS C 3 .   ? 13.654  4.181   12.432  0.96 61.85  ? 202 UWS B N   1 
HETATM 1578 C C   . UWS C 3 .   ? 18.380  1.067   13.208  0.96 77.52  ? 202 UWS B C   1 
HETATM 1579 O O   . UWS C 3 .   ? 14.255  3.853   14.611  0.96 64.69  ? 202 UWS B O   1 
HETATM 1580 C C1  . UWS C 3 .   ? 17.406  1.989   12.543  0.96 76.90  ? 202 UWS B C1  1 
HETATM 1581 C C2  . UWS C 3 .   ? 16.685  3.062   13.123  0.96 74.25  ? 202 UWS B C2  1 
HETATM 1582 C C3  . UWS C 3 .   ? 15.955  3.583   12.126  0.96 70.45  ? 202 UWS B C3  1 
HETATM 1583 C C9  . UWS C 3 .   ? 13.383  3.770   13.729  0.96 64.29  ? 202 UWS B C9  1 
HETATM 1584 N N2  . UWS C 3 .   ? 17.125  1.863   11.281  0.96 79.71  ? 202 UWS B N2  1 
HETATM 1585 O O1  . UWS C 3 .   ? 16.178  2.882   10.993  0.96 75.60  ? 202 UWS B O1  1 
HETATM 1586 C C1  . EDO D 2 .   ? 13.673  -6.732  19.585  1.00 61.97  ? 203 EDO B C1  1 
HETATM 1587 O O1  . EDO D 2 .   ? 12.847  -5.743  18.994  1.00 55.43  ? 203 EDO B O1  1 
HETATM 1588 C C2  . EDO D 2 .   ? 14.791  -7.145  18.712  1.00 57.12  ? 203 EDO B C2  1 
HETATM 1589 O O2  . EDO D 2 .   ? 15.703  -6.097  18.512  1.00 59.01  ? 203 EDO B O2  1 
HETATM 1590 S S   . SO4 E 4 .   ? 6.111   -13.751 10.382  1.00 43.65  ? 204 SO4 B S   1 
HETATM 1591 O O1  . SO4 E 4 .   ? 5.325   -12.558 10.567  1.00 28.66  ? 204 SO4 B O1  1 
HETATM 1592 O O2  . SO4 E 4 .   ? 6.458   -14.293 11.665  1.00 50.10  ? 204 SO4 B O2  1 
HETATM 1593 O O3  . SO4 E 4 .   ? 5.331   -14.715 9.633   1.00 49.90  ? 204 SO4 B O3  1 
HETATM 1594 O O4  . SO4 E 4 .   ? 7.325   -13.468 9.646   1.00 46.97  ? 204 SO4 B O4  1 
HETATM 1595 O O   . HOH F 5 .   ? 2.798   6.560   -15.678 1.00 32.68  ? 301 HOH B O   1 
HETATM 1596 O O   . HOH F 5 .   ? 13.754  14.508  15.543  1.00 30.47  ? 302 HOH B O   1 
HETATM 1597 O O   . HOH F 5 .   ? 18.211  10.260  9.011   1.00 36.44  ? 303 HOH B O   1 
HETATM 1598 O O   . HOH F 5 .   ? -19.550 -7.905  2.297   1.00 17.59  ? 304 HOH B O   1 
HETATM 1599 O O   . HOH F 5 .   ? -18.480 1.046   -6.986  1.00 50.00  ? 305 HOH B O   1 
HETATM 1600 O O   . HOH F 5 .   ? -6.131  4.906   -15.020 1.00 39.70  ? 306 HOH B O   1 
HETATM 1601 O O   . HOH F 5 .   ? 22.329  5.399   5.296   1.00 41.76  ? 307 HOH B O   1 
HETATM 1602 O O   . HOH F 5 .   ? 4.106   9.514   -14.672 1.00 36.25  ? 308 HOH B O   1 
HETATM 1603 O O   . HOH F 5 .   ? 11.695  12.068  2.179   1.00 22.90  ? 309 HOH B O   1 
HETATM 1604 O O   . HOH F 5 .   ? -5.969  -10.321 11.890  1.00 31.08  ? 310 HOH B O   1 
HETATM 1605 O O   . HOH F 5 .   ? 1.274   -6.913  11.025  1.00 32.26  ? 311 HOH B O   1 
HETATM 1606 O O   . HOH F 5 .   ? 5.540   -12.635 2.173   1.00 29.14  ? 312 HOH B O   1 
HETATM 1607 O O   . HOH F 5 .   ? -3.755  17.144  7.305   1.00 43.62  ? 313 HOH B O   1 
HETATM 1608 O O   . HOH F 5 .   ? 1.100   -10.698 12.345  1.00 38.28  ? 314 HOH B O   1 
HETATM 1609 O O   . HOH F 5 .   ? 2.261   13.668  9.403   1.00 20.64  ? 315 HOH B O   1 
HETATM 1610 O O   . HOH F 5 .   ? 9.609   -17.571 -4.006  1.00 37.37  ? 316 HOH B O   1 
HETATM 1611 O O   . HOH F 5 .   ? -0.996  -2.092  18.923  1.00 31.25  ? 317 HOH B O   1 
HETATM 1612 O O   . HOH F 5 .   ? -5.692  2.002   13.480  1.00 31.01  ? 318 HOH B O   1 
HETATM 1613 O O   . HOH F 5 .   ? 13.669  13.457  -5.070  1.00 34.73  ? 319 HOH B O   1 
HETATM 1614 O O   . HOH F 5 .   ? -20.505 -4.556  5.319   1.00 34.37  ? 320 HOH B O   1 
HETATM 1615 O O   . HOH F 5 .   ? 13.441  -3.318  -12.173 1.00 45.57  ? 321 HOH B O   1 
HETATM 1616 O O   . HOH F 5 .   ? 8.130   1.179   -9.937  1.00 18.14  ? 322 HOH B O   1 
HETATM 1617 O O   . HOH F 5 .   ? 17.426  -8.987  -3.960  1.00 27.36  ? 323 HOH B O   1 
HETATM 1618 O O   . HOH F 5 .   ? -4.071  -4.118  15.310  1.00 42.18  ? 324 HOH B O   1 
HETATM 1619 O O   . HOH F 5 .   ? -14.161 -8.554  -9.606  1.00 35.17  ? 325 HOH B O   1 
HETATM 1620 O O   . HOH F 5 .   ? -16.549 -6.277  8.224   1.00 19.78  ? 326 HOH B O   1 
HETATM 1621 O O   . HOH F 5 .   ? 16.439  7.470   -6.835  1.00 41.36  ? 327 HOH B O   1 
HETATM 1622 O O   . HOH F 5 .   ? 3.906   17.617  18.876  1.00 36.03  ? 328 HOH B O   1 
HETATM 1623 O O   . HOH F 5 .   ? -7.152  -18.307 0.184   1.00 44.82  ? 329 HOH B O   1 
HETATM 1624 O O   . HOH F 5 .   ? 18.247  5.276   -7.661  1.00 34.58  ? 330 HOH B O   1 
HETATM 1625 O O   . HOH F 5 .   ? -3.237  3.770   -18.281 1.00 35.64  ? 331 HOH B O   1 
HETATM 1626 O O   . HOH F 5 .   ? -1.551  16.006  -3.254  1.00 30.99  ? 332 HOH B O   1 
HETATM 1627 O O   . HOH F 5 .   ? -7.239  -10.897 -12.823 1.00 22.52  ? 333 HOH B O   1 
HETATM 1628 O O   . HOH F 5 .   ? -7.660  15.511  0.503   1.00 34.95  ? 334 HOH B O   1 
HETATM 1629 O O   . HOH F 5 .   ? -18.521 -6.713  -4.963  1.00 38.16  ? 335 HOH B O   1 
HETATM 1630 O O   . HOH F 5 .   ? 14.850  -0.824  -6.705  1.00 19.89  ? 336 HOH B O   1 
HETATM 1631 O O   . HOH F 5 .   ? 6.393   9.980   -13.479 1.00 37.86  ? 337 HOH B O   1 
HETATM 1632 O O   . HOH F 5 .   ? 0.793   -9.498  0.886   1.00 16.10  ? 338 HOH B O   1 
HETATM 1633 O O   . HOH F 5 .   ? -9.479  -8.092  -10.962 1.00 27.58  ? 339 HOH B O   1 
HETATM 1634 O O   . HOH F 5 .   ? 11.758  6.544   2.002   1.00 18.97  ? 340 HOH B O   1 
HETATM 1635 O O   . HOH F 5 .   ? -18.100 -9.605  -7.833  1.00 36.68  ? 341 HOH B O   1 
HETATM 1636 O O   . HOH F 5 .   ? -5.481  -14.873 4.571   1.00 26.64  ? 342 HOH B O   1 
HETATM 1637 O O   . HOH F 5 .   ? -8.063  8.070   -4.325  1.00 24.85  ? 343 HOH B O   1 
HETATM 1638 O O   . HOH F 5 .   ? 16.422  -8.272  -6.662  1.00 29.56  ? 344 HOH B O   1 
HETATM 1639 O O   . HOH F 5 .   ? 6.691   8.806   19.453  1.00 31.68  ? 345 HOH B O   1 
HETATM 1640 O O   . HOH F 5 .   ? 14.809  10.259  4.028   1.00 33.04  ? 346 HOH B O   1 
HETATM 1641 O O   . HOH F 5 .   ? -11.858 -15.171 -5.629  1.00 25.72  ? 347 HOH B O   1 
HETATM 1642 O O   . HOH F 5 .   ? 22.219  6.017   -3.638  1.00 38.02  ? 348 HOH B O   1 
HETATM 1643 O O   . HOH F 5 .   ? 5.396   3.042   17.595  1.00 37.26  ? 349 HOH B O   1 
HETATM 1644 O O   . HOH F 5 .   ? 12.777  -2.567  11.029  1.00 33.59  ? 350 HOH B O   1 
HETATM 1645 O O   . HOH F 5 .   ? -6.680  -15.975 6.547   1.00 43.29  ? 351 HOH B O   1 
HETATM 1646 O O   . HOH F 5 .   ? -5.965  -4.792  -17.889 1.00 55.97  ? 352 HOH B O   1 
HETATM 1647 O O   . HOH F 5 .   ? 7.063   9.998   -6.144  1.00 34.77  ? 353 HOH B O   1 
HETATM 1648 O O   . HOH F 5 .   ? -2.056  -15.337 -4.474  1.00 21.20  ? 354 HOH B O   1 
HETATM 1649 O O   . HOH F 5 .   ? -10.354 -8.003  11.219  1.00 24.85  ? 355 HOH B O   1 
HETATM 1650 O O   . HOH F 5 .   ? 3.584   -15.223 6.792   1.00 34.96  ? 356 HOH B O   1 
HETATM 1651 O O   . HOH F 5 .   ? -6.007  7.586   -6.190  1.00 20.50  ? 357 HOH B O   1 
HETATM 1652 O O   . HOH F 5 .   ? -1.071  -9.214  11.488  1.00 21.43  ? 358 HOH B O   1 
HETATM 1653 O O   . HOH F 5 .   ? 2.588   -4.464  -16.413 1.00 23.56  ? 359 HOH B O   1 
HETATM 1654 O O   . HOH F 5 .   ? -1.341  13.652  -4.524  1.00 35.70  ? 360 HOH B O   1 
HETATM 1655 O O   . HOH F 5 .   ? 3.465   -9.584  -13.293 1.00 20.08  ? 361 HOH B O   1 
HETATM 1656 O O   . HOH F 5 .   ? 15.314  8.183   6.955   1.00 32.59  ? 362 HOH B O   1 
HETATM 1657 O O   . HOH F 5 .   ? -15.984 -1.505  7.632   1.00 28.22  ? 363 HOH B O   1 
HETATM 1658 O O   . HOH F 5 .   ? -9.205  -18.485 -7.819  1.00 32.32  ? 364 HOH B O   1 
HETATM 1659 O O   . HOH F 5 .   ? 5.997   -2.689  13.248  1.00 15.43  ? 365 HOH B O   1 
HETATM 1660 O O   . HOH F 5 .   ? 4.263   10.469  11.633  1.00 26.92  ? 366 HOH B O   1 
HETATM 1661 O O   . HOH F 5 .   ? -17.594 -3.557  9.012   1.00 39.73  ? 367 HOH B O   1 
HETATM 1662 O O   . HOH F 5 .   ? -15.086 -11.162 5.527   1.00 20.39  ? 368 HOH B O   1 
HETATM 1663 O O   . HOH F 5 .   ? -0.534  9.872   18.871  1.00 27.90  ? 369 HOH B O   1 
HETATM 1664 O O   . HOH F 5 .   ? 9.794   8.477   1.403   1.00 16.60  ? 370 HOH B O   1 
HETATM 1665 O O   . HOH F 5 .   ? -0.388  3.844   -21.079 1.00 41.08  ? 371 HOH B O   1 
HETATM 1666 O O   . HOH F 5 .   ? 10.998  -10.259 -9.295  1.00 43.92  ? 372 HOH B O   1 
HETATM 1667 O O   . HOH F 5 .   ? -3.647  -7.845  15.965  1.00 46.03  ? 373 HOH B O   1 
HETATM 1668 O O   . HOH F 5 .   ? 20.947  -2.689  -11.462 1.00 53.60  ? 374 HOH B O   1 
HETATM 1669 O O   . HOH F 5 .   ? 3.199   4.513   24.081  1.00 37.21  ? 375 HOH B O   1 
HETATM 1670 O O   . HOH F 5 .   ? -0.342  -7.949  -18.211 1.00 21.92  ? 376 HOH B O   1 
HETATM 1671 O O   . HOH F 5 .   ? -13.394 -13.112 4.649   1.00 18.62  ? 377 HOH B O   1 
HETATM 1672 O O   . HOH F 5 .   ? -2.683  1.159   -1.213  1.00 16.33  ? 378 HOH B O   1 
HETATM 1673 O O   . HOH F 5 .   ? 12.344  6.660   16.542  1.00 29.80  ? 379 HOH B O   1 
HETATM 1674 O O   . HOH F 5 .   ? 9.785   -8.417  16.595  1.00 35.70  ? 380 HOH B O   1 
HETATM 1675 O O   . HOH F 5 .   ? -20.103 -3.220  7.663   1.00 33.16  ? 381 HOH B O   1 
HETATM 1676 O O   . HOH F 5 .   ? -6.276  -14.579 1.856   1.00 17.98  ? 382 HOH B O   1 
HETATM 1677 O O   . HOH F 5 .   ? 18.208  0.728   -3.638  1.00 33.96  ? 383 HOH B O   1 
HETATM 1678 O O   . HOH F 5 .   ? 9.132   2.980   -8.080  1.00 16.89  ? 384 HOH B O   1 
HETATM 1679 O O   . HOH F 5 .   ? 8.346   -4.984  3.503   1.00 42.59  ? 385 HOH B O   1 
HETATM 1680 O O   . HOH F 5 .   ? 16.109  10.202  -2.825  1.00 21.59  ? 386 HOH B O   1 
HETATM 1681 O O   . HOH F 5 .   ? 13.481  8.763   -4.311  1.00 20.17  ? 387 HOH B O   1 
HETATM 1682 O O   . HOH F 5 .   ? -17.990 -1.024  3.362   1.00 34.00  ? 388 HOH B O   1 
HETATM 1683 O O   . HOH F 5 .   ? 4.442   14.517  2.605   1.00 27.59  ? 389 HOH B O   1 
HETATM 1684 O O   . HOH F 5 .   ? 15.785  -1.320  -3.044  1.00 24.70  ? 390 HOH B O   1 
HETATM 1685 O O   . HOH F 5 .   ? 2.777   -7.179  -15.461 1.00 20.34  ? 391 HOH B O   1 
HETATM 1686 O O   . HOH F 5 .   ? 5.808   6.813   18.111  1.00 33.45  ? 392 HOH B O   1 
HETATM 1687 O O   . HOH F 5 .   ? -1.180  19.219  1.065   1.00 36.83  ? 393 HOH B O   1 
HETATM 1688 O O   . HOH F 5 .   ? 3.495   1.337   -22.471 1.00 49.82  ? 394 HOH B O   1 
HETATM 1689 O O   . HOH F 5 .   ? -0.032  11.903  14.178  1.00 30.89  ? 395 HOH B O   1 
HETATM 1690 O O   . HOH F 5 .   ? 10.459  -8.147  -11.256 1.00 27.58  ? 396 HOH B O   1 
HETATM 1691 O O   . HOH F 5 .   ? -7.910  10.558  8.902   1.00 44.18  ? 397 HOH B O   1 
HETATM 1692 O O   . HOH F 5 .   ? -19.264 -1.179  -5.120  1.00 32.15  ? 398 HOH B O   1 
HETATM 1693 O O   . HOH F 5 .   ? 1.407   14.155  18.744  1.00 45.23  ? 399 HOH B O   1 
HETATM 1694 O O   . HOH F 5 .   ? -4.427  -16.011 -5.654  1.00 22.93  ? 400 HOH B O   1 
HETATM 1695 O O   . HOH F 5 .   ? -3.376  -7.114  -18.924 1.00 30.65  ? 401 HOH B O   1 
HETATM 1696 O O   . HOH F 5 .   ? -14.935 8.153   -2.507  1.00 43.94  ? 402 HOH B O   1 
HETATM 1697 O O   . HOH F 5 .   ? 12.372  -4.691  12.489  1.00 37.55  ? 403 HOH B O   1 
HETATM 1698 O O   . HOH F 5 .   ? 10.289  17.630  12.007  1.00 45.26  ? 404 HOH B O   1 
HETATM 1699 O O   . HOH F 5 .   ? -14.574 4.528   5.927   1.00 31.79  ? 405 HOH B O   1 
HETATM 1700 O O   . HOH F 5 .   ? 18.083  11.374  0.939   1.00 25.73  ? 406 HOH B O   1 
HETATM 1701 O O   . HOH F 5 .   ? 17.282  13.571  2.408   1.00 32.01  ? 407 HOH B O   1 
HETATM 1702 O O   . HOH F 5 .   ? 4.462   -3.861  -18.391 1.00 27.67  ? 408 HOH B O   1 
HETATM 1703 O O   . HOH F 5 .   ? 10.146  -1.913  5.137   1.00 30.41  ? 409 HOH B O   1 
HETATM 1704 O O   . HOH F 5 .   ? 4.335   -7.194  -18.108 1.00 30.73  ? 410 HOH B O   1 
HETATM 1705 O O   . HOH F 5 .   ? -4.769  14.278  -5.078  1.00 46.56  ? 411 HOH B O   1 
HETATM 1706 O O   . HOH F 5 .   ? -20.664 -2.160  4.147   1.00 41.81  ? 412 HOH B O   1 
HETATM 1707 O O   . HOH F 5 .   ? 12.755  15.380  8.407   1.00 46.83  ? 413 HOH B O   1 
HETATM 1708 O O   . HOH F 5 .   ? 13.051  -0.363  2.215   1.00 21.24  ? 414 HOH B O   1 
HETATM 1709 O O   . HOH F 5 .   ? 6.131   4.809   15.390  1.00 21.63  ? 415 HOH B O   1 
HETATM 1710 O O   . HOH F 5 .   ? 12.586  -0.574  -11.273 1.00 38.12  ? 416 HOH B O   1 
HETATM 1711 O O   . HOH F 5 .   ? 14.282  -0.214  -9.446  1.00 40.21  ? 417 HOH B O   1 
HETATM 1712 O O   . HOH F 5 .   ? 5.311   14.644  0.232   1.00 29.61  ? 418 HOH B O   1 
HETATM 1713 O O   . HOH F 5 .   ? -4.017  -3.435  -20.840 1.00 49.29  ? 419 HOH B O   1 
HETATM 1714 O O   . HOH F 5 .   ? 1.750   20.090  3.106   1.00 39.72  ? 420 HOH B O   1 
HETATM 1715 O O   . HOH F 5 .   ? -5.164  2.610   -16.882 1.00 40.22  ? 421 HOH B O   1 
HETATM 1716 O O   . HOH F 5 .   ? 18.273  -4.919  16.770  1.00 49.06  ? 422 HOH B O   1 
HETATM 1717 O O   . HOH F 5 .   ? 15.341  10.397  15.639  0.50 25.89  ? 423 HOH B O   1 
HETATM 1718 O O   . HOH F 5 .   ? 14.064  4.273   -9.306  1.00 53.47  ? 424 HOH B O   1 
HETATM 1719 O O   . HOH F 5 .   ? -7.866  -1.692  19.173  1.00 56.09  ? 425 HOH B O   1 
HETATM 1720 O O   . HOH F 5 .   ? 16.235  11.275  -5.495  1.00 37.93  ? 426 HOH B O   1 
HETATM 1721 O O   . HOH F 5 .   ? -3.541  -10.238 12.695  1.00 36.91  ? 427 HOH B O   1 
HETATM 1722 O O   . HOH F 5 .   ? 13.304  -7.121  1.892   1.00 56.33  ? 428 HOH B O   1 
HETATM 1723 O O   . HOH F 5 .   ? -5.818  20.367  2.254   1.00 36.70  ? 429 HOH B O   1 
HETATM 1724 O O   . HOH F 5 .   ? -23.323 -7.444  -1.666  1.00 36.94  ? 430 HOH B O   1 
HETATM 1725 O O   . HOH F 5 .   ? 14.550  13.689  2.335   1.00 39.57  ? 431 HOH B O   1 
HETATM 1726 O O   . HOH F 5 .   ? -5.199  -16.428 0.230   1.00 37.88  ? 432 HOH B O   1 
HETATM 1727 O O   . HOH F 5 .   ? -0.418  14.070  -7.091  1.00 42.57  ? 433 HOH B O   1 
HETATM 1728 O O   . HOH F 5 .   ? -0.033  -2.054  21.044  1.00 42.99  ? 434 HOH B O   1 
HETATM 1729 O O   . HOH F 5 .   ? 1.471   16.638  19.027  1.00 41.22  ? 435 HOH B O   1 
HETATM 1730 O O   . HOH F 5 .   ? -9.883  -11.079 -11.558 1.00 34.12  ? 436 HOH B O   1 
HETATM 1731 O O   . HOH F 5 .   ? -11.961 -14.678 -8.662  1.00 47.74  ? 437 HOH B O   1 
HETATM 1732 O O   . HOH F 5 .   ? -1.038  -17.492 -2.943  1.00 30.74  ? 438 HOH B O   1 
HETATM 1733 O O   . HOH F 5 .   ? -6.751  -19.003 2.714   1.00 33.74  ? 439 HOH B O   1 
HETATM 1734 O O   . HOH F 5 .   ? 11.853  -3.819  6.178   1.00 35.69  ? 440 HOH B O   1 
# 
